data_7F3W
#
_entry.id   7F3W
#
_cell.length_a   426.822
_cell.length_b   63.896
_cell.length_c   95.958
_cell.angle_alpha   90.000
_cell.angle_beta   90.000
_cell.angle_gamma   90.000
#
_symmetry.space_group_name_H-M   'P 21 21 2'
#
loop_
_entity.id
_entity.type
_entity.pdbx_description
1 polymer 'cytochrome P450'
2 non-polymer 'PROTOPORPHYRIN IX CONTAINING FE'
3 non-polymer 'SULFATE ION'
#
_entity_poly.entity_id   1
_entity_poly.type   'polypeptide(L)'
_entity_poly.pdbx_seq_one_letter_code
;MTRILAPIPSPPKHPQYGHLHYLAGDAPVLNFFQLARQIPEGLFQLDIQGRTLIQAYDPNLVAELTDERRFQKRVHPAYT
NIRNLGGDGLFTSDSFEPNWGKAHRILLPAFSQRAMKGYFGQMLEVAQALVGKWERTQGQDVRVADDMTRLTLDTISLSG
FDYRFRSFDKDELHPFLQALARAMHHTMTMFSRPPVLTPEMEEADRAYWADIASMNELVDEVIRERRGHGGGGGDLLGLM
LNATDPETGERLSDENIRYQVMTFLIAGHETTSGLLAFTLYLLLRHPHVLAQAYAEVDRLLPGDAVPTYDTVMRLDVIPR
ILDEALRFWSTIPNYAVTALQDEVIGGKYEIRKGQQLALLIPALHRHPAAWTNPDEFDIDRWTSENRRTHHPAAYKPFGN
GMRACIGRQFALTEAKLALLLILQKFALSDPYDYHLKVKQSLTIKPEDFALRVRERRPHERFSVPVPVVEEPQQDLSRVS
VAGTGVELTVAYG
;
_entity_poly.pdbx_strand_id   A,B,C,D
#
loop_
_chem_comp.id
_chem_comp.type
_chem_comp.name
_chem_comp.formula
HEM non-polymer 'PROTOPORPHYRIN IX CONTAINING FE' 'C34 H32 Fe N4 O4'
SO4 non-polymer 'SULFATE ION' 'O4 S -2'
#
# COMPACT_ATOMS: atom_id res chain seq x y z
N ARG A 3 -43.70 25.56 6.23
CA ARG A 3 -44.95 25.88 5.53
C ARG A 3 -45.95 26.51 6.50
N ILE A 4 -46.32 25.78 7.55
CA ILE A 4 -47.15 26.33 8.62
C ILE A 4 -46.51 25.90 9.93
N LEU A 5 -45.46 25.06 9.84
CA LEU A 5 -44.80 24.63 11.07
C LEU A 5 -43.30 24.94 10.99
N ALA A 6 -42.49 24.27 11.82
CA ALA A 6 -41.06 24.48 12.03
C ALA A 6 -40.25 23.86 10.89
N PRO A 7 -39.12 24.47 10.42
CA PRO A 7 -38.27 23.81 9.42
C PRO A 7 -37.16 22.98 10.09
N ILE A 8 -36.76 21.87 9.46
CA ILE A 8 -35.64 21.04 10.01
C ILE A 8 -34.35 21.87 9.92
N PRO A 9 -33.51 21.94 10.97
CA PRO A 9 -32.30 22.77 10.95
C PRO A 9 -31.26 22.32 9.91
N SER A 10 -30.71 23.27 9.15
CA SER A 10 -29.64 22.94 8.17
C SER A 10 -28.43 23.85 8.41
N PRO A 11 -27.20 23.32 8.52
CA PRO A 11 -26.02 24.14 8.81
C PRO A 11 -25.26 24.59 7.56
N PRO A 12 -25.14 25.88 7.17
CA PRO A 12 -24.50 26.26 5.88
C PRO A 12 -23.01 26.60 5.93
N LYS A 13 -22.21 26.16 4.95
CA LYS A 13 -20.75 26.43 5.10
C LYS A 13 -20.01 26.88 3.84
N HIS A 14 -20.24 28.12 3.40
CA HIS A 14 -19.44 28.73 2.29
C HIS A 14 -19.90 28.27 0.92
N PRO A 15 -19.79 29.10 -0.12
CA PRO A 15 -20.09 28.68 -1.49
C PRO A 15 -19.04 27.60 -1.78
N GLN A 16 -17.81 27.81 -1.27
CA GLN A 16 -16.78 26.77 -1.44
C GLN A 16 -17.32 25.52 -0.75
N TYR A 17 -17.14 24.36 -1.37
CA TYR A 17 -17.74 23.12 -0.82
C TYR A 17 -19.25 23.31 -0.75
N GLY A 18 -19.84 23.06 0.42
CA GLY A 18 -21.29 23.12 0.59
C GLY A 18 -21.58 22.28 1.81
N HIS A 19 -22.50 21.33 1.73
CA HIS A 19 -22.65 20.37 2.86
C HIS A 19 -21.77 19.17 2.51
N LEU A 20 -21.19 19.15 1.32
CA LEU A 20 -20.43 17.98 0.82
C LEU A 20 -19.22 17.67 1.72
N HIS A 21 -18.66 18.66 2.40
CA HIS A 21 -17.46 18.42 3.23
C HIS A 21 -17.82 17.47 4.36
N TYR A 22 -19.08 17.46 4.79
CA TYR A 22 -19.52 16.60 5.90
C TYR A 22 -19.53 15.14 5.46
N LEU A 23 -19.39 14.91 4.15
CA LEU A 23 -19.38 13.53 3.62
C LEU A 23 -17.97 12.98 3.31
N ALA A 24 -16.93 13.81 3.21
CA ALA A 24 -15.59 13.29 2.97
C ALA A 24 -15.07 12.57 4.22
N GLY A 25 -13.98 11.81 4.03
CA GLY A 25 -13.29 11.18 5.12
C GLY A 25 -13.56 9.70 5.23
N ASP A 26 -12.87 9.08 6.18
CA ASP A 26 -13.04 7.65 6.37
C ASP A 26 -14.33 7.30 7.09
N ALA A 27 -14.94 8.23 7.82
CA ALA A 27 -16.10 7.91 8.66
C ALA A 27 -17.00 9.12 8.78
N PRO A 28 -17.74 9.43 7.70
CA PRO A 28 -18.71 10.53 7.78
C PRO A 28 -19.60 10.46 9.00
N VAL A 29 -20.06 9.28 9.42
CA VAL A 29 -20.97 9.24 10.55
C VAL A 29 -20.38 10.00 11.73
N LEU A 30 -19.04 10.04 11.83
CA LEU A 30 -18.41 10.77 12.94
C LEU A 30 -18.52 12.30 12.75
N ASN A 31 -18.43 12.80 11.51
CA ASN A 31 -18.76 14.20 11.23
C ASN A 31 -20.22 14.51 11.60
N PHE A 32 -21.15 13.61 11.29
CA PHE A 32 -22.54 13.82 11.68
C PHE A 32 -22.65 13.90 13.18
N PHE A 33 -21.89 13.04 13.89
CA PHE A 33 -21.89 13.04 15.35
C PHE A 33 -21.38 14.35 15.92
N GLN A 34 -20.34 14.93 15.29
CA GLN A 34 -19.87 16.24 15.73
C GLN A 34 -20.92 17.31 15.49
N LEU A 35 -21.69 17.23 14.40
CA LEU A 35 -22.76 18.22 14.24
C LEU A 35 -23.92 17.98 15.21
N ALA A 36 -24.17 16.74 15.63
CA ALA A 36 -25.32 16.49 16.51
C ALA A 36 -25.06 16.95 17.93
N ARG A 37 -23.79 17.13 18.31
CA ARG A 37 -23.47 17.63 19.63
C ARG A 37 -23.78 19.11 19.75
N GLN A 38 -23.81 19.84 18.63
CA GLN A 38 -24.02 21.27 18.62
C GLN A 38 -25.41 21.69 18.11
N ILE A 39 -26.34 20.75 17.98
CA ILE A 39 -27.72 21.03 17.59
C ILE A 39 -28.61 20.21 18.51
N PRO A 40 -29.01 20.73 19.67
CA PRO A 40 -29.79 19.93 20.63
C PRO A 40 -31.24 19.74 20.25
N GLU A 41 -31.68 20.35 19.14
CA GLU A 41 -33.06 20.21 18.69
C GLU A 41 -33.50 18.75 18.60
N GLY A 42 -32.59 17.84 18.28
CA GLY A 42 -32.94 16.45 18.10
C GLY A 42 -32.79 15.90 16.69
N LEU A 43 -32.54 16.75 15.69
CA LEU A 43 -32.36 16.27 14.33
C LEU A 43 -31.77 17.41 13.52
N PHE A 44 -31.23 17.09 12.35
CA PHE A 44 -30.71 18.09 11.42
C PHE A 44 -30.77 17.54 10.00
N GLN A 45 -30.48 18.41 9.03
CA GLN A 45 -30.56 17.98 7.61
C GLN A 45 -29.38 18.54 6.81
N LEU A 46 -28.89 17.80 5.82
CA LEU A 46 -27.80 18.31 4.95
C LEU A 46 -28.33 18.38 3.52
N ASP A 47 -28.20 19.56 2.89
CA ASP A 47 -28.66 19.73 1.49
C ASP A 47 -27.53 19.32 0.54
N ILE A 48 -27.29 18.01 0.41
CA ILE A 48 -26.26 17.51 -0.54
C ILE A 48 -26.82 17.67 -1.96
N GLN A 49 -25.96 17.69 -2.98
CA GLN A 49 -26.50 17.94 -4.34
C GLN A 49 -27.42 16.80 -4.76
N GLY A 50 -28.66 17.12 -5.15
CA GLY A 50 -29.60 16.10 -5.67
C GLY A 50 -30.33 15.31 -4.60
N ARG A 51 -30.06 15.54 -3.31
CA ARG A 51 -30.69 14.71 -2.24
C ARG A 51 -30.72 15.45 -0.91
N THR A 52 -31.61 15.05 0.01
CA THR A 52 -31.62 15.64 1.37
C THR A 52 -31.47 14.50 2.39
N LEU A 53 -30.52 14.62 3.32
CA LEU A 53 -30.29 13.56 4.33
C LEU A 53 -30.70 14.11 5.71
N ILE A 54 -31.59 13.40 6.41
CA ILE A 54 -32.08 13.90 7.73
C ILE A 54 -31.61 12.97 8.83
N GLN A 55 -30.78 13.47 9.74
CA GLN A 55 -30.24 12.67 10.84
C GLN A 55 -31.04 13.00 12.08
N ALA A 56 -31.55 11.96 12.75
CA ALA A 56 -32.40 12.13 13.92
C ALA A 56 -31.78 11.42 15.10
N TYR A 57 -31.80 12.05 16.28
CA TYR A 57 -31.12 11.43 17.41
C TYR A 57 -31.75 11.74 18.76
N ASP A 58 -32.73 12.63 18.83
CA ASP A 58 -33.43 12.85 20.10
C ASP A 58 -34.23 11.61 20.47
N PRO A 59 -34.10 11.09 21.67
CA PRO A 59 -34.79 9.84 22.01
C PRO A 59 -36.30 9.85 21.80
N ASN A 60 -36.97 11.00 21.91
CA ASN A 60 -38.41 11.00 21.64
C ASN A 60 -38.71 11.08 20.15
N LEU A 61 -37.92 11.88 19.40
CA LEU A 61 -38.00 11.82 17.94
C LEU A 61 -37.67 10.42 17.40
N VAL A 62 -36.77 9.70 18.05
CA VAL A 62 -36.46 8.34 17.60
C VAL A 62 -37.58 7.38 17.98
N ALA A 63 -38.10 7.50 19.20
CA ALA A 63 -39.29 6.71 19.53
C ALA A 63 -40.37 6.92 18.47
N GLU A 64 -40.47 8.12 17.92
CA GLU A 64 -41.40 8.32 16.80
C GLU A 64 -40.93 7.56 15.57
N LEU A 65 -39.65 7.72 15.18
CA LEU A 65 -39.18 7.06 13.95
C LEU A 65 -39.19 5.55 14.08
N THR A 66 -39.16 5.03 15.30
CA THR A 66 -39.26 3.60 15.55
C THR A 66 -40.65 3.05 15.31
N ASP A 67 -41.66 3.89 15.16
CA ASP A 67 -43.05 3.43 15.00
C ASP A 67 -43.23 2.87 13.58
N GLU A 68 -43.27 1.54 13.48
CA GLU A 68 -43.37 0.92 12.17
C GLU A 68 -44.70 1.19 11.49
N ARG A 69 -45.69 1.72 12.22
CA ARG A 69 -46.95 2.21 11.67
C ARG A 69 -46.75 3.46 10.79
N ARG A 70 -45.64 4.19 10.97
CA ARG A 70 -45.37 5.42 10.22
C ARG A 70 -44.07 5.40 9.44
N PHE A 71 -42.98 4.89 10.00
CA PHE A 71 -41.69 4.80 9.30
C PHE A 71 -41.20 3.35 9.28
N GLN A 72 -40.71 2.89 8.12
CA GLN A 72 -40.30 1.50 7.95
C GLN A 72 -38.99 1.39 7.17
N LYS A 73 -38.35 0.22 7.25
CA LYS A 73 -37.20 -0.03 6.40
C LYS A 73 -37.66 -0.08 4.95
N ARG A 74 -36.86 0.49 4.05
CA ARG A 74 -37.16 0.41 2.62
C ARG A 74 -35.88 0.07 1.84
N VAL A 75 -35.96 -0.98 1.03
CA VAL A 75 -34.78 -1.38 0.24
C VAL A 75 -34.33 -0.24 -0.65
N HIS A 76 -35.24 0.28 -1.51
CA HIS A 76 -34.87 1.36 -2.42
C HIS A 76 -34.09 2.45 -1.69
N PRO A 77 -33.65 3.48 -2.39
CA PRO A 77 -32.22 3.83 -2.49
C PRO A 77 -31.20 3.00 -1.72
N ALA A 78 -31.19 3.11 -0.40
CA ALA A 78 -30.00 2.82 0.41
C ALA A 78 -29.44 1.40 0.20
N TYR A 79 -30.30 0.40 0.10
CA TYR A 79 -29.80 -0.97 0.04
C TYR A 79 -29.63 -1.49 -1.38
N THR A 80 -29.87 -0.67 -2.42
CA THR A 80 -30.00 -1.23 -3.76
C THR A 80 -28.68 -1.79 -4.28
N ASN A 81 -27.54 -1.25 -3.85
CA ASN A 81 -26.29 -1.81 -4.32
C ASN A 81 -25.93 -3.08 -3.57
N ILE A 82 -25.94 -3.03 -2.24
CA ILE A 82 -25.65 -4.24 -1.49
C ILE A 82 -26.56 -5.39 -1.94
N ARG A 83 -27.74 -5.10 -2.46
CA ARG A 83 -28.60 -6.17 -2.95
C ARG A 83 -28.02 -6.87 -4.17
N ASN A 84 -26.98 -6.30 -4.81
CA ASN A 84 -26.35 -7.01 -5.91
C ASN A 84 -25.93 -8.40 -5.48
N LEU A 85 -25.49 -8.54 -4.21
CA LEU A 85 -25.15 -9.86 -3.69
C LEU A 85 -25.99 -10.29 -2.51
N GLY A 86 -26.82 -9.41 -1.94
CA GLY A 86 -27.75 -9.85 -0.93
C GLY A 86 -28.99 -10.50 -1.50
N GLY A 87 -29.36 -10.13 -2.72
CA GLY A 87 -30.50 -10.77 -3.32
C GLY A 87 -31.78 -10.32 -2.63
N ASP A 88 -32.77 -11.22 -2.56
CA ASP A 88 -33.97 -10.98 -1.76
C ASP A 88 -33.88 -11.68 -0.39
N GLY A 89 -32.67 -11.91 0.09
CA GLY A 89 -32.51 -12.45 1.41
C GLY A 89 -32.96 -11.44 2.46
N LEU A 90 -32.95 -11.89 3.73
CA LEU A 90 -33.48 -11.08 4.83
C LEU A 90 -32.96 -9.64 4.82
N PHE A 91 -31.66 -9.44 4.57
CA PHE A 91 -31.15 -8.11 4.82
C PHE A 91 -31.48 -7.12 3.69
N THR A 92 -31.62 -7.58 2.45
CA THR A 92 -31.71 -6.62 1.34
C THR A 92 -33.06 -6.60 0.64
N SER A 93 -34.14 -7.04 1.31
CA SER A 93 -35.47 -7.10 0.74
C SER A 93 -36.50 -6.35 1.59
N ASP A 94 -37.62 -5.98 0.95
CA ASP A 94 -38.72 -5.33 1.63
C ASP A 94 -39.65 -6.37 2.25
N SER A 95 -40.21 -6.05 3.43
CA SER A 95 -40.99 -7.04 4.17
C SER A 95 -42.12 -7.62 3.34
N PHE A 96 -42.60 -6.88 2.36
CA PHE A 96 -43.74 -7.32 1.55
C PHE A 96 -43.33 -8.20 0.38
N GLU A 97 -42.00 -8.46 0.16
CA GLU A 97 -41.65 -9.43 -0.87
C GLU A 97 -41.84 -10.83 -0.32
N PRO A 98 -42.35 -11.76 -1.11
CA PRO A 98 -42.71 -13.07 -0.58
C PRO A 98 -41.56 -13.77 0.16
N ASN A 99 -40.34 -13.67 -0.39
CA ASN A 99 -39.25 -14.42 0.22
C ASN A 99 -38.76 -13.81 1.53
N TRP A 100 -39.10 -12.54 1.84
CA TRP A 100 -38.78 -12.03 3.18
C TRP A 100 -39.65 -12.69 4.24
N GLY A 101 -40.96 -12.58 4.13
CA GLY A 101 -41.82 -13.24 5.10
C GLY A 101 -41.49 -14.71 5.23
N LYS A 102 -41.28 -15.38 4.09
CA LYS A 102 -40.94 -16.80 4.13
C LYS A 102 -39.65 -17.04 4.91
N ALA A 103 -38.56 -16.36 4.51
CA ALA A 103 -37.27 -16.59 5.13
C ALA A 103 -37.28 -16.21 6.61
N HIS A 104 -37.92 -15.09 6.95
CA HIS A 104 -38.11 -14.67 8.33
C HIS A 104 -38.79 -15.77 9.16
N ARG A 105 -39.99 -16.21 8.72
CA ARG A 105 -40.76 -17.20 9.47
C ARG A 105 -40.02 -18.53 9.61
N ILE A 106 -39.10 -18.86 8.67
CA ILE A 106 -38.34 -20.11 8.74
C ILE A 106 -37.10 -19.98 9.62
N LEU A 107 -36.37 -18.87 9.49
CA LEU A 107 -35.10 -18.75 10.18
C LEU A 107 -35.26 -18.25 11.61
N LEU A 108 -36.24 -17.40 11.90
CA LEU A 108 -36.38 -16.82 13.24
C LEU A 108 -36.14 -17.83 14.35
N PRO A 109 -36.74 -19.02 14.33
CA PRO A 109 -36.48 -20.00 15.41
C PRO A 109 -35.05 -20.48 15.43
N ALA A 110 -34.41 -20.66 14.27
CA ALA A 110 -33.03 -21.14 14.23
C ALA A 110 -32.05 -20.11 14.72
N PHE A 111 -32.49 -18.88 14.95
CA PHE A 111 -31.64 -17.82 15.51
C PHE A 111 -32.00 -17.47 16.94
N SER A 112 -33.00 -18.12 17.52
CA SER A 112 -33.42 -17.83 18.88
C SER A 112 -32.33 -18.20 19.88
N GLN A 113 -32.45 -17.65 21.08
CA GLN A 113 -31.50 -17.99 22.11
C GLN A 113 -31.48 -19.48 22.39
N ARG A 114 -32.59 -20.18 22.16
CA ARG A 114 -32.61 -21.62 22.42
C ARG A 114 -31.82 -22.38 21.38
N ALA A 115 -31.71 -21.82 20.18
CA ALA A 115 -30.94 -22.47 19.11
C ALA A 115 -29.43 -22.34 19.33
N MET A 116 -28.99 -21.38 20.15
CA MET A 116 -27.57 -21.07 20.30
C MET A 116 -26.76 -22.26 20.80
N LYS A 117 -27.29 -22.98 21.80
CA LYS A 117 -26.54 -24.12 22.32
C LYS A 117 -26.07 -25.02 21.18
N GLY A 118 -26.92 -25.24 20.16
CA GLY A 118 -26.58 -26.12 19.06
C GLY A 118 -25.45 -25.63 18.18
N TYR A 119 -25.17 -24.33 18.17
CA TYR A 119 -24.05 -23.73 17.44
C TYR A 119 -22.79 -23.61 18.29
N PHE A 120 -22.94 -23.75 19.63
CA PHE A 120 -21.80 -23.54 20.52
C PHE A 120 -20.58 -24.38 20.13
N GLY A 121 -20.78 -25.65 19.73
CA GLY A 121 -19.63 -26.48 19.38
C GLY A 121 -18.78 -25.84 18.31
N GLN A 122 -19.44 -25.33 17.25
CA GLN A 122 -18.72 -24.74 16.14
C GLN A 122 -18.09 -23.42 16.54
N MET A 123 -18.84 -22.58 17.27
CA MET A 123 -18.29 -21.35 17.82
C MET A 123 -17.00 -21.60 18.58
N LEU A 124 -17.00 -22.64 19.43
CA LEU A 124 -15.84 -22.95 20.25
C LEU A 124 -14.69 -23.46 19.39
N GLU A 125 -15.00 -24.23 18.35
CA GLU A 125 -13.94 -24.65 17.46
C GLU A 125 -13.20 -23.45 16.89
N VAL A 126 -13.94 -22.49 16.33
CA VAL A 126 -13.30 -21.35 15.71
C VAL A 126 -12.55 -20.51 16.74
N ALA A 127 -13.16 -20.29 17.92
CA ALA A 127 -12.49 -19.50 18.97
C ALA A 127 -11.18 -20.15 19.38
N GLN A 128 -11.15 -21.48 19.47
CA GLN A 128 -9.91 -22.14 19.86
C GLN A 128 -8.86 -22.05 18.78
N ALA A 129 -9.29 -22.10 17.51
CA ALA A 129 -8.36 -21.83 16.41
C ALA A 129 -7.69 -20.47 16.59
N LEU A 130 -8.51 -19.44 16.86
CA LEU A 130 -7.95 -18.10 17.06
C LEU A 130 -6.94 -18.07 18.21
N VAL A 131 -7.32 -18.66 19.35
CA VAL A 131 -6.41 -18.69 20.49
C VAL A 131 -5.10 -19.38 20.11
N GLY A 132 -5.19 -20.42 19.29
CA GLY A 132 -3.99 -21.09 18.83
C GLY A 132 -3.08 -20.17 18.02
N LYS A 133 -3.66 -19.43 17.08
CA LYS A 133 -2.81 -18.54 16.29
C LYS A 133 -2.10 -17.52 17.18
N TRP A 134 -2.80 -16.99 18.18
CA TRP A 134 -2.13 -16.00 19.02
C TRP A 134 -1.09 -16.63 19.94
N GLU A 135 -1.35 -17.86 20.42
CA GLU A 135 -0.34 -18.60 21.17
C GLU A 135 0.93 -18.78 20.33
N ARG A 136 0.77 -19.28 19.11
CA ARG A 136 1.86 -19.48 18.16
C ARG A 136 2.51 -18.18 17.71
N THR A 137 1.95 -17.00 18.04
CA THR A 137 2.62 -15.78 17.62
C THR A 137 2.91 -14.81 18.77
N GLN A 138 2.97 -15.29 20.00
CA GLN A 138 3.23 -14.39 21.12
C GLN A 138 4.45 -13.52 20.85
N GLY A 139 4.39 -12.26 21.28
CA GLY A 139 5.43 -11.30 20.98
C GLY A 139 5.34 -10.70 19.59
N GLN A 140 4.49 -11.21 18.71
CA GLN A 140 4.27 -10.59 17.41
C GLN A 140 3.08 -9.64 17.48
N ASP A 141 3.07 -8.68 16.55
CA ASP A 141 1.91 -7.79 16.43
C ASP A 141 0.70 -8.62 16.06
N VAL A 142 -0.36 -8.57 16.89
CA VAL A 142 -1.65 -9.15 16.56
C VAL A 142 -2.47 -8.12 15.78
N ARG A 143 -2.94 -8.49 14.60
CA ARG A 143 -3.76 -7.58 13.81
C ARG A 143 -5.22 -7.80 14.20
N VAL A 144 -5.75 -6.89 15.03
CA VAL A 144 -6.98 -7.17 15.77
C VAL A 144 -8.18 -7.22 14.84
N ALA A 145 -8.34 -6.18 14.02
CA ALA A 145 -9.44 -6.16 13.05
C ALA A 145 -9.41 -7.43 12.21
N ASP A 146 -8.24 -7.78 11.71
CA ASP A 146 -8.12 -8.90 10.77
C ASP A 146 -8.39 -10.22 11.47
N ASP A 147 -7.88 -10.37 12.68
CA ASP A 147 -8.09 -11.64 13.34
C ASP A 147 -9.53 -11.80 13.79
N MET A 148 -10.21 -10.71 14.14
CA MET A 148 -11.64 -10.81 14.45
C MET A 148 -12.47 -11.09 13.20
N THR A 149 -12.14 -10.42 12.08
CA THR A 149 -12.71 -10.75 10.80
C THR A 149 -12.58 -12.25 10.51
N ARG A 150 -11.38 -12.80 10.66
CA ARG A 150 -11.23 -14.23 10.51
C ARG A 150 -12.17 -14.99 11.44
N LEU A 151 -12.12 -14.69 12.74
CA LEU A 151 -12.93 -15.42 13.72
C LEU A 151 -14.37 -15.53 13.28
N THR A 152 -14.98 -14.39 12.98
CA THR A 152 -16.42 -14.32 12.74
C THR A 152 -16.79 -14.82 11.35
N LEU A 153 -15.97 -14.54 10.34
CA LEU A 153 -16.22 -15.09 9.01
C LEU A 153 -16.23 -16.61 9.05
N ASP A 154 -15.26 -17.20 9.78
CA ASP A 154 -15.17 -18.65 9.93
C ASP A 154 -16.34 -19.20 10.71
N THR A 155 -16.71 -18.54 11.83
CA THR A 155 -17.84 -19.00 12.62
C THR A 155 -19.15 -18.96 11.83
N ILE A 156 -19.40 -17.88 11.08
CA ILE A 156 -20.67 -17.81 10.39
C ILE A 156 -20.68 -18.74 9.19
N SER A 157 -19.51 -19.01 8.57
CA SER A 157 -19.48 -20.06 7.54
C SER A 157 -19.72 -21.44 8.13
N LEU A 158 -19.08 -21.75 9.26
CA LEU A 158 -19.19 -23.09 9.83
C LEU A 158 -20.59 -23.34 10.38
N SER A 159 -21.21 -22.35 11.03
CA SER A 159 -22.60 -22.51 11.46
C SER A 159 -23.58 -22.27 10.33
N GLY A 160 -23.16 -21.67 9.22
CA GLY A 160 -24.13 -21.27 8.24
C GLY A 160 -24.29 -22.30 7.17
N PHE A 161 -23.18 -22.82 6.66
CA PHE A 161 -23.33 -23.92 5.73
C PHE A 161 -22.22 -24.95 5.93
N ASP A 162 -21.67 -25.07 7.15
CA ASP A 162 -20.83 -26.20 7.53
C ASP A 162 -19.60 -26.27 6.64
N TYR A 163 -19.09 -25.11 6.27
CA TYR A 163 -17.87 -24.98 5.48
C TYR A 163 -16.77 -24.48 6.39
N ARG A 164 -15.59 -25.07 6.32
CA ARG A 164 -14.47 -24.67 7.17
C ARG A 164 -13.44 -23.97 6.30
N PHE A 165 -13.34 -22.64 6.44
CA PHE A 165 -12.33 -21.93 5.67
C PHE A 165 -10.95 -21.96 6.33
N ARG A 166 -10.87 -22.50 7.53
CA ARG A 166 -9.56 -22.69 8.20
C ARG A 166 -8.75 -21.42 8.03
N SER A 167 -9.28 -20.32 8.54
CA SER A 167 -8.61 -19.05 8.28
C SER A 167 -7.49 -18.76 9.26
N PHE A 168 -7.30 -19.59 10.27
CA PHE A 168 -6.17 -19.38 11.14
C PHE A 168 -4.95 -20.25 10.80
N ASP A 169 -5.03 -21.05 9.73
CA ASP A 169 -3.96 -21.94 9.34
C ASP A 169 -2.88 -21.27 8.51
N LYS A 170 -3.17 -20.08 7.97
CA LYS A 170 -2.41 -19.55 6.84
C LYS A 170 -2.73 -18.06 6.76
N ASP A 171 -1.85 -17.22 6.26
CA ASP A 171 -2.17 -15.77 6.30
C ASP A 171 -3.16 -15.46 5.18
N GLU A 172 -3.16 -16.27 4.12
CA GLU A 172 -4.02 -16.01 2.95
C GLU A 172 -5.41 -16.54 3.20
N LEU A 173 -6.41 -15.75 2.84
CA LEU A 173 -7.82 -16.20 3.01
C LEU A 173 -8.20 -17.06 1.82
N HIS A 174 -9.22 -17.89 2.00
CA HIS A 174 -9.62 -18.81 0.93
C HIS A 174 -10.05 -17.93 -0.23
N PRO A 175 -9.93 -18.40 -1.48
CA PRO A 175 -10.30 -17.60 -2.61
C PRO A 175 -11.75 -17.09 -2.52
N PHE A 176 -12.66 -17.85 -1.92
CA PHE A 176 -14.07 -17.44 -1.76
C PHE A 176 -14.19 -16.21 -0.86
N LEU A 177 -13.43 -16.21 0.24
CA LEU A 177 -13.49 -15.03 1.10
C LEU A 177 -12.77 -13.85 0.49
N GLN A 178 -11.67 -14.09 -0.24
CA GLN A 178 -11.05 -12.99 -0.97
C GLN A 178 -12.06 -12.36 -1.93
N ALA A 179 -12.83 -13.21 -2.64
CA ALA A 179 -13.86 -12.72 -3.53
C ALA A 179 -14.91 -11.93 -2.78
N LEU A 180 -15.43 -12.49 -1.68
CA LEU A 180 -16.36 -11.76 -0.83
C LEU A 180 -15.82 -10.38 -0.48
N ALA A 181 -14.54 -10.31 -0.11
CA ALA A 181 -13.93 -9.06 0.29
C ALA A 181 -13.96 -8.05 -0.86
N ARG A 182 -13.46 -8.46 -2.03
CA ARG A 182 -13.44 -7.58 -3.21
C ARG A 182 -14.84 -7.13 -3.58
N ALA A 183 -15.79 -8.06 -3.58
CA ALA A 183 -17.18 -7.74 -3.92
C ALA A 183 -17.73 -6.69 -2.97
N MET A 184 -17.57 -6.89 -1.65
CA MET A 184 -18.13 -5.93 -0.69
C MET A 184 -17.55 -4.54 -0.92
N HIS A 185 -16.22 -4.44 -1.11
CA HIS A 185 -15.61 -3.12 -1.29
C HIS A 185 -16.10 -2.45 -2.56
N HIS A 186 -16.18 -3.19 -3.66
CA HIS A 186 -16.74 -2.61 -4.88
C HIS A 186 -18.15 -2.11 -4.62
N THR A 187 -18.95 -2.88 -3.87
CA THR A 187 -20.31 -2.45 -3.57
C THR A 187 -20.28 -1.10 -2.87
N MET A 188 -19.37 -0.92 -1.90
CA MET A 188 -19.34 0.36 -1.20
C MET A 188 -18.87 1.50 -2.09
N THR A 189 -17.98 1.24 -3.07
CA THR A 189 -17.58 2.36 -3.94
C THR A 189 -18.62 2.68 -5.02
N MET A 190 -19.58 1.80 -5.25
CA MET A 190 -20.56 2.00 -6.34
C MET A 190 -21.48 3.18 -6.03
N PHE A 191 -21.47 3.66 -4.80
CA PHE A 191 -22.37 4.77 -4.40
C PHE A 191 -21.90 6.05 -5.07
N SER A 192 -20.59 6.24 -5.12
CA SER A 192 -20.01 7.44 -5.77
C SER A 192 -19.78 7.13 -7.24
N ARG A 193 -20.81 7.29 -8.08
CA ARG A 193 -20.63 6.90 -9.49
C ARG A 193 -20.43 8.15 -10.36
N PRO A 194 -19.22 8.42 -10.89
CA PRO A 194 -19.03 9.52 -11.81
C PRO A 194 -19.72 9.04 -13.08
N PRO A 195 -20.51 9.87 -13.80
CA PRO A 195 -21.26 9.40 -14.95
C PRO A 195 -20.32 8.92 -16.06
N VAL A 196 -19.23 9.64 -16.31
CA VAL A 196 -18.24 9.16 -17.31
C VAL A 196 -17.56 7.92 -16.69
N LEU A 197 -17.50 6.82 -17.42
CA LEU A 197 -16.96 5.57 -16.83
C LEU A 197 -15.52 5.40 -17.30
N THR A 198 -14.58 5.31 -16.35
CA THR A 198 -13.16 5.26 -16.77
C THR A 198 -12.86 3.89 -17.36
N PRO A 199 -11.83 3.71 -18.23
CA PRO A 199 -11.50 2.33 -18.64
C PRO A 199 -11.47 1.33 -17.49
N GLU A 200 -10.76 1.61 -16.39
CA GLU A 200 -10.65 0.63 -15.31
C GLU A 200 -11.95 0.38 -14.56
N MET A 201 -12.90 1.33 -14.56
CA MET A 201 -14.18 1.12 -13.88
C MET A 201 -15.03 0.03 -14.57
N GLU A 202 -15.07 0.03 -15.91
CA GLU A 202 -15.86 -0.96 -16.65
C GLU A 202 -15.33 -2.37 -16.41
N GLU A 203 -14.00 -2.54 -16.36
CA GLU A 203 -13.42 -3.86 -16.07
C GLU A 203 -13.54 -4.23 -14.61
N ALA A 204 -13.48 -3.24 -13.70
CA ALA A 204 -13.87 -3.44 -12.31
C ALA A 204 -15.26 -4.08 -12.23
N ASP A 205 -16.21 -3.56 -13.00
CA ASP A 205 -17.55 -4.12 -12.99
C ASP A 205 -17.54 -5.54 -13.57
N ARG A 206 -16.78 -5.79 -14.63
CA ARG A 206 -16.72 -7.16 -15.14
C ARG A 206 -16.25 -8.11 -14.04
N ALA A 207 -15.11 -7.80 -13.42
CA ALA A 207 -14.59 -8.63 -12.34
C ALA A 207 -15.59 -8.75 -11.20
N TYR A 208 -16.34 -7.68 -10.92
CA TYR A 208 -17.31 -7.67 -9.85
C TYR A 208 -18.36 -8.76 -10.06
N TRP A 209 -19.02 -8.76 -11.21
CA TRP A 209 -19.99 -9.82 -11.41
C TRP A 209 -19.31 -11.19 -11.58
N ALA A 210 -18.04 -11.24 -11.99
CA ALA A 210 -17.35 -12.53 -11.97
C ALA A 210 -17.17 -13.05 -10.55
N ASP A 211 -16.77 -12.17 -9.61
CA ASP A 211 -16.63 -12.56 -8.21
C ASP A 211 -17.96 -13.03 -7.65
N ILE A 212 -19.01 -12.23 -7.85
CA ILE A 212 -20.33 -12.65 -7.39
C ILE A 212 -20.66 -14.04 -7.95
N ALA A 213 -20.31 -14.31 -9.22
CA ALA A 213 -20.60 -15.60 -9.84
C ALA A 213 -19.80 -16.73 -9.21
N SER A 214 -18.55 -16.46 -8.82
CA SER A 214 -17.73 -17.54 -8.28
C SER A 214 -18.17 -17.89 -6.86
N MET A 215 -18.64 -16.90 -6.11
CA MET A 215 -19.24 -17.21 -4.81
C MET A 215 -20.56 -17.96 -4.99
N ASN A 216 -21.45 -17.44 -5.85
CA ASN A 216 -22.69 -18.16 -6.13
C ASN A 216 -22.37 -19.60 -6.47
N GLU A 217 -21.26 -19.85 -7.17
CA GLU A 217 -20.91 -21.19 -7.65
C GLU A 217 -20.54 -22.12 -6.49
N LEU A 218 -19.65 -21.66 -5.60
CA LEU A 218 -19.32 -22.50 -4.45
C LEU A 218 -20.56 -22.82 -3.62
N VAL A 219 -21.42 -21.83 -3.38
CA VAL A 219 -22.55 -22.13 -2.51
C VAL A 219 -23.59 -22.96 -3.24
N ASP A 220 -23.76 -22.76 -4.55
CA ASP A 220 -24.66 -23.62 -5.31
C ASP A 220 -24.18 -25.06 -5.24
N GLU A 221 -22.86 -25.27 -5.27
CA GLU A 221 -22.33 -26.63 -5.22
C GLU A 221 -22.54 -27.25 -3.83
N VAL A 222 -22.24 -26.51 -2.75
CA VAL A 222 -22.51 -27.07 -1.42
C VAL A 222 -23.97 -27.52 -1.32
N ILE A 223 -24.91 -26.70 -1.85
CA ILE A 223 -26.32 -27.07 -1.77
C ILE A 223 -26.61 -28.31 -2.60
N ARG A 224 -26.15 -28.34 -3.84
CA ARG A 224 -26.29 -29.54 -4.67
C ARG A 224 -25.80 -30.79 -3.93
N GLU A 225 -24.60 -30.72 -3.35
CA GLU A 225 -23.94 -31.89 -2.81
C GLU A 225 -24.55 -32.36 -1.53
N ARG A 226 -25.21 -31.47 -0.78
CA ARG A 226 -25.89 -31.94 0.43
C ARG A 226 -27.34 -32.33 0.19
N ARG A 227 -27.96 -31.84 -0.87
CA ARG A 227 -29.33 -32.33 -1.16
C ARG A 227 -29.14 -33.74 -1.71
N GLY A 228 -28.00 -33.99 -2.35
CA GLY A 228 -27.65 -35.32 -2.84
C GLY A 228 -27.44 -36.31 -1.70
N HIS A 229 -26.96 -35.83 -0.57
CA HIS A 229 -26.69 -36.70 0.61
C HIS A 229 -27.92 -36.77 1.54
N GLY A 230 -29.06 -36.24 1.10
CA GLY A 230 -30.30 -36.32 1.89
C GLY A 230 -30.63 -35.03 2.62
N GLY A 231 -29.82 -33.98 2.45
CA GLY A 231 -30.02 -32.69 3.13
C GLY A 231 -29.97 -32.85 4.63
N GLY A 232 -30.75 -32.07 5.35
CA GLY A 232 -30.89 -32.29 6.80
C GLY A 232 -29.66 -32.24 7.68
N GLY A 233 -28.73 -31.33 7.45
CA GLY A 233 -27.64 -31.19 8.44
C GLY A 233 -28.14 -30.39 9.63
N GLY A 234 -27.46 -30.44 10.78
CA GLY A 234 -27.83 -29.56 11.90
C GLY A 234 -27.14 -28.24 11.66
N ASP A 235 -27.57 -27.49 10.65
CA ASP A 235 -26.84 -26.29 10.22
C ASP A 235 -27.88 -25.32 9.68
N LEU A 236 -27.58 -24.03 9.60
CA LEU A 236 -28.56 -23.11 8.99
C LEU A 236 -28.89 -23.56 7.56
N LEU A 237 -27.91 -24.03 6.79
CA LEU A 237 -28.21 -24.52 5.44
C LEU A 237 -28.99 -25.82 5.50
N GLY A 238 -28.55 -26.74 6.35
CA GLY A 238 -29.32 -27.95 6.59
C GLY A 238 -30.76 -27.63 6.89
N LEU A 239 -30.99 -26.65 7.76
CA LEU A 239 -32.36 -26.31 8.13
C LEU A 239 -33.15 -25.80 6.93
N MET A 240 -32.57 -24.87 6.15
CA MET A 240 -33.32 -24.25 5.06
C MET A 240 -33.64 -25.24 3.95
N LEU A 241 -32.83 -26.29 3.80
CA LEU A 241 -33.12 -27.27 2.76
C LEU A 241 -34.43 -28.01 2.99
N ASN A 242 -34.85 -28.15 4.25
CA ASN A 242 -36.00 -28.96 4.64
C ASN A 242 -37.17 -28.15 5.21
N ALA A 243 -36.92 -27.15 6.05
CA ALA A 243 -38.03 -26.48 6.72
C ALA A 243 -39.02 -25.94 5.71
N THR A 244 -40.30 -25.98 6.09
CA THR A 244 -41.39 -25.39 5.34
C THR A 244 -41.90 -24.17 6.10
N ASP A 245 -42.42 -23.20 5.34
CA ASP A 245 -43.00 -21.98 5.97
C ASP A 245 -44.26 -22.38 6.74
N PRO A 246 -44.45 -21.90 7.99
CA PRO A 246 -45.68 -22.19 8.74
C PRO A 246 -46.96 -21.68 8.06
N GLU A 247 -46.85 -20.69 7.17
CA GLU A 247 -48.05 -20.09 6.54
C GLU A 247 -48.22 -20.57 5.11
N THR A 248 -47.15 -20.56 4.30
CA THR A 248 -47.28 -20.90 2.86
C THR A 248 -47.12 -22.41 2.63
N GLY A 249 -46.50 -23.14 3.57
CA GLY A 249 -46.40 -24.61 3.44
C GLY A 249 -45.28 -25.04 2.51
N GLU A 250 -44.78 -24.12 1.67
CA GLU A 250 -43.66 -24.42 0.78
C GLU A 250 -42.30 -24.19 1.43
N ARG A 251 -41.27 -24.63 0.72
CA ARG A 251 -39.89 -24.46 1.14
C ARG A 251 -39.29 -23.23 0.46
N LEU A 252 -38.12 -22.85 0.95
CA LEU A 252 -37.35 -21.82 0.30
C LEU A 252 -36.89 -22.40 -1.03
N SER A 253 -36.70 -21.53 -2.03
CA SER A 253 -36.14 -21.95 -3.31
C SER A 253 -34.63 -22.19 -3.09
N ASP A 254 -33.97 -22.76 -4.10
CA ASP A 254 -32.51 -22.88 -4.02
C ASP A 254 -31.86 -21.51 -4.13
N GLU A 255 -32.37 -20.65 -5.01
CA GLU A 255 -31.77 -19.33 -5.18
C GLU A 255 -31.88 -18.53 -3.90
N ASN A 256 -33.06 -18.56 -3.28
CA ASN A 256 -33.22 -17.82 -2.03
C ASN A 256 -32.30 -18.36 -0.93
N ILE A 257 -32.03 -19.66 -0.92
CA ILE A 257 -31.16 -20.18 0.13
C ILE A 257 -29.74 -19.70 -0.08
N ARG A 258 -29.29 -19.66 -1.33
CA ARG A 258 -27.96 -19.12 -1.58
C ARG A 258 -27.89 -17.68 -1.13
N TYR A 259 -28.98 -16.93 -1.34
CA TYR A 259 -28.99 -15.53 -0.93
C TYR A 259 -28.99 -15.39 0.59
N GLN A 260 -29.71 -16.26 1.29
CA GLN A 260 -29.64 -16.19 2.75
C GLN A 260 -28.24 -16.54 3.26
N VAL A 261 -27.51 -17.41 2.58
CA VAL A 261 -26.17 -17.74 3.05
C VAL A 261 -25.24 -16.56 2.81
N MET A 262 -25.22 -16.05 1.57
CA MET A 262 -24.56 -14.76 1.31
C MET A 262 -24.98 -13.71 2.33
N THR A 263 -26.25 -13.69 2.73
CA THR A 263 -26.74 -12.65 3.62
C THR A 263 -26.13 -12.82 5.01
N PHE A 264 -26.08 -14.05 5.51
CA PHE A 264 -25.35 -14.30 6.75
C PHE A 264 -23.95 -13.72 6.66
N LEU A 265 -23.25 -13.94 5.54
CA LEU A 265 -21.86 -13.48 5.50
C LEU A 265 -21.80 -11.95 5.53
N ILE A 266 -22.52 -11.29 4.60
CA ILE A 266 -22.57 -9.82 4.55
C ILE A 266 -22.88 -9.24 5.92
N ALA A 267 -24.05 -9.59 6.45
CA ALA A 267 -24.54 -8.89 7.62
C ALA A 267 -23.89 -9.37 8.90
N GLY A 268 -23.26 -10.53 8.92
CA GLY A 268 -22.79 -11.03 10.18
C GLY A 268 -21.30 -10.93 10.38
N HIS A 269 -20.49 -10.66 9.35
CA HIS A 269 -19.09 -10.79 9.75
C HIS A 269 -18.50 -9.48 10.25
N GLU A 270 -18.65 -8.37 9.51
CA GLU A 270 -17.99 -7.12 9.89
C GLU A 270 -18.64 -6.45 11.08
N THR A 271 -19.95 -6.61 11.24
CA THR A 271 -20.65 -6.13 12.42
C THR A 271 -20.14 -6.79 13.70
N THR A 272 -20.02 -8.12 13.70
CA THR A 272 -19.55 -8.82 14.90
C THR A 272 -18.06 -8.58 15.12
N SER A 273 -17.25 -8.70 14.06
CA SER A 273 -15.83 -8.48 14.25
C SER A 273 -15.57 -7.07 14.76
N GLY A 274 -16.30 -6.07 14.25
CA GLY A 274 -16.15 -4.72 14.78
C GLY A 274 -16.54 -4.64 16.25
N LEU A 275 -17.62 -5.31 16.63
CA LEU A 275 -17.93 -5.32 18.05
C LEU A 275 -16.74 -5.81 18.86
N LEU A 276 -16.03 -6.82 18.35
CA LEU A 276 -14.90 -7.36 19.12
C LEU A 276 -13.65 -6.45 19.07
N ALA A 277 -13.33 -5.93 17.87
CA ALA A 277 -12.25 -4.96 17.76
C ALA A 277 -12.45 -3.81 18.75
N PHE A 278 -13.64 -3.21 18.72
CA PHE A 278 -13.92 -2.08 19.60
C PHE A 278 -13.87 -2.49 21.05
N THR A 279 -14.45 -3.64 21.40
CA THR A 279 -14.43 -4.05 22.79
C THR A 279 -13.01 -4.16 23.31
N LEU A 280 -12.11 -4.72 22.51
CA LEU A 280 -10.74 -4.88 22.98
C LEU A 280 -10.08 -3.53 23.16
N TYR A 281 -10.33 -2.61 22.22
CA TYR A 281 -9.83 -1.24 22.37
C TYR A 281 -10.32 -0.59 23.68
N LEU A 282 -11.61 -0.76 23.98
CA LEU A 282 -12.19 -0.15 25.15
C LEU A 282 -11.63 -0.75 26.42
N LEU A 283 -11.51 -2.08 26.49
CA LEU A 283 -10.86 -2.67 27.66
C LEU A 283 -9.43 -2.16 27.80
N LEU A 284 -8.76 -1.88 26.68
CA LEU A 284 -7.41 -1.36 26.77
C LEU A 284 -7.39 0.04 27.33
N ARG A 285 -8.43 0.84 27.03
CA ARG A 285 -8.50 2.22 27.50
C ARG A 285 -9.38 2.37 28.73
N HIS A 286 -9.92 1.27 29.25
CA HIS A 286 -10.66 1.28 30.51
C HIS A 286 -10.22 0.07 31.31
N PRO A 287 -8.93 0.00 31.67
CA PRO A 287 -8.36 -1.28 32.12
C PRO A 287 -8.91 -1.78 33.45
N HIS A 288 -9.59 -0.94 34.21
CA HIS A 288 -10.18 -1.47 35.43
C HIS A 288 -11.33 -2.39 35.08
N VAL A 289 -12.13 -2.01 34.08
CA VAL A 289 -13.13 -2.93 33.56
C VAL A 289 -12.47 -4.22 33.08
N LEU A 290 -11.34 -4.11 32.37
CA LEU A 290 -10.68 -5.31 31.87
C LEU A 290 -10.23 -6.19 33.04
N ALA A 291 -9.80 -5.58 34.14
CA ALA A 291 -9.51 -6.35 35.34
C ALA A 291 -10.76 -7.08 35.83
N GLN A 292 -11.91 -6.39 35.85
CA GLN A 292 -13.15 -7.06 36.26
C GLN A 292 -13.40 -8.27 35.37
N ALA A 293 -13.15 -8.13 34.06
CA ALA A 293 -13.38 -9.22 33.14
C ALA A 293 -12.43 -10.38 33.45
N TYR A 294 -11.15 -10.08 33.63
CA TYR A 294 -10.17 -11.09 34.03
C TYR A 294 -10.66 -11.88 35.23
N ALA A 295 -11.17 -11.17 36.25
CA ALA A 295 -11.65 -11.83 37.47
C ALA A 295 -12.83 -12.74 37.15
N GLU A 296 -13.78 -12.28 36.32
CA GLU A 296 -14.90 -13.14 35.96
C GLU A 296 -14.42 -14.42 35.28
N VAL A 297 -13.46 -14.27 34.36
CA VAL A 297 -12.92 -15.42 33.63
C VAL A 297 -12.25 -16.37 34.60
N ASP A 298 -11.50 -15.84 35.57
CA ASP A 298 -10.81 -16.69 36.53
C ASP A 298 -11.74 -17.25 37.62
N ARG A 299 -12.97 -16.75 37.76
CA ARG A 299 -13.89 -17.51 38.61
C ARG A 299 -14.48 -18.66 37.83
N LEU A 300 -14.94 -18.41 36.59
CA LEU A 300 -15.66 -19.45 35.87
C LEU A 300 -14.79 -20.38 35.02
N LEU A 301 -13.61 -19.95 34.57
CA LEU A 301 -12.73 -20.78 33.73
C LEU A 301 -11.32 -20.85 34.30
N PRO A 302 -11.14 -21.46 35.47
CA PRO A 302 -9.79 -21.60 36.03
C PRO A 302 -9.03 -22.76 35.41
N GLY A 303 -7.70 -22.63 35.45
CA GLY A 303 -6.86 -23.62 34.83
C GLY A 303 -7.13 -23.70 33.35
N ASP A 304 -6.98 -24.89 32.80
CA ASP A 304 -7.30 -25.06 31.39
C ASP A 304 -8.68 -25.69 31.24
N ALA A 305 -9.63 -25.16 32.03
CA ALA A 305 -11.02 -25.54 31.86
C ALA A 305 -11.49 -25.17 30.47
N VAL A 306 -12.36 -25.98 29.91
CA VAL A 306 -12.92 -25.77 28.58
C VAL A 306 -14.39 -25.39 28.74
N PRO A 307 -14.83 -24.26 28.20
CA PRO A 307 -16.15 -23.75 28.59
C PRO A 307 -17.27 -24.47 27.85
N THR A 308 -18.45 -24.43 28.44
CA THR A 308 -19.65 -24.93 27.78
C THR A 308 -20.59 -23.78 27.48
N TYR A 309 -21.66 -24.10 26.76
CA TYR A 309 -22.71 -23.10 26.61
C TYR A 309 -23.15 -22.58 27.97
N ASP A 310 -23.38 -23.51 28.91
CA ASP A 310 -23.71 -23.08 30.26
C ASP A 310 -22.75 -21.99 30.72
N THR A 311 -21.46 -22.18 30.52
CA THR A 311 -20.51 -21.22 31.06
C THR A 311 -20.84 -19.82 30.57
N VAL A 312 -20.84 -19.66 29.24
CA VAL A 312 -21.17 -18.38 28.61
C VAL A 312 -22.44 -17.80 29.21
N MET A 313 -23.45 -18.65 29.42
CA MET A 313 -24.69 -18.15 29.97
C MET A 313 -24.54 -17.64 31.40
N ARG A 314 -23.61 -18.20 32.20
CA ARG A 314 -23.48 -17.69 33.56
C ARG A 314 -22.53 -16.48 33.65
N LEU A 315 -22.18 -15.89 32.51
CA LEU A 315 -21.34 -14.71 32.54
C LEU A 315 -22.13 -13.49 32.99
N ASP A 316 -21.43 -12.48 33.52
CA ASP A 316 -22.09 -11.24 33.93
C ASP A 316 -21.34 -9.98 33.51
N VAL A 317 -20.04 -9.93 33.81
CA VAL A 317 -19.23 -8.80 33.40
C VAL A 317 -19.10 -8.75 31.88
N ILE A 318 -18.83 -9.87 31.25
CA ILE A 318 -18.50 -9.85 29.83
C ILE A 318 -19.73 -9.47 29.00
N PRO A 319 -20.94 -9.95 29.35
CA PRO A 319 -22.14 -9.51 28.61
C PRO A 319 -22.39 -8.01 28.73
N ARG A 320 -22.22 -7.45 29.93
CA ARG A 320 -22.48 -6.03 30.09
C ARG A 320 -21.39 -5.19 29.44
N ILE A 321 -20.14 -5.66 29.49
CA ILE A 321 -19.09 -5.04 28.69
C ILE A 321 -19.52 -4.96 27.24
N LEU A 322 -20.10 -6.06 26.73
CA LEU A 322 -20.48 -6.08 25.33
C LEU A 322 -21.62 -5.11 25.04
N ASP A 323 -22.63 -5.06 25.91
CA ASP A 323 -23.75 -4.13 25.68
C ASP A 323 -23.26 -2.68 25.73
N GLU A 324 -22.41 -2.35 26.69
CA GLU A 324 -21.95 -0.97 26.79
C GLU A 324 -21.06 -0.62 25.61
N ALA A 325 -20.24 -1.58 25.17
CA ALA A 325 -19.41 -1.39 23.98
C ALA A 325 -20.28 -1.08 22.77
N LEU A 326 -21.40 -1.82 22.63
CA LEU A 326 -22.33 -1.54 21.54
C LEU A 326 -22.90 -0.14 21.65
N ARG A 327 -23.07 0.36 22.87
CA ARG A 327 -23.57 1.73 23.07
C ARG A 327 -22.56 2.76 22.57
N PHE A 328 -21.28 2.57 22.91
CA PHE A 328 -20.23 3.49 22.47
C PHE A 328 -20.07 3.46 20.95
N TRP A 329 -19.91 2.26 20.39
CA TRP A 329 -19.52 2.05 18.99
C TRP A 329 -20.41 1.00 18.36
N SER A 330 -21.71 1.27 18.24
CA SER A 330 -22.53 0.35 17.49
C SER A 330 -22.01 0.27 16.06
N THR A 331 -21.87 -0.96 15.56
CA THR A 331 -21.10 -1.16 14.36
C THR A 331 -21.90 -1.00 13.07
N ILE A 332 -23.23 -0.92 13.12
CA ILE A 332 -23.98 -0.33 11.99
C ILE A 332 -24.58 0.97 12.51
N PRO A 333 -24.03 2.13 12.13
CA PRO A 333 -24.31 3.33 12.91
C PRO A 333 -25.34 4.27 12.31
N ASN A 334 -25.79 4.02 11.09
CA ASN A 334 -26.53 5.06 10.40
C ASN A 334 -27.58 4.47 9.50
N TYR A 335 -28.29 3.47 9.98
CA TYR A 335 -29.32 2.91 9.12
C TYR A 335 -30.55 3.79 9.16
N ALA A 336 -31.22 3.89 8.00
CA ALA A 336 -32.33 4.81 7.80
C ALA A 336 -33.66 4.08 7.85
N VAL A 337 -34.70 4.79 8.31
CA VAL A 337 -36.09 4.38 8.15
C VAL A 337 -36.73 5.32 7.12
N THR A 338 -37.63 4.78 6.31
CA THR A 338 -38.30 5.55 5.28
C THR A 338 -39.70 5.93 5.73
N ALA A 339 -40.21 7.07 5.26
CA ALA A 339 -41.56 7.58 5.64
C ALA A 339 -42.68 6.98 4.80
N LEU A 340 -43.56 6.20 5.43
CA LEU A 340 -44.65 5.53 4.69
C LEU A 340 -45.61 6.56 4.13
N GLN A 341 -45.92 7.58 4.92
CA GLN A 341 -46.85 8.64 4.51
C GLN A 341 -46.28 9.97 4.97
N ASP A 342 -46.77 11.09 4.45
CA ASP A 342 -46.29 12.39 4.95
C ASP A 342 -46.57 12.40 6.44
N GLU A 343 -45.62 12.84 7.25
CA GLU A 343 -45.81 12.76 8.72
C GLU A 343 -45.25 13.99 9.40
N VAL A 344 -45.70 14.27 10.63
CA VAL A 344 -45.15 15.39 11.43
C VAL A 344 -44.56 14.80 12.71
N ILE A 345 -43.28 15.06 12.97
CA ILE A 345 -42.61 14.48 14.13
C ILE A 345 -42.41 15.53 15.20
N GLY A 346 -42.42 15.05 16.45
CA GLY A 346 -42.34 15.89 17.62
C GLY A 346 -43.44 16.92 17.66
N GLY A 347 -44.48 16.73 16.84
CA GLY A 347 -45.42 17.81 16.58
C GLY A 347 -44.77 19.04 15.98
N LYS A 348 -43.58 18.89 15.39
CA LYS A 348 -42.84 20.11 15.01
C LYS A 348 -42.38 20.11 13.56
N TYR A 349 -41.93 18.97 13.01
CA TYR A 349 -41.22 18.98 11.74
C TYR A 349 -41.97 18.18 10.69
N GLU A 350 -41.69 18.55 9.43
CA GLU A 350 -42.49 18.21 8.25
C GLU A 350 -41.74 17.18 7.39
N ILE A 351 -42.23 15.93 7.37
CA ILE A 351 -41.56 14.82 6.69
C ILE A 351 -42.43 14.39 5.50
N ARG A 352 -41.95 14.66 4.28
CA ARG A 352 -42.67 14.28 3.06
C ARG A 352 -42.55 12.77 2.81
N LYS A 353 -43.62 12.18 2.26
CA LYS A 353 -43.66 10.74 2.03
C LYS A 353 -42.46 10.27 1.21
N GLY A 354 -41.76 9.26 1.73
CA GLY A 354 -40.65 8.63 1.05
C GLY A 354 -39.29 9.20 1.38
N GLN A 355 -39.20 10.06 2.39
CA GLN A 355 -37.94 10.67 2.79
C GLN A 355 -37.25 9.75 3.77
N GLN A 356 -35.92 9.67 3.65
CA GLN A 356 -35.13 8.82 4.54
C GLN A 356 -34.73 9.58 5.79
N LEU A 357 -35.05 9.01 6.95
CA LEU A 357 -34.59 9.50 8.26
C LEU A 357 -33.52 8.54 8.75
N ALA A 358 -32.26 8.96 8.69
CA ALA A 358 -31.15 8.19 9.23
C ALA A 358 -31.12 8.34 10.75
N LEU A 359 -31.19 7.22 11.46
CA LEU A 359 -30.89 7.18 12.89
C LEU A 359 -29.40 7.41 13.10
N LEU A 360 -29.04 8.51 13.76
CA LEU A 360 -27.64 8.76 14.11
C LEU A 360 -27.35 8.02 15.42
N ILE A 361 -27.12 6.71 15.30
CA ILE A 361 -26.93 5.87 16.50
C ILE A 361 -25.85 6.42 17.42
N PRO A 362 -24.72 6.97 16.95
CA PRO A 362 -23.73 7.48 17.91
C PRO A 362 -24.29 8.56 18.82
N ALA A 363 -24.97 9.56 18.25
CA ALA A 363 -25.60 10.61 19.05
C ALA A 363 -26.67 10.05 19.98
N LEU A 364 -27.52 9.17 19.47
CA LEU A 364 -28.60 8.62 20.27
C LEU A 364 -28.07 7.87 21.48
N HIS A 365 -27.05 7.02 21.27
CA HIS A 365 -26.49 6.23 22.37
C HIS A 365 -25.72 7.08 23.36
N ARG A 366 -25.33 8.29 22.96
CA ARG A 366 -24.60 9.16 23.85
C ARG A 366 -25.38 10.45 24.12
N HIS A 367 -26.66 10.47 23.78
CA HIS A 367 -27.47 11.65 24.01
C HIS A 367 -27.63 11.85 25.51
N PRO A 368 -27.26 13.02 26.04
CA PRO A 368 -27.28 13.20 27.50
C PRO A 368 -28.69 13.23 28.07
N ALA A 369 -29.71 13.41 27.23
CA ALA A 369 -31.09 13.35 27.71
C ALA A 369 -31.41 11.97 28.26
N ALA A 370 -30.85 10.92 27.66
CA ALA A 370 -31.13 9.55 28.03
C ALA A 370 -30.04 8.90 28.84
N TRP A 371 -28.81 9.38 28.72
CA TRP A 371 -27.67 8.73 29.37
C TRP A 371 -26.92 9.75 30.22
N THR A 372 -27.16 9.71 31.52
CA THR A 372 -26.37 10.50 32.45
C THR A 372 -24.89 10.18 32.26
N ASN A 373 -24.07 11.22 32.09
CA ASN A 373 -22.66 11.02 31.77
C ASN A 373 -22.55 10.25 30.46
N PRO A 374 -23.01 10.80 29.34
CA PRO A 374 -23.05 9.98 28.12
C PRO A 374 -21.68 9.44 27.72
N ASP A 375 -20.61 10.22 27.87
CA ASP A 375 -19.33 9.90 27.22
C ASP A 375 -18.42 9.06 28.10
N GLU A 376 -18.97 8.41 29.12
CA GLU A 376 -18.18 7.65 30.08
C GLU A 376 -18.60 6.18 30.05
N PHE A 377 -17.65 5.26 30.19
CA PHE A 377 -17.95 3.81 30.10
C PHE A 377 -18.40 3.26 31.45
N ASP A 378 -19.66 2.83 31.58
CA ASP A 378 -20.13 2.17 32.83
C ASP A 378 -20.84 0.87 32.47
N ILE A 379 -20.27 -0.26 32.87
CA ILE A 379 -20.87 -1.59 32.55
C ILE A 379 -22.02 -1.83 33.52
N ASP A 380 -22.15 -0.98 34.53
CA ASP A 380 -23.20 -1.16 35.55
C ASP A 380 -24.48 -0.47 35.08
N ARG A 381 -24.45 0.23 33.94
CA ARG A 381 -25.69 0.81 33.37
C ARG A 381 -26.58 -0.37 33.01
N TRP A 382 -25.96 -1.42 32.51
CA TRP A 382 -26.70 -2.64 32.16
C TRP A 382 -26.57 -3.52 33.36
N THR A 383 -27.64 -3.80 34.04
CA THR A 383 -27.72 -4.63 35.25
C THR A 383 -29.22 -4.81 35.21
N SER A 384 -29.78 -5.79 35.87
CA SER A 384 -31.24 -5.95 35.65
C SER A 384 -31.97 -4.67 36.05
N GLU A 385 -31.65 -4.13 37.22
CA GLU A 385 -32.43 -2.96 37.70
C GLU A 385 -32.16 -1.70 36.89
N ASN A 386 -30.90 -1.40 36.65
CA ASN A 386 -30.56 -0.12 35.98
C ASN A 386 -30.97 -0.20 34.51
N ARG A 387 -31.03 -1.40 33.97
CA ARG A 387 -31.42 -1.57 32.56
C ARG A 387 -32.84 -1.06 32.41
N ARG A 388 -33.70 -1.34 33.37
CA ARG A 388 -35.14 -0.97 33.29
C ARG A 388 -35.32 0.54 33.30
N THR A 389 -34.27 1.27 33.70
CA THR A 389 -34.35 2.73 33.82
C THR A 389 -33.93 3.45 32.53
N HIS A 390 -33.67 2.74 31.43
CA HIS A 390 -33.17 3.39 30.18
C HIS A 390 -34.32 3.86 29.28
N HIS A 391 -34.10 4.90 28.48
CA HIS A 391 -35.13 5.41 27.59
C HIS A 391 -35.49 4.36 26.56
N PRO A 392 -36.77 4.03 26.37
CA PRO A 392 -37.12 2.85 25.58
C PRO A 392 -36.86 2.99 24.09
N ALA A 393 -36.37 4.12 23.57
CA ALA A 393 -36.04 4.19 22.16
C ALA A 393 -34.61 4.66 21.92
N ALA A 394 -33.73 4.56 22.92
CA ALA A 394 -32.42 5.18 22.82
C ALA A 394 -31.28 4.18 22.74
N TYR A 395 -31.57 2.87 22.78
CA TYR A 395 -30.58 1.81 22.52
C TYR A 395 -31.11 0.97 21.36
N LYS A 396 -30.47 1.13 20.21
CA LYS A 396 -30.93 0.51 18.98
C LYS A 396 -29.77 -0.12 18.20
N PRO A 397 -28.83 -0.77 18.88
CA PRO A 397 -27.69 -1.37 18.17
C PRO A 397 -28.11 -2.47 17.20
N PHE A 398 -29.24 -3.13 17.39
CA PHE A 398 -29.63 -4.21 16.49
C PHE A 398 -30.93 -3.88 15.75
N GLY A 399 -31.10 -2.62 15.33
CA GLY A 399 -32.23 -2.28 14.48
C GLY A 399 -33.57 -2.21 15.19
N ASN A 400 -34.65 -2.28 14.41
CA ASN A 400 -35.96 -1.96 14.97
C ASN A 400 -37.07 -2.85 14.42
N GLY A 401 -37.86 -3.40 15.34
CA GLY A 401 -39.14 -3.95 14.93
C GLY A 401 -38.94 -5.15 14.04
N MET A 402 -39.92 -5.37 13.15
CA MET A 402 -39.85 -6.49 12.23
C MET A 402 -38.48 -6.61 11.60
N ARG A 403 -37.82 -5.48 11.33
CA ARG A 403 -36.53 -5.46 10.64
C ARG A 403 -35.35 -5.37 11.61
N ALA A 404 -35.49 -5.90 12.81
CA ALA A 404 -34.38 -5.96 13.74
C ALA A 404 -33.48 -7.14 13.43
N CYS A 405 -32.22 -7.04 13.81
CA CYS A 405 -31.23 -8.06 13.48
C CYS A 405 -31.69 -9.42 14.00
N ILE A 406 -31.81 -10.39 13.08
CA ILE A 406 -32.11 -11.75 13.47
C ILE A 406 -30.93 -12.40 14.14
N GLY A 407 -29.73 -11.89 13.90
CA GLY A 407 -28.53 -12.54 14.36
C GLY A 407 -28.03 -12.07 15.68
N ARG A 408 -28.80 -11.23 16.37
CA ARG A 408 -28.33 -10.66 17.62
C ARG A 408 -27.78 -11.77 18.50
N GLN A 409 -28.61 -12.76 18.83
CA GLN A 409 -28.13 -13.75 19.80
C GLN A 409 -26.94 -14.52 19.26
N PHE A 410 -26.85 -14.70 17.94
CA PHE A 410 -25.66 -15.36 17.39
C PHE A 410 -24.41 -14.54 17.65
N ALA A 411 -24.43 -13.25 17.30
CA ALA A 411 -23.24 -12.42 17.47
C ALA A 411 -22.86 -12.27 18.94
N LEU A 412 -23.85 -12.15 19.83
CA LEU A 412 -23.54 -11.94 21.24
C LEU A 412 -22.97 -13.20 21.87
N THR A 413 -23.47 -14.39 21.51
CA THR A 413 -22.85 -15.58 22.06
C THR A 413 -21.46 -15.76 21.48
N GLU A 414 -21.30 -15.60 20.15
CA GLU A 414 -19.96 -15.66 19.57
C GLU A 414 -18.97 -14.72 20.29
N ALA A 415 -19.38 -13.47 20.57
CA ALA A 415 -18.42 -12.52 21.13
C ALA A 415 -18.22 -12.74 22.63
N LYS A 416 -19.26 -13.20 23.36
CA LYS A 416 -19.00 -13.60 24.74
C LYS A 416 -17.96 -14.71 24.78
N LEU A 417 -18.13 -15.73 23.93
CA LEU A 417 -17.17 -16.82 23.91
C LEU A 417 -15.78 -16.33 23.55
N ALA A 418 -15.67 -15.51 22.50
CA ALA A 418 -14.37 -14.98 22.10
C ALA A 418 -13.66 -14.29 23.27
N LEU A 419 -14.32 -13.30 23.89
CA LEU A 419 -13.70 -12.58 25.00
C LEU A 419 -13.33 -13.55 26.12
N LEU A 420 -14.23 -14.48 26.45
CA LEU A 420 -13.97 -15.45 27.50
C LEU A 420 -12.65 -16.16 27.26
N LEU A 421 -12.48 -16.75 26.05
CA LEU A 421 -11.32 -17.61 25.83
C LEU A 421 -10.04 -16.79 25.74
N ILE A 422 -10.14 -15.60 25.11
CA ILE A 422 -8.99 -14.71 25.03
C ILE A 422 -8.52 -14.29 26.42
N LEU A 423 -9.45 -13.80 27.25
CA LEU A 423 -9.03 -13.34 28.57
C LEU A 423 -8.55 -14.48 29.44
N GLN A 424 -9.13 -15.68 29.27
CA GLN A 424 -8.60 -16.84 29.98
C GLN A 424 -7.12 -17.02 29.70
N LYS A 425 -6.73 -16.99 28.42
CA LYS A 425 -5.35 -17.37 28.12
C LYS A 425 -4.36 -16.21 28.07
N PHE A 426 -4.76 -14.99 27.69
CA PHE A 426 -3.79 -13.95 27.34
C PHE A 426 -3.83 -12.73 28.25
N ALA A 427 -2.65 -12.15 28.44
CA ALA A 427 -2.49 -10.80 28.97
C ALA A 427 -2.23 -9.86 27.80
N LEU A 428 -3.05 -8.81 27.71
CA LEU A 428 -3.02 -7.85 26.62
C LEU A 428 -2.05 -6.71 26.90
N SER A 429 -1.40 -6.23 25.83
CA SER A 429 -0.55 -5.05 25.91
C SER A 429 -0.77 -4.18 24.70
N ASP A 430 -0.72 -2.89 24.92
CA ASP A 430 -0.79 -1.93 23.83
C ASP A 430 0.60 -1.38 23.53
N PRO A 431 1.30 -1.95 22.54
CA PRO A 431 2.70 -1.56 22.33
C PRO A 431 2.90 -0.28 21.59
N TYR A 432 1.87 0.30 20.95
CA TYR A 432 2.11 1.46 20.09
C TYR A 432 1.30 2.71 20.46
N ASP A 433 0.59 2.72 21.58
CA ASP A 433 -0.27 3.87 21.91
C ASP A 433 -1.35 4.03 20.86
N TYR A 434 -2.09 2.96 20.64
CA TYR A 434 -3.08 2.96 19.57
C TYR A 434 -4.00 4.17 19.67
N HIS A 435 -4.04 4.96 18.62
CA HIS A 435 -4.97 6.06 18.50
C HIS A 435 -6.12 5.57 17.63
N LEU A 436 -7.30 5.48 18.23
CA LEU A 436 -8.45 4.93 17.53
C LEU A 436 -8.61 5.62 16.19
N LYS A 437 -8.88 4.82 15.17
CA LYS A 437 -9.04 5.29 13.80
C LYS A 437 -10.19 4.49 13.18
N VAL A 438 -11.32 5.16 12.94
CA VAL A 438 -12.54 4.47 12.56
C VAL A 438 -12.65 4.52 11.04
N LYS A 439 -12.96 3.38 10.42
CA LYS A 439 -13.22 3.34 8.96
C LYS A 439 -14.65 2.87 8.75
N GLN A 440 -15.41 3.56 7.91
CA GLN A 440 -16.83 3.21 7.67
C GLN A 440 -17.03 2.66 6.27
N SER A 441 -17.71 1.52 6.17
CA SER A 441 -18.14 0.95 4.88
C SER A 441 -19.62 0.69 5.11
N LEU A 442 -20.05 -0.56 5.03
CA LEU A 442 -21.43 -0.90 5.45
C LEU A 442 -21.42 -0.70 6.95
N THR A 443 -20.29 -1.03 7.57
CA THR A 443 -20.14 -0.97 9.03
C THR A 443 -18.93 -0.11 9.39
N ILE A 444 -18.82 0.30 10.65
CA ILE A 444 -17.63 1.03 11.13
C ILE A 444 -16.69 0.08 11.86
N LYS A 445 -15.37 0.28 11.78
CA LYS A 445 -14.49 -0.56 12.59
C LYS A 445 -13.10 0.05 12.77
N PRO A 446 -12.36 -0.31 13.87
CA PRO A 446 -11.00 0.17 14.09
C PRO A 446 -10.06 -0.33 13.00
N GLU A 447 -9.23 0.56 12.46
CA GLU A 447 -8.42 0.17 11.28
C GLU A 447 -7.07 -0.44 11.60
N ASP A 448 -6.13 0.30 12.16
CA ASP A 448 -4.79 -0.32 12.28
C ASP A 448 -4.46 -0.71 13.71
N PHE A 449 -5.34 -1.47 14.36
CA PHE A 449 -5.19 -1.83 15.80
C PHE A 449 -4.24 -3.01 15.97
N ALA A 450 -3.20 -2.79 16.77
CA ALA A 450 -2.23 -3.84 17.05
C ALA A 450 -2.03 -4.00 18.55
N LEU A 451 -2.33 -5.16 19.07
CA LEU A 451 -1.99 -5.43 20.49
C LEU A 451 -0.98 -6.57 20.51
N ARG A 452 -0.45 -6.88 21.68
CA ARG A 452 0.48 -8.02 21.84
C ARG A 452 -0.06 -8.87 22.99
N VAL A 453 0.16 -10.18 22.99
CA VAL A 453 -0.35 -11.07 24.03
C VAL A 453 0.78 -11.93 24.61
N ARG A 454 0.81 -12.05 25.94
CA ARG A 454 1.54 -13.17 26.55
C ARG A 454 0.59 -14.18 27.15
N GLU A 455 0.99 -15.44 27.13
CA GLU A 455 0.33 -16.43 27.98
C GLU A 455 0.31 -15.96 29.43
N ARG A 456 -0.80 -16.20 30.12
CA ARG A 456 -0.93 -15.80 31.51
C ARG A 456 -0.30 -16.86 32.41
N ARG A 457 0.62 -16.45 33.33
CA ARG A 457 1.26 -17.45 34.18
C ARG A 457 0.30 -17.93 35.27
N PRO A 458 0.35 -19.23 35.67
CA PRO A 458 -0.55 -19.73 36.72
C PRO A 458 -0.75 -18.78 37.89
N HIS A 459 0.36 -18.23 38.41
CA HIS A 459 0.30 -17.36 39.57
C HIS A 459 -0.33 -16.02 39.29
N GLU A 460 -0.73 -15.74 38.05
CA GLU A 460 -1.37 -14.48 37.66
C GLU A 460 -2.87 -14.63 37.48
N ARG A 461 -3.41 -15.83 37.72
CA ARG A 461 -4.85 -16.08 37.67
C ARG A 461 -5.47 -15.74 39.02
N PHE A 462 -6.61 -15.06 39.01
CA PHE A 462 -7.30 -14.74 40.26
C PHE A 462 -8.30 -15.85 40.64
N SER A 463 -7.78 -17.06 40.76
CA SER A 463 -8.61 -18.19 41.09
C SER A 463 -8.39 -18.58 42.55
N VAL A 464 -8.85 -19.78 42.91
CA VAL A 464 -8.64 -20.35 44.24
C VAL A 464 -7.90 -21.67 44.06
N PRO A 465 -6.81 -21.93 44.80
CA PRO A 465 -5.91 -23.04 44.44
C PRO A 465 -6.56 -24.41 44.50
N VAL A 466 -5.98 -25.36 43.75
CA VAL A 466 -6.44 -26.75 43.76
C VAL A 466 -6.08 -27.42 45.11
N LEU B 5 20.68 44.97 -22.04
CA LEU B 5 20.57 43.53 -21.78
C LEU B 5 19.12 43.07 -21.87
N ALA B 6 18.83 41.90 -21.29
CA ALA B 6 17.52 41.25 -21.38
C ALA B 6 17.18 40.41 -20.15
N PRO B 7 15.93 40.38 -19.72
CA PRO B 7 15.57 39.58 -18.54
C PRO B 7 15.32 38.14 -18.94
N ILE B 8 15.53 37.25 -18.00
CA ILE B 8 15.22 35.85 -18.30
C ILE B 8 13.71 35.66 -18.33
N PRO B 9 13.17 34.93 -19.31
CA PRO B 9 11.71 34.83 -19.45
C PRO B 9 11.06 34.12 -18.26
N SER B 10 9.82 34.50 -17.95
CA SER B 10 9.11 33.83 -16.87
C SER B 10 7.65 33.54 -17.23
N PRO B 11 7.12 32.38 -16.84
CA PRO B 11 5.73 32.09 -17.10
C PRO B 11 4.84 32.98 -16.21
N PRO B 12 3.63 33.27 -16.69
CA PRO B 12 2.84 34.33 -16.03
C PRO B 12 2.28 34.02 -14.65
N LYS B 13 2.50 32.85 -14.04
CA LYS B 13 2.18 32.67 -12.62
C LYS B 13 0.69 32.51 -12.27
N HIS B 14 0.38 31.59 -11.33
CA HIS B 14 -0.97 31.24 -10.91
C HIS B 14 -1.49 32.22 -9.84
N PRO B 15 -2.82 32.45 -9.77
CA PRO B 15 -3.34 33.31 -8.69
C PRO B 15 -3.04 32.76 -7.31
N GLN B 16 -3.39 31.50 -7.06
CA GLN B 16 -3.17 30.92 -5.73
C GLN B 16 -1.72 30.45 -5.55
N TYR B 17 -1.24 29.61 -6.47
CA TYR B 17 0.00 28.88 -6.25
C TYR B 17 1.26 29.64 -6.62
N GLY B 18 1.16 30.73 -7.37
CA GLY B 18 2.34 31.43 -7.82
C GLY B 18 3.10 30.63 -8.86
N HIS B 19 4.31 30.18 -8.54
CA HIS B 19 5.05 29.25 -9.39
C HIS B 19 5.18 27.89 -8.74
N LEU B 20 4.48 27.66 -7.61
CA LEU B 20 4.73 26.46 -6.81
C LEU B 20 4.22 25.20 -7.49
N HIS B 21 3.18 25.31 -8.33
CA HIS B 21 2.61 24.09 -8.89
C HIS B 21 3.58 23.38 -9.83
N TYR B 22 4.57 24.09 -10.37
CA TYR B 22 5.58 23.44 -11.21
C TYR B 22 6.48 22.49 -10.43
N LEU B 23 6.46 22.55 -9.09
CA LEU B 23 7.28 21.64 -8.30
C LEU B 23 6.50 20.44 -7.77
N ALA B 24 5.17 20.44 -7.94
CA ALA B 24 4.33 19.34 -7.51
C ALA B 24 4.58 18.11 -8.35
N GLY B 25 3.98 17.01 -7.92
CA GLY B 25 3.99 15.81 -8.74
C GLY B 25 5.11 14.88 -8.37
N ASP B 26 5.11 13.73 -9.02
CA ASP B 26 6.11 12.71 -8.74
C ASP B 26 7.42 12.93 -9.49
N ALA B 27 7.43 13.83 -10.49
CA ALA B 27 8.65 14.23 -11.17
C ALA B 27 8.43 15.62 -11.73
N PRO B 28 8.85 16.66 -11.02
CA PRO B 28 8.65 18.02 -11.52
C PRO B 28 9.55 18.38 -12.70
N VAL B 29 10.67 17.67 -12.87
CA VAL B 29 11.52 17.93 -14.02
C VAL B 29 10.74 17.82 -15.31
N LEU B 30 9.72 16.96 -15.34
CA LEU B 30 8.91 16.89 -16.55
C LEU B 30 8.04 18.13 -16.70
N ASN B 31 7.64 18.77 -15.58
CA ASN B 31 6.98 20.07 -15.66
C ASN B 31 7.90 21.12 -16.26
N PHE B 32 9.16 21.15 -15.79
CA PHE B 32 10.13 22.05 -16.41
C PHE B 32 10.30 21.74 -17.90
N PHE B 33 10.31 20.45 -18.25
CA PHE B 33 10.42 20.03 -19.65
C PHE B 33 9.30 20.60 -20.50
N GLN B 34 8.04 20.38 -20.09
CA GLN B 34 6.90 20.97 -20.79
C GLN B 34 7.00 22.49 -20.87
N LEU B 35 7.42 23.13 -19.77
CA LEU B 35 7.54 24.59 -19.80
C LEU B 35 8.57 25.03 -20.83
N ALA B 36 9.70 24.32 -20.92
CA ALA B 36 10.80 24.80 -21.75
C ALA B 36 10.44 24.72 -23.22
N ARG B 37 9.71 23.68 -23.61
CA ARG B 37 9.27 23.60 -25.00
C ARG B 37 8.30 24.71 -25.35
N GLN B 38 7.82 25.47 -24.37
CA GLN B 38 6.98 26.65 -24.58
C GLN B 38 7.79 27.88 -24.94
N ILE B 39 8.98 28.05 -24.37
CA ILE B 39 9.80 29.23 -24.58
C ILE B 39 11.09 28.77 -25.25
N PRO B 40 11.35 29.17 -26.50
CA PRO B 40 12.56 28.69 -27.20
C PRO B 40 13.81 29.53 -26.93
N GLU B 41 13.68 30.60 -26.14
CA GLU B 41 14.88 31.34 -25.74
C GLU B 41 15.95 30.42 -25.18
N GLY B 42 15.56 29.25 -24.67
CA GLY B 42 16.50 28.28 -24.18
C GLY B 42 16.84 28.37 -22.70
N LEU B 43 16.22 29.29 -21.95
CA LEU B 43 16.33 29.25 -20.49
C LEU B 43 15.18 30.05 -19.90
N PHE B 44 14.69 29.63 -18.75
CA PHE B 44 13.64 30.38 -18.08
C PHE B 44 13.91 30.42 -16.58
N GLN B 45 12.97 31.04 -15.86
CA GLN B 45 13.16 31.38 -14.45
C GLN B 45 11.83 31.31 -13.70
N LEU B 46 11.88 30.84 -12.44
CA LEU B 46 10.71 30.66 -11.58
C LEU B 46 11.02 31.17 -10.17
N ASP B 47 9.97 31.61 -9.49
CA ASP B 47 10.14 32.09 -8.11
C ASP B 47 9.75 30.94 -7.18
N ILE B 48 10.71 30.12 -6.80
CA ILE B 48 10.45 29.06 -5.80
C ILE B 48 10.54 29.71 -4.43
N GLN B 49 10.07 29.03 -3.39
CA GLN B 49 10.05 29.67 -2.05
C GLN B 49 11.48 30.02 -1.62
N GLY B 50 12.45 29.14 -1.91
CA GLY B 50 13.86 29.37 -1.55
C GLY B 50 14.53 30.56 -2.23
N ARG B 51 14.26 30.78 -3.53
CA ARG B 51 14.99 31.83 -4.31
C ARG B 51 14.50 31.86 -5.75
N THR B 52 15.40 32.14 -6.69
CA THR B 52 15.05 32.08 -8.12
C THR B 52 15.49 30.72 -8.69
N LEU B 53 14.61 30.03 -9.41
CA LEU B 53 15.04 28.78 -10.08
C LEU B 53 15.34 29.10 -11.53
N ILE B 54 16.55 28.80 -11.98
CA ILE B 54 16.88 29.03 -13.38
C ILE B 54 17.11 27.70 -14.07
N GLN B 55 16.37 27.47 -15.15
CA GLN B 55 16.48 26.25 -15.93
C GLN B 55 17.13 26.60 -17.26
N ALA B 56 18.22 25.93 -17.60
CA ALA B 56 18.96 26.20 -18.82
C ALA B 56 18.93 24.96 -19.70
N TYR B 57 18.64 25.17 -21.00
CA TYR B 57 18.52 24.07 -21.95
C TYR B 57 18.80 24.50 -23.40
N ASP B 58 19.30 25.71 -23.62
CA ASP B 58 19.76 26.07 -24.96
C ASP B 58 21.18 25.58 -25.14
N PRO B 59 21.49 24.83 -26.19
CA PRO B 59 22.83 24.21 -26.26
C PRO B 59 23.99 25.19 -26.23
N ASN B 60 23.85 26.41 -26.78
CA ASN B 60 24.95 27.36 -26.68
C ASN B 60 25.11 27.88 -25.24
N LEU B 61 24.00 28.29 -24.61
CA LEU B 61 24.03 28.69 -23.20
C LEU B 61 24.56 27.56 -22.33
N VAL B 62 24.21 26.32 -22.66
CA VAL B 62 24.74 25.19 -21.90
C VAL B 62 26.25 25.08 -22.09
N ALA B 63 26.76 25.32 -23.31
CA ALA B 63 28.21 25.36 -23.47
C ALA B 63 28.83 26.37 -22.51
N GLU B 64 28.23 27.57 -22.42
CA GLU B 64 28.77 28.58 -21.52
C GLU B 64 28.79 28.08 -20.08
N LEU B 65 27.71 27.44 -19.62
CA LEU B 65 27.66 27.00 -18.23
C LEU B 65 28.57 25.81 -17.96
N THR B 66 29.04 25.15 -19.02
CA THR B 66 30.05 24.11 -18.97
C THR B 66 31.45 24.65 -18.65
N ASP B 67 31.68 25.95 -18.83
CA ASP B 67 32.99 26.59 -18.64
C ASP B 67 33.34 26.54 -17.15
N GLU B 68 34.14 25.55 -16.76
CA GLU B 68 34.52 25.45 -15.35
C GLU B 68 35.28 26.68 -14.87
N ARG B 69 35.84 27.47 -15.78
CA ARG B 69 36.40 28.75 -15.37
C ARG B 69 35.31 29.70 -14.90
N ARG B 70 34.09 29.55 -15.39
CA ARG B 70 33.04 30.49 -15.05
C ARG B 70 31.94 29.89 -14.16
N PHE B 71 31.68 28.58 -14.24
CA PHE B 71 30.65 27.94 -13.41
C PHE B 71 31.12 26.56 -12.94
N GLN B 72 30.81 26.23 -11.68
CA GLN B 72 31.23 24.96 -11.12
C GLN B 72 30.15 24.38 -10.21
N LYS B 73 30.23 23.06 -10.01
CA LYS B 73 29.44 22.43 -8.96
C LYS B 73 29.83 23.04 -7.62
N ARG B 74 28.82 23.28 -6.78
CA ARG B 74 29.05 23.65 -5.39
C ARG B 74 28.16 22.80 -4.51
N VAL B 75 28.75 22.25 -3.44
CA VAL B 75 28.02 21.31 -2.59
C VAL B 75 26.89 22.03 -1.86
N HIS B 76 27.14 23.26 -1.39
CA HIS B 76 26.07 23.90 -0.62
C HIS B 76 24.90 24.16 -1.57
N PRO B 77 23.90 24.91 -1.12
CA PRO B 77 22.52 24.50 -1.36
C PRO B 77 22.31 23.02 -1.65
N ALA B 78 22.55 22.62 -2.90
CA ALA B 78 21.85 21.48 -3.50
C ALA B 78 22.21 20.13 -2.87
N TYR B 79 23.46 19.90 -2.52
CA TYR B 79 23.85 18.54 -2.06
C TYR B 79 24.12 18.41 -0.57
N THR B 80 23.71 19.37 0.24
CA THR B 80 24.01 19.34 1.70
C THR B 80 23.33 18.14 2.35
N ASN B 81 22.08 17.86 2.00
CA ASN B 81 21.32 16.77 2.68
C ASN B 81 21.91 15.39 2.36
N ILE B 82 22.26 15.13 1.11
CA ILE B 82 22.89 13.83 0.73
C ILE B 82 24.25 13.74 1.39
N ARG B 83 24.83 14.85 1.82
CA ARG B 83 26.16 14.87 2.50
C ARG B 83 26.07 14.11 3.82
N ASN B 84 24.88 13.96 4.37
CA ASN B 84 24.69 13.23 5.64
C ASN B 84 25.17 11.79 5.46
N LEU B 85 24.91 11.20 4.30
CA LEU B 85 25.34 9.80 4.02
C LEU B 85 26.70 9.71 3.34
N GLY B 86 27.08 10.68 2.49
CA GLY B 86 28.32 10.56 1.71
C GLY B 86 29.49 11.39 2.15
N GLY B 87 29.25 12.45 2.93
CA GLY B 87 30.35 13.27 3.50
C GLY B 87 31.28 13.92 2.50
N ASP B 88 32.58 13.72 2.66
CA ASP B 88 33.63 14.35 1.81
C ASP B 88 33.97 13.41 0.67
N GLY B 89 33.07 12.47 0.37
CA GLY B 89 33.24 11.57 -0.79
C GLY B 89 33.14 12.30 -2.09
N LEU B 90 33.44 11.64 -3.20
CA LEU B 90 33.55 12.37 -4.46
C LEU B 90 32.26 13.10 -4.81
N PHE B 91 31.11 12.50 -4.50
CA PHE B 91 29.85 13.06 -5.00
C PHE B 91 29.36 14.24 -4.16
N THR B 92 29.78 14.32 -2.90
CA THR B 92 29.20 15.25 -1.94
C THR B 92 30.19 16.30 -1.45
N SER B 93 31.43 16.29 -1.93
CA SER B 93 32.41 17.27 -1.49
C SER B 93 32.50 18.42 -2.49
N ASP B 94 33.27 19.44 -2.09
CA ASP B 94 33.58 20.56 -2.96
C ASP B 94 34.97 20.34 -3.53
N SER B 95 35.20 20.86 -4.74
CA SER B 95 36.49 20.62 -5.40
C SER B 95 37.66 21.01 -4.51
N PHE B 96 37.53 22.10 -3.76
CA PHE B 96 38.62 22.64 -2.97
C PHE B 96 38.80 21.99 -1.60
N GLU B 97 37.92 21.10 -1.19
CA GLU B 97 38.24 20.28 -0.03
C GLU B 97 39.34 19.31 -0.42
N PRO B 98 40.43 19.21 0.36
CA PRO B 98 41.57 18.36 -0.06
C PRO B 98 41.21 16.91 -0.38
N ASN B 99 40.19 16.35 0.28
CA ASN B 99 39.83 14.96 0.04
C ASN B 99 39.19 14.75 -1.33
N TRP B 100 38.44 15.74 -1.85
CA TRP B 100 37.94 15.61 -3.22
C TRP B 100 39.09 15.29 -4.16
N GLY B 101 40.08 16.19 -4.24
CA GLY B 101 41.23 15.98 -5.12
C GLY B 101 41.96 14.68 -4.84
N LYS B 102 42.28 14.43 -3.55
CA LYS B 102 42.97 13.19 -3.21
C LYS B 102 42.25 11.97 -3.77
N ALA B 103 40.97 11.81 -3.43
CA ALA B 103 40.23 10.62 -3.82
C ALA B 103 40.00 10.57 -5.33
N HIS B 104 39.89 11.75 -5.97
CA HIS B 104 39.73 11.81 -7.42
C HIS B 104 40.95 11.25 -8.14
N ARG B 105 42.15 11.70 -7.74
CA ARG B 105 43.37 11.21 -8.35
C ARG B 105 43.61 9.73 -8.00
N ILE B 106 43.21 9.29 -6.81
CA ILE B 106 43.41 7.88 -6.46
C ILE B 106 42.48 7.00 -7.28
N LEU B 107 41.25 7.45 -7.51
CA LEU B 107 40.25 6.56 -8.07
C LEU B 107 40.14 6.62 -9.59
N LEU B 108 40.60 7.72 -10.23
CA LEU B 108 40.36 7.84 -11.66
C LEU B 108 40.77 6.54 -12.33
N PRO B 109 41.99 6.08 -12.08
CA PRO B 109 42.51 4.93 -12.82
C PRO B 109 41.77 3.66 -12.54
N ALA B 110 41.17 3.52 -11.36
CA ALA B 110 40.39 2.32 -11.04
C ALA B 110 38.98 2.42 -11.60
N PHE B 111 38.66 3.50 -12.29
CA PHE B 111 37.36 3.69 -12.96
C PHE B 111 37.54 3.97 -14.44
N SER B 112 38.72 3.70 -14.99
CA SER B 112 38.99 3.87 -16.40
C SER B 112 38.49 2.67 -17.19
N GLN B 113 38.50 2.82 -18.52
CA GLN B 113 38.14 1.69 -19.37
C GLN B 113 39.12 0.54 -19.20
N ARG B 114 40.41 0.84 -19.10
CA ARG B 114 41.40 -0.23 -18.96
C ARG B 114 41.06 -1.12 -17.77
N ALA B 115 40.60 -0.52 -16.66
CA ALA B 115 40.39 -1.24 -15.42
C ALA B 115 39.11 -2.08 -15.38
N MET B 116 38.15 -1.86 -16.29
CA MET B 116 36.89 -2.62 -16.25
C MET B 116 37.12 -4.11 -16.37
N LYS B 117 38.15 -4.53 -17.12
CA LYS B 117 38.38 -5.95 -17.30
C LYS B 117 38.52 -6.66 -15.96
N GLY B 118 39.01 -5.96 -14.93
CA GLY B 118 39.23 -6.59 -13.64
C GLY B 118 37.99 -6.70 -12.78
N TYR B 119 36.95 -5.94 -13.10
CA TYR B 119 35.65 -6.08 -12.45
C TYR B 119 34.72 -7.02 -13.22
N PHE B 120 35.06 -7.35 -14.47
CA PHE B 120 34.13 -8.13 -15.31
C PHE B 120 33.55 -9.34 -14.57
N GLY B 121 34.41 -10.18 -13.96
CA GLY B 121 33.91 -11.42 -13.38
C GLY B 121 32.83 -11.20 -12.33
N GLN B 122 32.99 -10.15 -11.52
CA GLN B 122 31.98 -9.76 -10.52
C GLN B 122 30.69 -9.27 -11.21
N MET B 123 30.84 -8.39 -12.20
CA MET B 123 29.65 -7.99 -12.97
C MET B 123 28.89 -9.19 -13.46
N LEU B 124 29.62 -10.21 -13.93
CA LEU B 124 29.02 -11.38 -14.57
C LEU B 124 28.37 -12.27 -13.53
N GLU B 125 28.98 -12.40 -12.35
CA GLU B 125 28.37 -13.17 -11.28
C GLU B 125 26.98 -12.63 -10.94
N VAL B 126 26.88 -11.31 -10.68
CA VAL B 126 25.57 -10.76 -10.31
C VAL B 126 24.61 -10.86 -11.48
N ALA B 127 25.09 -10.56 -12.70
CA ALA B 127 24.23 -10.65 -13.87
C ALA B 127 23.64 -12.06 -14.02
N GLN B 128 24.47 -13.08 -13.79
CA GLN B 128 24.00 -14.45 -13.94
C GLN B 128 23.01 -14.83 -12.84
N ALA B 129 23.17 -14.27 -11.64
CA ALA B 129 22.14 -14.43 -10.62
C ALA B 129 20.81 -13.87 -11.11
N LEU B 130 20.83 -12.66 -11.69
CA LEU B 130 19.58 -12.10 -12.23
C LEU B 130 18.94 -13.05 -13.23
N VAL B 131 19.72 -13.47 -14.23
CA VAL B 131 19.19 -14.44 -15.19
C VAL B 131 18.59 -15.65 -14.48
N GLY B 132 19.21 -16.08 -13.38
CA GLY B 132 18.72 -17.25 -12.68
C GLY B 132 17.38 -17.01 -12.03
N LYS B 133 17.24 -15.88 -11.34
CA LYS B 133 15.93 -15.59 -10.77
C LYS B 133 14.88 -15.52 -11.85
N TRP B 134 15.18 -14.87 -12.97
CA TRP B 134 14.17 -14.75 -14.02
C TRP B 134 13.88 -16.10 -14.67
N GLU B 135 14.87 -17.01 -14.67
CA GLU B 135 14.63 -18.38 -15.10
C GLU B 135 13.63 -19.07 -14.20
N ARG B 136 13.82 -18.95 -12.89
CA ARG B 136 12.97 -19.71 -11.97
C ARG B 136 11.54 -19.18 -11.89
N THR B 137 11.32 -17.94 -12.33
CA THR B 137 10.03 -17.28 -12.14
C THR B 137 9.34 -16.99 -13.48
N GLN B 138 9.46 -17.89 -14.44
CA GLN B 138 8.99 -17.59 -15.80
C GLN B 138 7.46 -17.49 -15.85
N GLY B 139 6.95 -16.47 -16.55
CA GLY B 139 5.53 -16.25 -16.57
C GLY B 139 4.97 -15.60 -15.32
N GLN B 140 5.79 -15.40 -14.29
CA GLN B 140 5.46 -14.52 -13.19
C GLN B 140 5.86 -13.08 -13.53
N ASP B 141 5.22 -12.12 -12.86
CA ASP B 141 5.59 -10.73 -13.05
C ASP B 141 7.04 -10.55 -12.62
N VAL B 142 7.84 -9.93 -13.47
CA VAL B 142 9.18 -9.52 -13.12
C VAL B 142 9.08 -8.05 -12.79
N ARG B 143 9.31 -7.68 -11.53
CA ARG B 143 9.25 -6.27 -11.13
C ARG B 143 10.54 -5.62 -11.61
N VAL B 144 10.45 -4.89 -12.72
CA VAL B 144 11.65 -4.47 -13.44
C VAL B 144 12.53 -3.60 -12.55
N ALA B 145 11.97 -2.50 -12.04
CA ALA B 145 12.78 -1.59 -11.26
C ALA B 145 13.41 -2.33 -10.09
N ASP B 146 12.64 -3.18 -9.39
CA ASP B 146 13.17 -3.91 -8.24
C ASP B 146 14.37 -4.76 -8.63
N ASP B 147 14.22 -5.58 -9.68
CA ASP B 147 15.30 -6.50 -10.00
C ASP B 147 16.53 -5.77 -10.56
N MET B 148 16.33 -4.60 -11.22
CA MET B 148 17.48 -3.77 -11.60
C MET B 148 18.16 -3.16 -10.37
N THR B 149 17.38 -2.78 -9.36
CA THR B 149 17.97 -2.25 -8.14
C THR B 149 18.77 -3.33 -7.46
N ARG B 150 18.29 -4.56 -7.54
CA ARG B 150 19.05 -5.70 -7.04
C ARG B 150 20.36 -5.88 -7.81
N LEU B 151 20.28 -5.98 -9.14
CA LEU B 151 21.47 -6.15 -9.96
C LEU B 151 22.52 -5.08 -9.67
N THR B 152 22.12 -3.80 -9.69
CA THR B 152 23.13 -2.75 -9.54
C THR B 152 23.65 -2.61 -8.10
N LEU B 153 22.79 -2.74 -7.08
CA LEU B 153 23.28 -2.68 -5.70
C LEU B 153 24.28 -3.79 -5.43
N ASP B 154 23.95 -5.03 -5.82
CA ASP B 154 24.87 -6.14 -5.59
C ASP B 154 26.17 -5.97 -6.36
N THR B 155 26.08 -5.65 -7.66
CA THR B 155 27.28 -5.46 -8.46
C THR B 155 28.19 -4.42 -7.83
N ILE B 156 27.65 -3.25 -7.49
CA ILE B 156 28.57 -2.23 -7.01
C ILE B 156 29.07 -2.57 -5.61
N SER B 157 28.28 -3.26 -4.78
CA SER B 157 28.81 -3.69 -3.48
C SER B 157 29.93 -4.71 -3.63
N LEU B 158 29.79 -5.66 -4.56
CA LEU B 158 30.77 -6.74 -4.75
C LEU B 158 32.05 -6.24 -5.41
N SER B 159 31.93 -5.30 -6.37
CA SER B 159 33.13 -4.67 -6.90
C SER B 159 33.72 -3.68 -5.93
N GLY B 160 32.91 -3.04 -5.10
CA GLY B 160 33.40 -1.96 -4.28
C GLY B 160 34.08 -2.45 -3.02
N PHE B 161 33.45 -3.36 -2.28
CA PHE B 161 34.10 -3.84 -1.07
C PHE B 161 33.91 -5.34 -0.90
N ASP B 162 33.92 -6.08 -2.01
CA ASP B 162 33.96 -7.55 -2.00
C ASP B 162 32.91 -8.14 -1.05
N TYR B 163 31.78 -7.47 -0.90
CA TYR B 163 30.69 -7.98 -0.06
C TYR B 163 29.56 -8.52 -0.94
N ARG B 164 29.00 -9.70 -0.58
CA ARG B 164 27.91 -10.34 -1.34
C ARG B 164 26.60 -10.19 -0.57
N PHE B 165 25.72 -9.30 -1.04
CA PHE B 165 24.41 -9.18 -0.40
C PHE B 165 23.40 -10.21 -0.92
N ARG B 166 23.78 -10.98 -1.95
CA ARG B 166 23.00 -12.08 -2.50
C ARG B 166 21.52 -11.72 -2.58
N SER B 167 21.23 -10.64 -3.30
CA SER B 167 19.87 -10.14 -3.28
C SER B 167 18.93 -10.91 -4.19
N PHE B 168 19.42 -11.90 -4.95
CA PHE B 168 18.57 -12.65 -5.86
C PHE B 168 18.08 -13.96 -5.28
N ASP B 169 18.34 -14.19 -3.98
CA ASP B 169 17.93 -15.44 -3.33
C ASP B 169 16.66 -15.28 -2.49
N LYS B 170 16.38 -14.07 -2.02
CA LYS B 170 15.24 -13.77 -1.17
C LYS B 170 14.65 -12.44 -1.60
N ASP B 171 13.34 -12.28 -1.41
CA ASP B 171 12.76 -10.95 -1.58
C ASP B 171 13.22 -9.97 -0.51
N GLU B 172 13.43 -10.44 0.73
CA GLU B 172 14.16 -9.65 1.72
C GLU B 172 15.44 -9.10 1.13
N LEU B 173 15.67 -7.79 1.31
CA LEU B 173 17.04 -7.29 1.16
C LEU B 173 17.78 -7.43 2.48
N HIS B 174 19.08 -7.65 2.37
CA HIS B 174 19.92 -7.64 3.56
C HIS B 174 19.73 -6.33 4.32
N PRO B 175 19.63 -6.36 5.66
CA PRO B 175 19.26 -5.13 6.40
C PRO B 175 20.08 -3.90 6.04
N PHE B 176 21.37 -4.04 5.76
CA PHE B 176 22.18 -2.90 5.33
C PHE B 176 21.48 -2.16 4.19
N LEU B 177 20.95 -2.89 3.21
CA LEU B 177 20.35 -2.27 2.03
C LEU B 177 18.96 -1.73 2.31
N GLN B 178 18.21 -2.37 3.22
CA GLN B 178 16.97 -1.76 3.70
C GLN B 178 17.23 -0.43 4.40
N ALA B 179 18.32 -0.36 5.17
CA ALA B 179 18.67 0.90 5.79
C ALA B 179 19.10 1.93 4.75
N LEU B 180 19.91 1.53 3.76
CA LEU B 180 20.24 2.42 2.66
C LEU B 180 18.98 3.01 2.02
N ALA B 181 17.97 2.17 1.78
CA ALA B 181 16.74 2.63 1.14
C ALA B 181 16.00 3.63 2.00
N ARG B 182 15.78 3.29 3.28
CA ARG B 182 15.11 4.23 4.20
C ARG B 182 15.87 5.54 4.27
N ALA B 183 17.21 5.47 4.36
CA ALA B 183 18.02 6.68 4.50
C ALA B 183 17.91 7.56 3.27
N MET B 184 17.95 6.94 2.06
CA MET B 184 17.85 7.70 0.82
C MET B 184 16.52 8.41 0.72
N HIS B 185 15.43 7.67 0.96
CA HIS B 185 14.12 8.31 0.91
C HIS B 185 14.02 9.46 1.89
N HIS B 186 14.52 9.28 3.12
CA HIS B 186 14.38 10.34 4.11
C HIS B 186 15.21 11.56 3.73
N THR B 187 16.43 11.33 3.22
CA THR B 187 17.28 12.44 2.77
C THR B 187 16.57 13.29 1.75
N MET B 188 15.91 12.65 0.78
CA MET B 188 15.13 13.45 -0.16
C MET B 188 13.99 14.17 0.54
N THR B 189 13.38 13.53 1.55
CA THR B 189 12.29 14.19 2.26
C THR B 189 12.74 15.46 2.96
N MET B 190 14.05 15.56 3.26
CA MET B 190 14.57 16.72 4.02
C MET B 190 14.43 18.00 3.21
N PHE B 191 14.05 17.89 1.93
CA PHE B 191 13.81 19.10 1.10
C PHE B 191 12.60 19.85 1.65
N SER B 192 11.55 19.11 2.05
CA SER B 192 10.35 19.74 2.66
C SER B 192 10.58 19.90 4.17
N ARG B 193 10.05 18.99 4.98
CA ARG B 193 10.22 19.02 6.47
C ARG B 193 9.82 20.39 7.05
N PRO B 194 8.52 20.64 7.30
CA PRO B 194 8.06 21.94 7.81
C PRO B 194 8.78 22.40 9.09
N PRO B 195 9.02 23.71 9.27
CA PRO B 195 9.65 24.24 10.49
C PRO B 195 8.96 23.74 11.77
N VAL B 196 7.63 23.63 11.76
CA VAL B 196 6.88 23.09 12.94
C VAL B 196 7.24 21.61 13.10
N LEU B 197 8.21 21.29 13.96
CA LEU B 197 8.66 19.88 14.12
C LEU B 197 7.61 19.09 14.90
N THR B 198 6.80 18.27 14.21
CA THR B 198 5.75 17.54 14.89
C THR B 198 6.31 16.23 15.46
N PRO B 199 5.57 15.55 16.40
CA PRO B 199 6.15 14.43 17.15
C PRO B 199 6.60 13.24 16.30
N GLU B 200 6.16 13.24 15.04
CA GLU B 200 6.39 12.16 14.06
C GLU B 200 7.81 12.17 13.49
N MET B 201 8.19 13.27 12.82
CA MET B 201 9.46 13.32 12.09
C MET B 201 10.67 13.52 13.01
N GLU B 202 10.49 13.93 14.26
CA GLU B 202 11.59 13.89 15.23
C GLU B 202 12.04 12.45 15.48
N GLU B 203 11.08 11.56 15.74
CA GLU B 203 11.42 10.15 15.89
C GLU B 203 11.93 9.58 14.58
N ALA B 204 11.37 10.04 13.44
CA ALA B 204 11.95 9.65 12.16
C ALA B 204 13.44 10.02 12.08
N ASP B 205 13.79 11.24 12.51
CA ASP B 205 15.19 11.68 12.52
C ASP B 205 16.06 10.76 13.37
N ARG B 206 15.60 10.43 14.58
CA ARG B 206 16.35 9.47 15.40
C ARG B 206 16.63 8.20 14.61
N ALA B 207 15.57 7.62 14.03
CA ALA B 207 15.74 6.42 13.22
C ALA B 207 16.76 6.65 12.11
N TYR B 208 16.71 7.82 11.47
CA TYR B 208 17.53 8.08 10.29
C TYR B 208 19.01 8.11 10.66
N TRP B 209 19.35 8.89 11.68
CA TRP B 209 20.75 8.96 12.07
C TRP B 209 21.24 7.62 12.61
N ALA B 210 20.35 6.86 13.28
CA ALA B 210 20.67 5.48 13.64
C ALA B 210 21.00 4.64 12.40
N ASP B 211 20.15 4.70 11.37
CA ASP B 211 20.38 3.98 10.12
C ASP B 211 21.74 4.32 9.53
N ILE B 212 22.01 5.62 9.38
CA ILE B 212 23.31 6.03 8.87
C ILE B 212 24.40 5.39 9.72
N ALA B 213 24.20 5.40 11.04
CA ALA B 213 25.16 4.80 11.96
C ALA B 213 25.35 3.31 11.68
N SER B 214 24.25 2.60 11.39
CA SER B 214 24.32 1.15 11.24
C SER B 214 25.04 0.78 9.95
N MET B 215 24.82 1.57 8.89
CA MET B 215 25.59 1.41 7.67
C MET B 215 27.08 1.73 7.88
N ASN B 216 27.38 2.89 8.48
CA ASN B 216 28.77 3.20 8.80
C ASN B 216 29.39 2.04 9.58
N GLU B 217 28.62 1.40 10.45
CA GLU B 217 29.17 0.32 11.26
C GLU B 217 29.55 -0.90 10.43
N LEU B 218 28.67 -1.36 9.53
CA LEU B 218 29.07 -2.49 8.67
C LEU B 218 30.30 -2.15 7.84
N VAL B 219 30.35 -0.93 7.27
CA VAL B 219 31.48 -0.57 6.40
C VAL B 219 32.78 -0.50 7.19
N ASP B 220 32.76 0.19 8.34
CA ASP B 220 33.95 0.27 9.20
C ASP B 220 34.43 -1.11 9.61
N GLU B 221 33.51 -2.00 9.95
CA GLU B 221 33.93 -3.35 10.31
C GLU B 221 34.57 -4.06 9.13
N VAL B 222 34.07 -3.85 7.91
CA VAL B 222 34.70 -4.48 6.75
C VAL B 222 36.11 -3.93 6.56
N ILE B 223 36.24 -2.61 6.60
CA ILE B 223 37.54 -1.97 6.49
C ILE B 223 38.50 -2.55 7.52
N ARG B 224 38.05 -2.66 8.76
CA ARG B 224 38.89 -3.19 9.83
C ARG B 224 39.29 -4.63 9.55
N GLU B 225 38.33 -5.52 9.35
CA GLU B 225 38.67 -6.93 9.17
C GLU B 225 39.71 -7.04 8.05
N ARG B 226 39.58 -6.26 6.99
CA ARG B 226 40.51 -6.42 5.85
C ARG B 226 41.90 -5.98 6.27
N ARG B 227 42.02 -4.84 6.94
CA ARG B 227 43.35 -4.33 7.34
C ARG B 227 43.97 -5.30 8.35
N GLY B 228 43.15 -5.88 9.21
CA GLY B 228 43.65 -6.86 10.18
C GLY B 228 44.21 -8.05 9.45
N HIS B 229 43.54 -8.51 8.41
CA HIS B 229 44.12 -9.58 7.57
C HIS B 229 45.09 -8.90 6.60
N GLY B 230 45.76 -9.63 5.73
CA GLY B 230 46.64 -8.99 4.72
C GLY B 230 46.50 -7.48 4.62
N GLY B 231 45.31 -6.95 4.29
CA GLY B 231 45.14 -5.50 4.09
C GLY B 231 45.08 -5.08 2.65
N GLY B 232 44.84 -6.00 1.70
CA GLY B 232 44.67 -5.54 0.30
C GLY B 232 43.80 -6.44 -0.58
N GLY B 233 43.90 -6.29 -1.91
CA GLY B 233 43.14 -7.11 -2.88
C GLY B 233 41.73 -6.61 -3.10
N GLY B 234 40.84 -7.45 -3.64
CA GLY B 234 39.41 -7.05 -3.75
C GLY B 234 39.23 -5.71 -4.42
N ASP B 235 39.73 -5.59 -5.65
CA ASP B 235 39.73 -4.32 -6.40
C ASP B 235 39.38 -3.02 -5.66
N LEU B 236 38.11 -2.62 -5.54
CA LEU B 236 37.88 -1.24 -5.06
C LEU B 236 38.32 -0.90 -3.63
N LEU B 237 38.03 -1.72 -2.63
CA LEU B 237 38.45 -1.32 -1.25
C LEU B 237 39.97 -1.36 -1.20
N GLY B 238 40.57 -2.37 -1.82
CA GLY B 238 42.02 -2.54 -1.76
C GLY B 238 42.74 -1.36 -2.35
N LEU B 239 42.28 -0.86 -3.49
CA LEU B 239 43.05 0.24 -4.09
C LEU B 239 42.99 1.37 -3.09
N MET B 240 41.81 1.63 -2.56
CA MET B 240 41.67 2.78 -1.65
C MET B 240 42.53 2.55 -0.41
N LEU B 241 42.58 1.31 0.08
CA LEU B 241 43.32 1.01 1.33
C LEU B 241 44.82 1.24 1.14
N ASN B 242 45.36 0.91 -0.03
CA ASN B 242 46.84 0.97 -0.22
C ASN B 242 47.28 2.16 -1.07
N ALA B 243 46.75 2.32 -2.28
CA ALA B 243 47.13 3.40 -3.18
C ALA B 243 47.40 4.70 -2.44
N THR B 244 48.39 5.44 -2.93
CA THR B 244 48.72 6.79 -2.48
C THR B 244 48.43 7.80 -3.60
N ASP B 245 48.05 9.00 -3.21
CA ASP B 245 47.94 10.13 -4.12
C ASP B 245 49.31 10.44 -4.74
N PRO B 246 49.45 10.39 -6.07
CA PRO B 246 50.71 10.82 -6.69
C PRO B 246 51.06 12.29 -6.46
N GLU B 247 50.14 13.10 -5.92
CA GLU B 247 50.37 14.54 -5.77
C GLU B 247 50.59 15.02 -4.34
N THR B 248 50.25 14.22 -3.32
CA THR B 248 50.58 14.54 -1.95
C THR B 248 51.19 13.37 -1.18
N GLY B 249 51.53 12.27 -1.86
CA GLY B 249 52.02 11.07 -1.22
C GLY B 249 51.11 10.45 -0.18
N GLU B 250 50.01 11.09 0.20
CA GLU B 250 49.13 10.60 1.26
C GLU B 250 48.27 9.42 0.80
N ARG B 251 47.87 8.58 1.78
CA ARG B 251 46.77 7.64 1.56
C ARG B 251 45.45 8.35 1.88
N LEU B 252 44.34 7.64 1.68
CA LEU B 252 43.03 8.12 2.07
C LEU B 252 42.73 7.66 3.49
N SER B 253 42.17 8.57 4.29
CA SER B 253 41.85 8.24 5.70
C SER B 253 40.73 7.20 5.72
N ASP B 254 40.60 6.43 6.81
CA ASP B 254 39.59 5.34 6.85
C ASP B 254 38.19 5.94 6.73
N GLU B 255 37.94 7.04 7.44
CA GLU B 255 36.61 7.69 7.39
C GLU B 255 36.33 8.17 5.96
N ASN B 256 37.33 8.75 5.30
CA ASN B 256 37.15 9.22 3.91
C ASN B 256 36.85 8.04 2.99
N ILE B 257 37.53 6.90 3.19
CA ILE B 257 37.30 5.69 2.36
C ILE B 257 35.86 5.22 2.57
N ARG B 258 35.38 5.25 3.82
CA ARG B 258 33.98 4.85 4.12
C ARG B 258 33.04 5.80 3.38
N TYR B 259 33.35 7.10 3.40
CA TYR B 259 32.49 8.11 2.72
C TYR B 259 32.48 7.82 1.22
N GLN B 260 33.62 7.46 0.64
CA GLN B 260 33.73 7.16 -0.81
C GLN B 260 32.88 5.93 -1.14
N VAL B 261 32.92 4.92 -0.27
CA VAL B 261 32.09 3.69 -0.48
C VAL B 261 30.61 4.11 -0.44
N MET B 262 30.25 4.99 0.50
CA MET B 262 28.84 5.43 0.62
C MET B 262 28.46 6.17 -0.67
N THR B 263 29.36 7.00 -1.19
CA THR B 263 29.11 7.79 -2.42
C THR B 263 28.90 6.82 -3.60
N PHE B 264 29.72 5.77 -3.70
CA PHE B 264 29.55 4.79 -4.80
C PHE B 264 28.18 4.14 -4.66
N LEU B 265 27.81 3.77 -3.42
CA LEU B 265 26.50 3.09 -3.22
C LEU B 265 25.36 4.03 -3.61
N ILE B 266 25.50 5.33 -3.33
CA ILE B 266 24.39 6.29 -3.57
C ILE B 266 24.38 6.75 -5.03
N ALA B 267 25.55 6.97 -5.63
CA ALA B 267 25.55 7.57 -6.94
C ALA B 267 25.50 6.51 -8.06
N GLY B 268 25.98 5.28 -7.79
CA GLY B 268 25.65 4.11 -8.57
C GLY B 268 24.25 3.60 -8.26
N HIS B 269 24.05 2.32 -8.40
CA HIS B 269 22.75 1.75 -7.98
C HIS B 269 21.57 2.40 -8.68
N GLU B 270 21.05 3.51 -8.17
CA GLU B 270 19.76 3.99 -8.68
C GLU B 270 19.87 4.57 -10.08
N THR B 271 20.95 5.29 -10.39
CA THR B 271 21.20 5.70 -11.76
C THR B 271 21.26 4.51 -12.71
N THR B 272 22.10 3.52 -12.39
CA THR B 272 22.32 2.41 -13.33
C THR B 272 21.06 1.56 -13.48
N SER B 273 20.36 1.30 -12.37
CA SER B 273 19.10 0.58 -12.47
C SER B 273 18.08 1.39 -13.24
N GLY B 274 18.11 2.73 -13.10
CA GLY B 274 17.23 3.55 -13.90
C GLY B 274 17.51 3.43 -15.40
N LEU B 275 18.80 3.49 -15.77
CA LEU B 275 19.16 3.33 -17.18
C LEU B 275 18.69 1.99 -17.72
N LEU B 276 18.84 0.91 -16.93
CA LEU B 276 18.42 -0.41 -17.40
C LEU B 276 16.90 -0.49 -17.56
N ALA B 277 16.14 -0.04 -16.56
CA ALA B 277 14.68 -0.13 -16.64
C ALA B 277 14.14 0.74 -17.76
N PHE B 278 14.65 1.97 -17.89
CA PHE B 278 14.30 2.83 -19.00
C PHE B 278 14.62 2.18 -20.35
N THR B 279 15.81 1.55 -20.46
CA THR B 279 16.15 0.94 -21.74
C THR B 279 15.23 -0.22 -22.05
N LEU B 280 14.94 -1.07 -21.06
CA LEU B 280 14.01 -2.16 -21.29
C LEU B 280 12.68 -1.63 -21.80
N TYR B 281 12.20 -0.54 -21.18
CA TYR B 281 10.96 0.09 -21.63
C TYR B 281 11.05 0.56 -23.08
N LEU B 282 12.19 1.17 -23.44
CA LEU B 282 12.35 1.69 -24.79
C LEU B 282 12.41 0.57 -25.82
N LEU B 283 13.17 -0.49 -25.54
CA LEU B 283 13.20 -1.65 -26.44
C LEU B 283 11.83 -2.31 -26.56
N LEU B 284 11.02 -2.24 -25.49
CA LEU B 284 9.63 -2.70 -25.60
C LEU B 284 8.77 -1.78 -26.44
N ARG B 285 9.13 -0.49 -26.54
CA ARG B 285 8.30 0.44 -27.30
C ARG B 285 8.85 0.71 -28.68
N HIS B 286 10.05 0.24 -28.98
CA HIS B 286 10.63 0.35 -30.31
C HIS B 286 11.16 -1.03 -30.67
N PRO B 287 10.25 -1.99 -30.88
CA PRO B 287 10.68 -3.40 -30.98
C PRO B 287 11.64 -3.68 -32.12
N HIS B 288 11.75 -2.80 -33.12
CA HIS B 288 12.70 -3.07 -34.20
C HIS B 288 14.13 -2.96 -33.70
N VAL B 289 14.44 -1.87 -33.00
CA VAL B 289 15.69 -1.77 -32.25
C VAL B 289 15.94 -3.04 -31.44
N LEU B 290 14.87 -3.58 -30.84
CA LEU B 290 15.04 -4.82 -30.08
C LEU B 290 15.44 -5.96 -31.00
N ALA B 291 14.78 -6.10 -32.15
CA ALA B 291 15.21 -7.16 -33.07
C ALA B 291 16.68 -7.01 -33.41
N GLN B 292 17.16 -5.78 -33.57
CA GLN B 292 18.57 -5.57 -33.86
C GLN B 292 19.44 -6.07 -32.72
N ALA B 293 18.98 -5.84 -31.47
CA ALA B 293 19.70 -6.34 -30.29
C ALA B 293 19.69 -7.86 -30.24
N TYR B 294 18.56 -8.48 -30.60
CA TYR B 294 18.52 -9.93 -30.60
C TYR B 294 19.51 -10.48 -31.63
N ALA B 295 19.54 -9.85 -32.81
CA ALA B 295 20.49 -10.26 -33.86
C ALA B 295 21.93 -10.17 -33.36
N GLU B 296 22.29 -9.05 -32.74
CA GLU B 296 23.66 -8.89 -32.23
C GLU B 296 23.98 -9.96 -31.20
N VAL B 297 23.08 -10.20 -30.26
CA VAL B 297 23.40 -11.10 -29.17
C VAL B 297 23.50 -12.53 -29.68
N ASP B 298 22.65 -12.90 -30.64
CA ASP B 298 22.74 -14.23 -31.22
C ASP B 298 23.99 -14.39 -32.10
N ARG B 299 24.57 -13.29 -32.60
CA ARG B 299 25.87 -13.40 -33.27
C ARG B 299 26.98 -13.66 -32.27
N LEU B 300 27.08 -12.84 -31.21
CA LEU B 300 28.24 -12.91 -30.33
C LEU B 300 28.17 -14.02 -29.27
N LEU B 301 26.97 -14.45 -28.84
CA LEU B 301 26.83 -15.52 -27.84
C LEU B 301 25.86 -16.58 -28.33
N PRO B 302 26.22 -17.34 -29.36
CA PRO B 302 25.36 -18.45 -29.77
C PRO B 302 25.28 -19.49 -28.67
N GLY B 303 24.17 -20.25 -28.66
CA GLY B 303 24.04 -21.33 -27.69
C GLY B 303 23.99 -20.79 -26.27
N ASP B 304 24.62 -21.51 -25.34
CA ASP B 304 24.74 -21.03 -23.97
C ASP B 304 26.15 -20.53 -23.68
N ALA B 305 26.77 -19.87 -24.64
CA ALA B 305 28.11 -19.34 -24.44
C ALA B 305 28.13 -18.38 -23.25
N VAL B 306 29.30 -18.23 -22.67
CA VAL B 306 29.51 -17.31 -21.55
C VAL B 306 30.39 -16.18 -22.05
N PRO B 307 29.94 -14.93 -21.97
CA PRO B 307 30.71 -13.83 -22.55
C PRO B 307 31.89 -13.47 -21.68
N THR B 308 32.88 -12.83 -22.31
CA THR B 308 34.02 -12.24 -21.62
C THR B 308 34.04 -10.74 -21.88
N TYR B 309 34.96 -10.06 -21.19
CA TYR B 309 35.12 -8.63 -21.42
C TYR B 309 35.40 -8.33 -22.90
N ASP B 310 36.12 -9.23 -23.57
CA ASP B 310 36.19 -9.22 -25.03
C ASP B 310 34.80 -9.00 -25.60
N THR B 311 33.87 -9.91 -25.26
CA THR B 311 32.54 -9.95 -25.86
C THR B 311 31.81 -8.61 -25.73
N VAL B 312 31.82 -8.04 -24.52
CA VAL B 312 31.13 -6.77 -24.29
C VAL B 312 31.78 -5.67 -25.12
N MET B 313 33.12 -5.74 -25.25
CA MET B 313 33.82 -4.68 -25.95
C MET B 313 33.63 -4.72 -27.46
N ARG B 314 33.35 -5.90 -28.04
CA ARG B 314 33.00 -5.90 -29.47
C ARG B 314 31.50 -5.80 -29.69
N LEU B 315 30.73 -5.37 -28.69
CA LEU B 315 29.32 -5.01 -28.93
C LEU B 315 29.24 -3.68 -29.66
N ASP B 316 28.14 -3.50 -30.40
CA ASP B 316 27.94 -2.23 -31.09
C ASP B 316 26.49 -1.75 -31.01
N VAL B 317 25.54 -2.67 -31.18
CA VAL B 317 24.14 -2.26 -31.22
C VAL B 317 23.64 -1.93 -29.82
N ILE B 318 24.00 -2.74 -28.83
CA ILE B 318 23.64 -2.50 -27.43
C ILE B 318 24.31 -1.23 -26.89
N PRO B 319 25.59 -0.95 -27.18
CA PRO B 319 26.17 0.32 -26.70
C PRO B 319 25.46 1.56 -27.24
N ARG B 320 25.01 1.50 -28.50
CA ARG B 320 24.26 2.63 -29.02
C ARG B 320 22.83 2.67 -28.47
N ILE B 321 22.20 1.50 -28.27
CA ILE B 321 20.93 1.46 -27.55
C ILE B 321 21.06 2.22 -26.23
N LEU B 322 22.17 2.00 -25.52
CA LEU B 322 22.35 2.65 -24.22
C LEU B 322 22.55 4.16 -24.38
N ASP B 323 23.37 4.57 -25.35
CA ASP B 323 23.62 6.01 -25.55
C ASP B 323 22.31 6.76 -25.85
N GLU B 324 21.50 6.19 -26.75
CA GLU B 324 20.26 6.87 -27.15
C GLU B 324 19.22 6.81 -26.03
N ALA B 325 19.19 5.69 -25.28
CA ALA B 325 18.36 5.65 -24.07
C ALA B 325 18.74 6.78 -23.12
N LEU B 326 20.04 7.04 -22.94
CA LEU B 326 20.45 8.10 -22.03
C LEU B 326 20.04 9.48 -22.57
N ARG B 327 20.06 9.68 -23.88
CA ARG B 327 19.54 10.93 -24.43
C ARG B 327 18.07 11.11 -24.06
N PHE B 328 17.27 10.06 -24.27
CA PHE B 328 15.83 10.11 -23.99
C PHE B 328 15.52 10.38 -22.51
N TRP B 329 16.19 9.63 -21.61
CA TRP B 329 15.83 9.59 -20.18
C TRP B 329 17.07 9.55 -19.29
N SER B 330 17.94 10.55 -19.38
CA SER B 330 19.07 10.63 -18.47
C SER B 330 18.58 10.52 -17.02
N THR B 331 19.22 9.63 -16.27
CA THR B 331 18.66 9.27 -14.97
C THR B 331 19.01 10.26 -13.86
N ILE B 332 20.01 11.12 -14.03
CA ILE B 332 20.08 12.31 -13.17
C ILE B 332 19.73 13.49 -14.07
N PRO B 333 18.48 13.94 -14.08
CA PRO B 333 18.03 14.85 -15.13
C PRO B 333 18.24 16.33 -14.87
N ASN B 334 18.61 16.78 -13.65
CA ASN B 334 18.58 18.22 -13.40
C ASN B 334 19.73 18.73 -12.55
N TYR B 335 20.93 18.15 -12.66
CA TYR B 335 22.01 18.70 -11.85
C TYR B 335 22.34 20.11 -12.29
N ALA B 336 22.93 20.88 -11.38
CA ALA B 336 23.17 22.29 -11.63
C ALA B 336 24.63 22.65 -11.40
N VAL B 337 24.99 23.87 -11.86
CA VAL B 337 26.30 24.48 -11.68
C VAL B 337 26.08 25.89 -11.17
N THR B 338 27.01 26.35 -10.33
CA THR B 338 26.84 27.63 -9.64
C THR B 338 27.75 28.70 -10.22
N ALA B 339 27.28 29.95 -10.16
CA ALA B 339 28.01 31.08 -10.72
C ALA B 339 29.17 31.45 -9.80
N LEU B 340 30.40 31.31 -10.31
CA LEU B 340 31.56 31.67 -9.51
C LEU B 340 31.62 33.17 -9.28
N GLN B 341 31.37 33.97 -10.32
CA GLN B 341 31.35 35.42 -10.23
C GLN B 341 30.11 35.92 -10.95
N ASP B 342 29.70 37.16 -10.65
CA ASP B 342 28.66 37.78 -11.46
C ASP B 342 28.99 37.52 -12.93
N GLU B 343 27.99 37.18 -13.74
CA GLU B 343 28.29 36.75 -15.09
C GLU B 343 27.19 37.17 -16.06
N VAL B 344 27.49 36.99 -17.35
CA VAL B 344 26.57 37.28 -18.44
C VAL B 344 26.61 36.09 -19.37
N ILE B 345 25.45 35.49 -19.64
CA ILE B 345 25.37 34.35 -20.54
C ILE B 345 24.59 34.74 -21.79
N GLY B 346 25.04 34.21 -22.94
CA GLY B 346 24.41 34.53 -24.20
C GLY B 346 24.59 35.96 -24.65
N GLY B 347 25.48 36.70 -23.98
CA GLY B 347 25.62 38.12 -24.20
C GLY B 347 24.37 38.90 -23.85
N LYS B 348 23.47 38.26 -23.10
CA LYS B 348 22.14 38.84 -22.93
C LYS B 348 21.69 38.82 -21.48
N TYR B 349 21.95 37.73 -20.77
CA TYR B 349 21.28 37.48 -19.49
C TYR B 349 22.25 37.64 -18.34
N GLU B 350 21.78 38.31 -17.30
CA GLU B 350 22.55 38.54 -16.09
C GLU B 350 22.41 37.35 -15.15
N ILE B 351 23.53 36.97 -14.53
CA ILE B 351 23.57 35.92 -13.51
C ILE B 351 24.29 36.51 -12.30
N ARG B 352 23.60 36.54 -11.16
CA ARG B 352 24.21 37.06 -9.94
C ARG B 352 25.14 36.02 -9.34
N LYS B 353 26.32 36.45 -8.89
CA LYS B 353 27.28 35.54 -8.27
C LYS B 353 26.61 34.69 -7.21
N GLY B 354 26.97 33.41 -7.16
CA GLY B 354 26.36 32.51 -6.23
C GLY B 354 25.04 31.92 -6.68
N GLN B 355 24.64 32.16 -7.93
CA GLN B 355 23.37 31.66 -8.46
C GLN B 355 23.53 30.23 -8.97
N GLN B 356 22.51 29.40 -8.74
CA GLN B 356 22.46 28.06 -9.32
C GLN B 356 21.75 28.10 -10.66
N LEU B 357 22.33 27.45 -11.66
CA LEU B 357 21.67 27.23 -12.94
C LEU B 357 21.59 25.73 -13.18
N ALA B 358 20.37 25.21 -13.31
CA ALA B 358 20.19 23.78 -13.51
C ALA B 358 20.19 23.46 -15.00
N LEU B 359 20.94 22.44 -15.38
CA LEU B 359 20.86 21.90 -16.75
C LEU B 359 19.61 21.02 -16.86
N LEU B 360 18.56 21.53 -17.52
CA LEU B 360 17.37 20.73 -17.82
C LEU B 360 17.75 19.69 -18.88
N ILE B 361 18.42 18.61 -18.42
CA ILE B 361 18.94 17.55 -19.30
C ILE B 361 17.88 17.06 -20.30
N PRO B 362 16.66 16.71 -19.88
CA PRO B 362 15.68 16.22 -20.86
C PRO B 362 15.46 17.19 -22.00
N ALA B 363 15.38 18.50 -21.71
CA ALA B 363 15.09 19.49 -22.75
C ALA B 363 16.34 19.83 -23.56
N LEU B 364 17.52 19.72 -22.96
CA LEU B 364 18.75 19.85 -23.73
C LEU B 364 18.95 18.63 -24.63
N HIS B 365 18.60 17.45 -24.11
CA HIS B 365 18.84 16.20 -24.81
C HIS B 365 17.88 15.96 -25.95
N ARG B 366 16.90 16.83 -26.15
CA ARG B 366 16.11 16.77 -27.35
C ARG B 366 15.83 18.17 -27.88
N HIS B 367 16.84 19.05 -27.86
CA HIS B 367 16.65 20.40 -28.40
C HIS B 367 16.75 20.35 -29.92
N PRO B 368 15.73 20.84 -30.65
CA PRO B 368 15.72 20.66 -32.11
C PRO B 368 16.83 21.41 -32.83
N ALA B 369 17.49 22.36 -32.17
CA ALA B 369 18.66 22.97 -32.78
C ALA B 369 19.85 22.02 -32.73
N ALA B 370 19.93 21.16 -31.72
CA ALA B 370 21.06 20.25 -31.59
C ALA B 370 20.80 18.83 -32.10
N TRP B 371 19.53 18.42 -32.19
CA TRP B 371 19.17 17.05 -32.54
C TRP B 371 18.08 17.06 -33.60
N THR B 372 18.41 16.55 -34.78
CA THR B 372 17.42 16.37 -35.82
C THR B 372 16.32 15.39 -35.36
N ASN B 373 15.02 15.76 -35.60
CA ASN B 373 13.86 14.96 -35.19
C ASN B 373 14.05 14.53 -33.74
N PRO B 374 14.00 15.47 -32.79
CA PRO B 374 14.35 15.14 -31.40
C PRO B 374 13.60 13.96 -30.81
N ASP B 375 12.29 13.84 -31.08
CA ASP B 375 11.44 12.98 -30.26
C ASP B 375 11.41 11.54 -30.72
N GLU B 376 12.35 11.13 -31.55
CA GLU B 376 12.35 9.81 -32.17
C GLU B 376 13.56 9.01 -31.72
N PHE B 377 13.33 7.79 -31.24
CA PHE B 377 14.40 6.88 -30.85
C PHE B 377 15.12 6.37 -32.10
N ASP B 378 16.43 6.58 -32.16
CA ASP B 378 17.20 6.30 -33.38
C ASP B 378 18.62 6.01 -32.94
N ILE B 379 19.04 4.75 -33.01
CA ILE B 379 20.36 4.45 -32.46
C ILE B 379 21.48 4.80 -33.44
N ASP B 380 21.17 4.96 -34.72
CA ASP B 380 22.19 5.33 -35.70
C ASP B 380 22.84 6.70 -35.41
N ARG B 381 22.21 7.57 -34.60
CA ARG B 381 22.89 8.78 -34.15
C ARG B 381 24.28 8.49 -33.58
N TRP B 382 24.52 7.26 -33.11
CA TRP B 382 25.65 7.02 -32.21
C TRP B 382 26.75 6.19 -32.84
N THR B 383 26.82 6.17 -34.18
CA THR B 383 27.95 5.55 -34.84
C THR B 383 29.18 6.44 -34.70
N SER B 384 30.34 5.88 -35.03
CA SER B 384 31.54 6.71 -35.10
C SER B 384 31.32 7.90 -36.02
N GLU B 385 30.74 7.65 -37.21
CA GLU B 385 30.63 8.71 -38.20
C GLU B 385 29.70 9.83 -37.72
N ASN B 386 28.52 9.46 -37.20
CA ASN B 386 27.50 10.44 -36.89
C ASN B 386 27.72 11.09 -35.54
N ARG B 387 28.10 10.30 -34.54
CA ARG B 387 28.34 10.81 -33.19
C ARG B 387 29.21 12.05 -33.22
N ARG B 388 30.14 12.13 -34.21
CA ARG B 388 31.09 13.23 -34.32
C ARG B 388 30.45 14.57 -34.66
N THR B 389 29.19 14.57 -35.10
CA THR B 389 28.48 15.78 -35.55
C THR B 389 27.48 16.35 -34.53
N HIS B 390 27.33 15.74 -33.36
CA HIS B 390 26.40 16.38 -32.43
C HIS B 390 26.97 17.70 -31.92
N HIS B 391 26.10 18.50 -31.35
CA HIS B 391 26.54 19.67 -30.61
C HIS B 391 27.36 19.21 -29.41
N PRO B 392 28.53 19.79 -29.16
CA PRO B 392 29.38 19.25 -28.08
C PRO B 392 28.87 19.60 -26.70
N ALA B 393 27.92 20.53 -26.60
CA ALA B 393 27.36 20.88 -25.31
C ALA B 393 25.99 20.24 -25.06
N ALA B 394 25.50 19.35 -25.92
CA ALA B 394 24.10 18.97 -25.87
C ALA B 394 23.88 17.52 -25.46
N TYR B 395 24.92 16.84 -25.00
CA TYR B 395 24.78 15.45 -24.53
C TYR B 395 25.65 15.35 -23.29
N LYS B 396 25.01 15.58 -22.14
CA LYS B 396 25.66 15.59 -20.83
C LYS B 396 24.95 14.65 -19.88
N PRO B 397 24.89 13.35 -20.21
CA PRO B 397 24.23 12.40 -19.32
C PRO B 397 25.11 11.94 -18.19
N PHE B 398 26.41 12.20 -18.28
CA PHE B 398 27.37 11.84 -17.24
C PHE B 398 28.07 13.07 -16.67
N GLY B 399 27.35 14.19 -16.53
CA GLY B 399 27.93 15.34 -15.84
C GLY B 399 28.89 16.15 -16.68
N ASN B 400 29.70 16.98 -16.01
CA ASN B 400 30.52 17.91 -16.78
C ASN B 400 31.85 18.21 -16.10
N GLY B 401 32.90 18.29 -16.93
CA GLY B 401 34.19 18.71 -16.46
C GLY B 401 34.82 17.70 -15.53
N MET B 402 35.55 18.23 -14.54
CA MET B 402 36.18 17.40 -13.53
C MET B 402 35.18 16.95 -12.46
N ARG B 403 33.98 17.56 -12.41
CA ARG B 403 32.89 16.99 -11.62
C ARG B 403 32.03 16.00 -12.41
N ALA B 404 32.60 15.32 -13.40
CA ALA B 404 31.81 14.38 -14.17
C ALA B 404 31.84 13.00 -13.52
N CYS B 405 31.02 12.11 -14.04
CA CYS B 405 30.79 10.81 -13.42
C CYS B 405 32.05 9.95 -13.50
N ILE B 406 32.64 9.62 -12.35
CA ILE B 406 33.84 8.80 -12.37
C ILE B 406 33.53 7.34 -12.73
N GLY B 407 32.31 6.88 -12.50
CA GLY B 407 31.91 5.51 -12.74
C GLY B 407 31.29 5.22 -14.09
N ARG B 408 31.31 6.20 -15.01
CA ARG B 408 30.65 6.10 -16.30
C ARG B 408 30.97 4.79 -16.99
N GLN B 409 32.24 4.45 -17.05
CA GLN B 409 32.56 3.23 -17.76
C GLN B 409 32.07 2.03 -16.98
N PHE B 410 32.10 2.10 -15.64
CA PHE B 410 31.58 1.00 -14.84
C PHE B 410 30.09 0.80 -15.10
N ALA B 411 29.30 1.87 -15.01
CA ALA B 411 27.87 1.79 -15.26
C ALA B 411 27.59 1.28 -16.67
N LEU B 412 28.25 1.87 -17.68
CA LEU B 412 27.96 1.45 -19.05
C LEU B 412 28.37 -0.01 -19.29
N THR B 413 29.46 -0.46 -18.66
CA THR B 413 29.87 -1.84 -18.82
C THR B 413 28.82 -2.78 -18.24
N GLU B 414 28.40 -2.51 -17.00
CA GLU B 414 27.40 -3.35 -16.32
C GLU B 414 26.10 -3.40 -17.11
N ALA B 415 25.66 -2.25 -17.64
CA ALA B 415 24.42 -2.22 -18.43
C ALA B 415 24.58 -3.01 -19.72
N LYS B 416 25.71 -2.82 -20.42
CA LYS B 416 25.99 -3.63 -21.59
C LYS B 416 25.82 -5.10 -21.27
N LEU B 417 26.42 -5.58 -20.17
CA LEU B 417 26.46 -7.03 -19.93
C LEU B 417 25.09 -7.56 -19.48
N ALA B 418 24.40 -6.83 -18.62
CA ALA B 418 23.05 -7.22 -18.23
C ALA B 418 22.17 -7.40 -19.47
N LEU B 419 22.19 -6.42 -20.40
CA LEU B 419 21.36 -6.54 -21.59
C LEU B 419 21.79 -7.70 -22.48
N LEU B 420 23.11 -7.90 -22.65
CA LEU B 420 23.61 -9.05 -23.39
C LEU B 420 23.04 -10.35 -22.84
N LEU B 421 23.22 -10.58 -21.53
CA LEU B 421 22.78 -11.85 -20.95
C LEU B 421 21.26 -11.98 -20.96
N ILE B 422 20.54 -10.88 -20.69
CA ILE B 422 19.08 -10.91 -20.69
C ILE B 422 18.57 -11.32 -22.06
N LEU B 423 19.06 -10.65 -23.11
CA LEU B 423 18.56 -10.89 -24.45
C LEU B 423 19.09 -12.18 -25.03
N GLN B 424 20.20 -12.72 -24.51
CA GLN B 424 20.59 -14.07 -24.88
C GLN B 424 19.61 -15.10 -24.32
N LYS B 425 19.05 -14.87 -23.12
CA LYS B 425 18.20 -15.91 -22.56
C LYS B 425 16.71 -15.72 -22.85
N PHE B 426 16.19 -14.51 -22.84
CA PHE B 426 14.76 -14.35 -22.67
C PHE B 426 14.09 -13.62 -23.82
N ALA B 427 12.83 -13.97 -24.06
CA ALA B 427 11.92 -13.18 -24.85
C ALA B 427 11.06 -12.35 -23.91
N LEU B 428 10.99 -11.04 -24.19
CA LEU B 428 10.22 -10.08 -23.41
C LEU B 428 8.78 -9.99 -23.88
N SER B 429 7.86 -9.92 -22.91
CA SER B 429 6.44 -9.67 -23.14
C SER B 429 6.01 -8.54 -22.22
N ASP B 430 5.16 -7.67 -22.73
CA ASP B 430 4.52 -6.61 -21.98
C ASP B 430 3.13 -7.10 -21.60
N PRO B 431 2.90 -7.55 -20.37
CA PRO B 431 1.62 -8.20 -20.06
C PRO B 431 0.50 -7.25 -19.74
N TYR B 432 0.76 -5.95 -19.53
CA TYR B 432 -0.25 -5.04 -19.04
C TYR B 432 -0.35 -3.72 -19.80
N ASP B 433 0.40 -3.54 -20.88
CA ASP B 433 0.38 -2.25 -21.58
C ASP B 433 0.90 -1.14 -20.66
N TYR B 434 2.09 -1.35 -20.13
CA TYR B 434 2.64 -0.44 -19.13
C TYR B 434 2.57 1.00 -19.61
N HIS B 435 1.92 1.86 -18.84
CA HIS B 435 1.96 3.31 -19.08
C HIS B 435 3.11 3.87 -18.25
N LEU B 436 3.97 4.68 -18.88
CA LEU B 436 5.19 5.16 -18.23
C LEU B 436 4.84 6.01 -17.02
N LYS B 437 5.39 5.65 -15.85
CA LYS B 437 5.34 6.47 -14.65
C LYS B 437 6.76 6.82 -14.26
N VAL B 438 7.12 8.09 -14.31
CA VAL B 438 8.49 8.45 -13.83
C VAL B 438 8.40 8.92 -12.39
N LYS B 439 9.36 8.51 -11.55
CA LYS B 439 9.42 9.01 -10.16
C LYS B 439 10.76 9.68 -9.94
N GLN B 440 10.78 10.86 -9.32
CA GLN B 440 12.04 11.62 -9.17
C GLN B 440 12.50 11.73 -7.74
N SER B 441 13.76 11.38 -7.49
CA SER B 441 14.40 11.59 -6.17
C SER B 441 15.73 12.21 -6.53
N LEU B 442 16.85 11.59 -6.15
CA LEU B 442 18.16 12.05 -6.62
C LEU B 442 18.17 11.70 -8.10
N THR B 443 17.53 10.59 -8.45
CA THR B 443 17.52 10.08 -9.83
C THR B 443 16.08 9.87 -10.28
N ILE B 444 15.86 9.79 -11.59
CA ILE B 444 14.51 9.47 -12.13
C ILE B 444 14.49 7.97 -12.46
N LYS B 445 13.40 7.28 -12.11
CA LYS B 445 13.33 5.84 -12.47
C LYS B 445 11.88 5.44 -12.80
N PRO B 446 11.57 4.66 -13.86
CA PRO B 446 10.19 4.22 -14.09
C PRO B 446 9.71 3.34 -12.95
N GLU B 447 8.41 3.43 -12.67
CA GLU B 447 7.78 2.86 -11.49
C GLU B 447 6.70 1.86 -11.89
N ASP B 448 6.64 0.72 -11.19
CA ASP B 448 5.56 -0.23 -11.40
C ASP B 448 5.56 -0.81 -12.81
N PHE B 449 6.73 -0.80 -13.46
CA PHE B 449 6.95 -1.56 -14.68
C PHE B 449 6.93 -3.04 -14.31
N ALA B 450 6.12 -3.83 -15.04
CA ALA B 450 6.15 -5.28 -14.97
C ALA B 450 6.21 -5.83 -16.37
N LEU B 451 7.16 -6.74 -16.62
CA LEU B 451 7.16 -7.53 -17.85
C LEU B 451 7.24 -9.02 -17.52
N ARG B 452 7.07 -9.85 -18.55
CA ARG B 452 7.20 -11.30 -18.43
C ARG B 452 8.34 -11.75 -19.33
N VAL B 453 8.96 -12.87 -18.97
CA VAL B 453 9.96 -13.44 -19.87
C VAL B 453 9.73 -14.92 -20.03
N ARG B 454 10.04 -15.42 -21.22
CA ARG B 454 10.05 -16.85 -21.48
C ARG B 454 11.39 -17.23 -22.11
N GLU B 455 11.88 -18.44 -21.79
CA GLU B 455 13.15 -18.87 -22.35
C GLU B 455 13.07 -18.90 -23.87
N ARG B 456 14.16 -18.51 -24.52
CA ARG B 456 14.23 -18.60 -25.97
C ARG B 456 14.65 -20.00 -26.38
N ARG B 457 13.79 -20.67 -27.12
CA ARG B 457 14.09 -22.00 -27.59
C ARG B 457 15.09 -21.96 -28.73
N PRO B 458 15.97 -22.96 -28.85
CA PRO B 458 17.10 -22.85 -29.81
C PRO B 458 16.71 -22.44 -31.22
N HIS B 459 15.61 -22.95 -31.76
CA HIS B 459 15.23 -22.61 -33.13
C HIS B 459 14.78 -21.15 -33.28
N GLU B 460 14.59 -20.43 -32.19
CA GLU B 460 14.16 -19.04 -32.25
C GLU B 460 15.32 -18.07 -32.32
N ARG B 461 16.55 -18.56 -32.41
CA ARG B 461 17.71 -17.68 -32.40
C ARG B 461 18.25 -17.52 -33.82
N PHE B 462 18.80 -16.34 -34.09
CA PHE B 462 19.27 -15.97 -35.43
C PHE B 462 20.75 -16.33 -35.58
N SER B 463 21.03 -17.61 -35.32
CA SER B 463 22.38 -18.16 -35.37
C SER B 463 22.65 -18.75 -36.76
N VAL B 464 23.83 -19.36 -36.90
CA VAL B 464 24.14 -20.24 -38.03
C VAL B 464 24.35 -21.64 -37.46
N LEU C 5 -28.59 -35.62 -14.61
CA LEU C 5 -29.32 -34.61 -15.39
C LEU C 5 -29.56 -33.24 -14.70
N ALA C 6 -28.49 -32.35 -14.75
CA ALA C 6 -28.40 -31.10 -13.99
C ALA C 6 -28.97 -29.92 -14.76
N PRO C 7 -29.32 -28.85 -14.06
CA PRO C 7 -29.81 -27.64 -14.73
C PRO C 7 -28.68 -26.70 -15.12
N ILE C 8 -28.97 -25.87 -16.11
CA ILE C 8 -27.93 -25.03 -16.72
C ILE C 8 -27.57 -23.87 -15.79
N PRO C 9 -26.29 -23.67 -15.42
CA PRO C 9 -25.91 -22.52 -14.57
C PRO C 9 -26.44 -21.19 -15.11
N SER C 10 -26.72 -20.27 -14.18
CA SER C 10 -27.32 -18.98 -14.50
C SER C 10 -26.50 -17.88 -13.82
N PRO C 11 -26.01 -16.88 -14.53
CA PRO C 11 -25.09 -15.92 -13.91
C PRO C 11 -25.81 -15.08 -12.88
N PRO C 12 -25.08 -14.37 -12.02
CA PRO C 12 -25.71 -13.52 -11.01
C PRO C 12 -26.69 -12.52 -11.60
N LYS C 13 -27.91 -12.51 -11.06
CA LYS C 13 -28.91 -11.53 -11.47
C LYS C 13 -28.68 -10.20 -10.75
N HIS C 14 -29.00 -9.14 -11.46
CA HIS C 14 -28.96 -7.73 -11.09
C HIS C 14 -30.27 -7.34 -10.44
N PRO C 15 -30.26 -6.66 -9.30
CA PRO C 15 -31.53 -6.37 -8.61
C PRO C 15 -32.60 -5.73 -9.50
N GLN C 16 -32.22 -5.01 -10.56
CA GLN C 16 -33.24 -4.40 -11.39
C GLN C 16 -33.03 -4.56 -12.89
N TYR C 17 -31.99 -5.25 -13.33
CA TYR C 17 -31.80 -5.49 -14.75
C TYR C 17 -31.75 -6.96 -15.11
N GLY C 18 -31.88 -7.86 -14.13
CA GLY C 18 -31.74 -9.29 -14.35
C GLY C 18 -30.43 -9.64 -15.00
N HIS C 19 -30.46 -10.13 -16.23
CA HIS C 19 -29.22 -10.40 -16.93
C HIS C 19 -28.90 -9.34 -17.97
N LEU C 20 -29.75 -8.32 -18.13
CA LEU C 20 -29.51 -7.37 -19.20
C LEU C 20 -28.18 -6.64 -19.04
N HIS C 21 -27.71 -6.44 -17.79
CA HIS C 21 -26.50 -5.66 -17.66
C HIS C 21 -25.34 -6.34 -18.36
N TYR C 22 -25.38 -7.66 -18.50
CA TYR C 22 -24.29 -8.35 -19.16
C TYR C 22 -24.14 -7.95 -20.61
N LEU C 23 -25.22 -7.44 -21.24
CA LEU C 23 -25.17 -7.06 -22.65
C LEU C 23 -24.75 -5.60 -22.87
N ALA C 24 -24.69 -4.79 -21.80
CA ALA C 24 -24.25 -3.40 -21.90
C ALA C 24 -22.72 -3.31 -21.97
N GLY C 25 -22.22 -2.14 -22.35
CA GLY C 25 -20.79 -1.90 -22.43
C GLY C 25 -20.26 -2.04 -23.85
N ASP C 26 -19.00 -1.66 -24.01
CA ASP C 26 -18.36 -1.70 -25.32
C ASP C 26 -18.22 -3.14 -25.85
N ALA C 27 -18.07 -4.13 -24.98
CA ALA C 27 -17.65 -5.48 -25.39
C ALA C 27 -18.27 -6.53 -24.48
N PRO C 28 -19.57 -6.84 -24.70
CA PRO C 28 -20.26 -7.80 -23.80
C PRO C 28 -19.72 -9.21 -23.86
N VAL C 29 -19.11 -9.62 -24.98
CA VAL C 29 -18.49 -10.93 -25.00
C VAL C 29 -17.39 -11.01 -23.94
N LEU C 30 -16.77 -9.89 -23.58
CA LEU C 30 -15.81 -9.97 -22.48
C LEU C 30 -16.53 -10.13 -21.13
N ASN C 31 -17.74 -9.58 -20.96
CA ASN C 31 -18.51 -9.88 -19.74
C ASN C 31 -18.79 -11.37 -19.63
N PHE C 32 -19.19 -11.99 -20.75
CA PHE C 32 -19.39 -13.44 -20.79
C PHE C 32 -18.09 -14.21 -20.52
N PHE C 33 -16.98 -13.76 -21.10
CA PHE C 33 -15.69 -14.40 -20.83
C PHE C 33 -15.38 -14.41 -19.33
N GLN C 34 -15.53 -13.25 -18.66
CA GLN C 34 -15.24 -13.21 -17.23
C GLN C 34 -16.19 -14.14 -16.48
N LEU C 35 -17.46 -14.16 -16.88
CA LEU C 35 -18.42 -15.03 -16.21
C LEU C 35 -18.09 -16.49 -16.43
N ALA C 36 -17.60 -16.83 -17.63
CA ALA C 36 -17.31 -18.21 -18.00
C ALA C 36 -16.06 -18.76 -17.28
N ARG C 37 -15.11 -17.91 -16.95
CA ARG C 37 -13.88 -18.46 -16.34
C ARG C 37 -14.18 -18.83 -14.90
N GLN C 38 -15.37 -18.49 -14.42
CA GLN C 38 -15.81 -18.83 -13.07
C GLN C 38 -16.92 -19.88 -13.05
N ILE C 39 -17.57 -20.12 -14.18
CA ILE C 39 -18.62 -21.13 -14.25
C ILE C 39 -18.05 -22.37 -14.93
N PRO C 40 -17.35 -23.26 -14.19
CA PRO C 40 -16.60 -24.33 -14.87
C PRO C 40 -17.45 -25.46 -15.39
N GLU C 41 -18.78 -25.36 -15.29
CA GLU C 41 -19.67 -26.31 -15.97
C GLU C 41 -19.59 -26.21 -17.48
N GLY C 42 -18.92 -25.18 -18.01
CA GLY C 42 -18.71 -25.05 -19.42
C GLY C 42 -19.85 -24.50 -20.22
N LEU C 43 -20.94 -24.08 -19.59
CA LEU C 43 -22.03 -23.37 -20.26
C LEU C 43 -22.79 -22.58 -19.21
N PHE C 44 -23.53 -21.58 -19.67
CA PHE C 44 -24.49 -20.93 -18.77
C PHE C 44 -25.55 -20.23 -19.61
N GLN C 45 -26.72 -20.03 -19.00
CA GLN C 45 -27.86 -19.46 -19.70
C GLN C 45 -28.15 -18.10 -19.10
N LEU C 46 -28.59 -17.16 -19.92
CA LEU C 46 -29.06 -15.89 -19.40
C LEU C 46 -30.39 -15.54 -20.06
N ASP C 47 -31.31 -14.94 -19.27
CA ASP C 47 -32.61 -14.50 -19.77
C ASP C 47 -32.51 -13.06 -20.27
N ILE C 48 -32.69 -12.87 -21.58
CA ILE C 48 -32.84 -11.53 -22.14
C ILE C 48 -34.31 -11.35 -22.49
N GLN C 49 -34.90 -10.20 -22.11
CA GLN C 49 -36.25 -9.82 -22.52
C GLN C 49 -37.11 -11.04 -22.86
N GLY C 50 -37.19 -12.03 -21.96
CA GLY C 50 -38.14 -13.11 -22.16
C GLY C 50 -37.60 -14.39 -22.79
N ARG C 51 -36.82 -14.27 -23.87
CA ARG C 51 -36.12 -15.40 -24.48
C ARG C 51 -34.89 -15.77 -23.64
N THR C 52 -34.38 -17.00 -23.82
CA THR C 52 -33.19 -17.43 -23.11
C THR C 52 -32.08 -17.71 -24.10
N LEU C 53 -30.89 -17.16 -23.84
CA LEU C 53 -29.69 -17.39 -24.66
C LEU C 53 -28.65 -18.17 -23.87
N ILE C 54 -28.03 -19.15 -24.51
CA ILE C 54 -27.04 -19.98 -23.84
C ILE C 54 -25.66 -19.65 -24.39
N GLN C 55 -24.66 -19.70 -23.53
CA GLN C 55 -23.29 -19.42 -23.89
C GLN C 55 -22.50 -20.67 -23.53
N ALA C 56 -21.98 -21.37 -24.53
CA ALA C 56 -21.27 -22.62 -24.32
C ALA C 56 -19.79 -22.45 -24.63
N TYR C 57 -18.93 -23.14 -23.91
CA TYR C 57 -17.51 -22.93 -24.14
C TYR C 57 -16.60 -24.05 -23.65
N ASP C 58 -17.11 -25.09 -23.00
CA ASP C 58 -16.25 -26.25 -22.75
C ASP C 58 -15.94 -26.94 -24.08
N PRO C 59 -14.72 -27.45 -24.29
CA PRO C 59 -14.42 -28.03 -25.61
C PRO C 59 -15.31 -29.22 -25.98
N ASN C 60 -15.71 -30.06 -25.01
CA ASN C 60 -16.54 -31.21 -25.36
C ASN C 60 -17.99 -30.78 -25.65
N LEU C 61 -18.48 -29.80 -24.89
CA LEU C 61 -19.78 -29.20 -25.22
C LEU C 61 -19.74 -28.60 -26.62
N VAL C 62 -18.66 -27.91 -26.98
CA VAL C 62 -18.56 -27.37 -28.33
C VAL C 62 -18.50 -28.49 -29.37
N ALA C 63 -17.83 -29.60 -29.05
CA ALA C 63 -17.77 -30.69 -30.02
C ALA C 63 -19.19 -31.18 -30.30
N GLU C 64 -20.06 -31.17 -29.30
CA GLU C 64 -21.45 -31.50 -29.58
C GLU C 64 -22.14 -30.42 -30.41
N LEU C 65 -22.02 -29.15 -29.98
CA LEU C 65 -22.70 -28.08 -30.71
C LEU C 65 -22.24 -27.99 -32.18
N THR C 66 -21.01 -28.48 -32.46
CA THR C 66 -20.42 -28.51 -33.79
C THR C 66 -21.08 -29.54 -34.71
N ASP C 67 -21.81 -30.50 -34.16
CA ASP C 67 -22.43 -31.60 -34.89
C ASP C 67 -23.61 -31.10 -35.72
N GLU C 68 -23.36 -30.71 -36.99
CA GLU C 68 -24.41 -30.16 -37.85
C GLU C 68 -25.61 -31.09 -38.03
N ARG C 69 -25.52 -32.30 -37.47
CA ARG C 69 -26.64 -33.22 -37.47
C ARG C 69 -27.61 -32.89 -36.35
N ARG C 70 -27.10 -32.28 -35.27
CA ARG C 70 -27.90 -31.95 -34.10
C ARG C 70 -28.21 -30.46 -33.98
N PHE C 71 -27.30 -29.57 -34.40
CA PHE C 71 -27.53 -28.13 -34.40
C PHE C 71 -26.98 -27.51 -35.69
N GLN C 72 -27.58 -26.41 -36.14
CA GLN C 72 -27.05 -25.70 -37.30
C GLN C 72 -27.39 -24.21 -37.23
N LYS C 73 -26.73 -23.43 -38.09
CA LYS C 73 -27.00 -22.00 -38.14
C LYS C 73 -28.45 -21.78 -38.54
N ARG C 74 -29.04 -20.73 -37.99
CA ARG C 74 -30.42 -20.36 -38.29
C ARG C 74 -30.52 -18.84 -38.26
N VAL C 75 -31.12 -18.27 -39.32
CA VAL C 75 -31.13 -16.82 -39.51
C VAL C 75 -32.01 -16.13 -38.47
N HIS C 76 -33.27 -16.61 -38.31
CA HIS C 76 -34.16 -16.12 -37.26
C HIS C 76 -33.42 -16.00 -35.92
N PRO C 77 -34.05 -15.51 -34.86
CA PRO C 77 -33.49 -14.43 -34.04
C PRO C 77 -32.26 -13.69 -34.55
N ALA C 78 -31.10 -14.36 -34.61
CA ALA C 78 -29.83 -13.67 -34.47
C ALA C 78 -29.56 -12.68 -35.61
N TYR C 79 -29.75 -13.11 -36.85
CA TYR C 79 -29.23 -12.37 -38.00
C TYR C 79 -30.29 -11.56 -38.74
N THR C 80 -31.50 -11.41 -38.16
CA THR C 80 -32.58 -10.70 -38.86
C THR C 80 -32.16 -9.28 -39.21
N ASN C 81 -31.78 -8.51 -38.18
CA ASN C 81 -31.27 -7.16 -38.39
C ASN C 81 -30.20 -7.14 -39.48
N ILE C 82 -29.12 -7.90 -39.31
CA ILE C 82 -28.04 -7.82 -40.29
C ILE C 82 -28.50 -8.34 -41.66
N ARG C 83 -29.54 -9.19 -41.71
CA ARG C 83 -30.12 -9.56 -43.01
C ARG C 83 -30.81 -8.37 -43.68
N ASN C 84 -31.24 -7.37 -42.89
CA ASN C 84 -31.76 -6.13 -43.48
C ASN C 84 -30.91 -5.64 -44.65
N LEU C 85 -29.59 -5.86 -44.62
CA LEU C 85 -28.78 -5.44 -45.75
C LEU C 85 -27.95 -6.55 -46.35
N GLY C 86 -27.82 -7.70 -45.68
CA GLY C 86 -27.21 -8.86 -46.31
C GLY C 86 -28.12 -9.64 -47.23
N GLY C 87 -29.43 -9.57 -47.01
CA GLY C 87 -30.35 -10.21 -47.93
C GLY C 87 -30.41 -11.71 -47.71
N ASP C 88 -30.39 -12.47 -48.83
CA ASP C 88 -30.11 -13.90 -48.83
C ASP C 88 -28.73 -14.23 -49.44
N GLY C 89 -27.78 -13.34 -49.24
CA GLY C 89 -26.38 -13.70 -49.43
C GLY C 89 -25.97 -14.79 -48.47
N LEU C 90 -24.80 -15.37 -48.76
CA LEU C 90 -24.32 -16.51 -47.99
C LEU C 90 -24.33 -16.28 -46.49
N PHE C 91 -24.21 -15.05 -46.02
CA PHE C 91 -23.98 -14.94 -44.58
C PHE C 91 -25.27 -14.84 -43.78
N THR C 92 -26.36 -14.36 -44.38
CA THR C 92 -27.59 -14.09 -43.65
C THR C 92 -28.76 -14.93 -44.12
N SER C 93 -28.53 -15.99 -44.87
CA SER C 93 -29.63 -16.83 -45.30
C SER C 93 -29.53 -18.20 -44.66
N ASP C 94 -30.67 -18.89 -44.64
CA ASP C 94 -30.70 -20.26 -44.16
C ASP C 94 -30.23 -21.21 -45.27
N SER C 95 -29.50 -22.27 -44.88
CA SER C 95 -28.93 -23.19 -45.85
C SER C 95 -29.97 -23.80 -46.77
N PHE C 96 -31.24 -23.84 -46.35
CA PHE C 96 -32.28 -24.41 -47.18
C PHE C 96 -32.98 -23.37 -48.06
N GLU C 97 -32.62 -22.10 -47.98
CA GLU C 97 -33.06 -21.20 -49.02
C GLU C 97 -32.36 -21.60 -50.30
N PRO C 98 -33.05 -21.58 -51.44
CA PRO C 98 -32.42 -22.01 -52.70
C PRO C 98 -31.21 -21.17 -53.07
N ASN C 99 -31.26 -19.87 -52.72
CA ASN C 99 -30.13 -18.99 -53.00
C ASN C 99 -28.89 -19.41 -52.24
N TRP C 100 -29.04 -19.89 -50.99
CA TRP C 100 -27.87 -20.35 -50.26
C TRP C 100 -27.20 -21.50 -51.02
N GLY C 101 -27.97 -22.52 -51.37
CA GLY C 101 -27.47 -23.57 -52.24
C GLY C 101 -26.71 -23.06 -53.46
N LYS C 102 -27.36 -22.29 -54.32
CA LYS C 102 -26.73 -21.85 -55.59
C LYS C 102 -25.47 -21.07 -55.32
N ALA C 103 -25.53 -20.08 -54.45
CA ALA C 103 -24.36 -19.22 -54.26
C ALA C 103 -23.22 -20.00 -53.63
N HIS C 104 -23.52 -20.94 -52.73
CA HIS C 104 -22.45 -21.74 -52.14
C HIS C 104 -21.76 -22.58 -53.21
N ARG C 105 -22.54 -23.29 -54.03
CA ARG C 105 -21.95 -24.16 -55.04
C ARG C 105 -21.20 -23.37 -56.10
N ILE C 106 -21.69 -22.15 -56.44
CA ILE C 106 -21.01 -21.29 -57.40
C ILE C 106 -19.71 -20.75 -56.82
N LEU C 107 -19.77 -20.18 -55.63
CA LEU C 107 -18.64 -19.41 -55.13
C LEU C 107 -17.57 -20.27 -54.48
N LEU C 108 -17.90 -21.44 -53.93
CA LEU C 108 -16.86 -22.22 -53.25
C LEU C 108 -15.56 -22.27 -54.06
N PRO C 109 -15.56 -22.60 -55.36
CA PRO C 109 -14.28 -22.70 -56.09
C PRO C 109 -13.56 -21.39 -56.23
N ALA C 110 -14.31 -20.29 -56.33
CA ALA C 110 -13.73 -18.95 -56.39
C ALA C 110 -12.90 -18.64 -55.16
N PHE C 111 -13.22 -19.25 -54.01
CA PHE C 111 -12.60 -18.90 -52.72
C PHE C 111 -11.60 -19.93 -52.21
N SER C 112 -11.27 -20.95 -52.99
CA SER C 112 -10.36 -21.99 -52.53
C SER C 112 -8.92 -21.50 -52.55
N GLN C 113 -8.07 -22.18 -51.81
CA GLN C 113 -6.67 -21.74 -51.77
C GLN C 113 -6.10 -21.61 -53.18
N ARG C 114 -6.44 -22.55 -54.09
CA ARG C 114 -5.91 -22.50 -55.46
C ARG C 114 -6.25 -21.18 -56.15
N ALA C 115 -7.47 -20.66 -55.93
CA ALA C 115 -7.92 -19.41 -56.52
C ALA C 115 -7.17 -18.19 -55.98
N MET C 116 -6.51 -18.30 -54.82
CA MET C 116 -5.84 -17.13 -54.24
C MET C 116 -4.80 -16.57 -55.19
N LYS C 117 -4.13 -17.43 -55.97
CA LYS C 117 -3.21 -16.90 -56.97
C LYS C 117 -3.88 -15.81 -57.83
N GLY C 118 -5.10 -16.06 -58.30
CA GLY C 118 -5.75 -15.07 -59.16
C GLY C 118 -6.01 -13.71 -58.51
N TYR C 119 -6.10 -13.67 -57.18
CA TYR C 119 -6.38 -12.39 -56.55
C TYR C 119 -5.11 -11.68 -56.07
N PHE C 120 -3.95 -12.35 -56.18
CA PHE C 120 -2.73 -11.78 -55.63
C PHE C 120 -2.57 -10.33 -56.06
N GLY C 121 -2.65 -10.10 -57.38
CA GLY C 121 -2.43 -8.76 -57.91
C GLY C 121 -3.23 -7.69 -57.21
N GLN C 122 -4.55 -7.90 -57.08
CA GLN C 122 -5.33 -6.88 -56.41
C GLN C 122 -4.86 -6.68 -54.97
N MET C 123 -4.70 -7.80 -54.24
CA MET C 123 -4.16 -7.70 -52.88
C MET C 123 -2.84 -6.95 -52.86
N LEU C 124 -1.98 -7.19 -53.85
CA LEU C 124 -0.72 -6.47 -53.87
C LEU C 124 -0.96 -4.98 -54.05
N GLU C 125 -1.78 -4.61 -55.06
CA GLU C 125 -2.01 -3.19 -55.31
C GLU C 125 -2.47 -2.48 -54.04
N VAL C 126 -3.59 -2.93 -53.44
CA VAL C 126 -4.07 -2.25 -52.23
C VAL C 126 -3.00 -2.22 -51.16
N ALA C 127 -2.29 -3.35 -50.93
CA ALA C 127 -1.33 -3.31 -49.84
C ALA C 127 -0.27 -2.26 -50.13
N GLN C 128 0.22 -2.18 -51.37
CA GLN C 128 1.21 -1.15 -51.66
C GLN C 128 0.62 0.25 -51.43
N ALA C 129 -0.67 0.44 -51.77
CA ALA C 129 -1.34 1.69 -51.41
C ALA C 129 -1.09 2.01 -49.95
N LEU C 130 -1.49 1.10 -49.05
CA LEU C 130 -1.23 1.32 -47.62
C LEU C 130 0.22 1.71 -47.38
N VAL C 131 1.17 0.90 -47.87
CA VAL C 131 2.56 1.20 -47.58
C VAL C 131 2.87 2.63 -47.99
N GLY C 132 2.38 3.04 -49.17
CA GLY C 132 2.58 4.40 -49.64
C GLY C 132 2.12 5.45 -48.64
N LYS C 133 0.87 5.35 -48.20
CA LYS C 133 0.41 6.29 -47.18
C LYS C 133 1.41 6.35 -46.02
N TRP C 134 1.83 5.19 -45.51
CA TRP C 134 2.64 5.21 -44.31
C TRP C 134 4.02 5.83 -44.57
N GLU C 135 4.51 5.80 -45.82
CA GLU C 135 5.76 6.50 -46.13
C GLU C 135 5.55 8.01 -46.16
N ARG C 136 4.45 8.46 -46.76
CA ARG C 136 4.23 9.89 -46.91
C ARG C 136 4.03 10.58 -45.56
N THR C 137 3.74 9.82 -44.49
CA THR C 137 3.27 10.38 -43.22
C THR C 137 4.17 10.08 -42.03
N GLN C 138 5.39 9.60 -42.26
CA GLN C 138 6.24 9.07 -41.19
C GLN C 138 6.39 10.05 -40.02
N GLY C 139 6.45 9.47 -38.80
CA GLY C 139 6.40 10.20 -37.55
C GLY C 139 5.00 10.61 -37.12
N GLN C 140 4.08 10.80 -38.07
CA GLN C 140 2.70 11.07 -37.71
C GLN C 140 2.05 9.83 -37.12
N ASP C 141 1.00 10.03 -36.30
CA ASP C 141 0.24 8.90 -35.77
C ASP C 141 -0.43 8.15 -36.91
N VAL C 142 -0.21 6.84 -36.97
CA VAL C 142 -0.98 5.95 -37.84
C VAL C 142 -2.12 5.37 -37.03
N ARG C 143 -3.36 5.69 -37.42
CA ARG C 143 -4.56 5.16 -36.77
C ARG C 143 -4.80 3.76 -37.31
N VAL C 144 -4.46 2.76 -36.49
CA VAL C 144 -4.33 1.39 -36.99
C VAL C 144 -5.68 0.84 -37.43
N ALA C 145 -6.67 0.80 -36.54
CA ALA C 145 -7.93 0.23 -36.99
C ALA C 145 -8.40 0.92 -38.25
N ASP C 146 -8.19 2.24 -38.32
CA ASP C 146 -8.67 3.01 -39.46
C ASP C 146 -8.06 2.54 -40.78
N ASP C 147 -6.73 2.50 -40.84
CA ASP C 147 -6.07 2.13 -42.09
C ASP C 147 -6.18 0.64 -42.39
N MET C 148 -6.44 -0.20 -41.38
CA MET C 148 -6.73 -1.59 -41.67
C MET C 148 -8.13 -1.73 -42.27
N THR C 149 -9.09 -0.94 -41.78
CA THR C 149 -10.40 -0.90 -42.43
C THR C 149 -10.26 -0.44 -43.87
N ARG C 150 -9.47 0.60 -44.11
CA ARG C 150 -9.22 1.03 -45.48
C ARG C 150 -8.68 -0.12 -46.32
N LEU C 151 -7.55 -0.74 -45.90
CA LEU C 151 -6.94 -1.83 -46.66
C LEU C 151 -7.96 -2.94 -46.98
N THR C 152 -8.65 -3.46 -45.96
CA THR C 152 -9.54 -4.57 -46.23
C THR C 152 -10.69 -4.15 -47.14
N LEU C 153 -11.28 -2.97 -46.93
CA LEU C 153 -12.43 -2.57 -47.76
C LEU C 153 -12.02 -2.44 -49.22
N ASP C 154 -10.88 -1.78 -49.46
CA ASP C 154 -10.38 -1.61 -50.82
C ASP C 154 -10.11 -2.97 -51.45
N THR C 155 -9.45 -3.87 -50.71
CA THR C 155 -9.09 -5.16 -51.27
C THR C 155 -10.35 -5.98 -51.61
N ILE C 156 -11.34 -6.00 -50.69
CA ILE C 156 -12.56 -6.73 -50.98
C ILE C 156 -13.24 -6.11 -52.19
N SER C 157 -13.34 -4.77 -52.22
CA SER C 157 -14.11 -4.17 -53.30
C SER C 157 -13.45 -4.41 -54.64
N LEU C 158 -12.11 -4.38 -54.67
CA LEU C 158 -11.40 -4.49 -55.94
C LEU C 158 -11.41 -5.93 -56.45
N SER C 159 -11.25 -6.92 -55.55
CA SER C 159 -11.33 -8.32 -55.96
C SER C 159 -12.75 -8.85 -56.04
N GLY C 160 -13.73 -8.14 -55.50
CA GLY C 160 -15.09 -8.61 -55.47
C GLY C 160 -15.93 -8.01 -56.58
N PHE C 161 -15.86 -6.69 -56.81
CA PHE C 161 -16.56 -6.12 -57.96
C PHE C 161 -15.75 -5.01 -58.67
N ASP C 162 -14.43 -5.19 -58.76
CA ASP C 162 -13.50 -4.34 -59.55
C ASP C 162 -13.82 -2.86 -59.43
N TYR C 163 -14.07 -2.41 -58.19
CA TYR C 163 -14.26 -1.01 -57.85
C TYR C 163 -13.05 -0.52 -57.08
N ARG C 164 -12.53 0.64 -57.48
CA ARG C 164 -11.32 1.20 -56.88
C ARG C 164 -11.70 2.42 -56.04
N PHE C 165 -11.94 2.19 -54.75
CA PHE C 165 -12.28 3.26 -53.81
C PHE C 165 -11.08 4.11 -53.40
N ARG C 166 -9.86 3.70 -53.76
CA ARG C 166 -8.62 4.44 -53.48
C ARG C 166 -8.68 5.19 -52.15
N SER C 167 -8.93 4.42 -51.08
CA SER C 167 -9.22 4.97 -49.75
C SER C 167 -7.98 5.50 -49.05
N PHE C 168 -6.80 5.37 -49.64
CA PHE C 168 -5.59 5.88 -49.04
C PHE C 168 -5.16 7.25 -49.59
N ASP C 169 -5.86 7.78 -50.60
CA ASP C 169 -5.57 9.09 -51.18
C ASP C 169 -6.14 10.23 -50.36
N LYS C 170 -7.20 9.96 -49.62
CA LYS C 170 -7.94 10.99 -48.93
C LYS C 170 -8.00 10.64 -47.45
N ASP C 171 -8.50 11.58 -46.67
CA ASP C 171 -8.88 11.26 -45.31
C ASP C 171 -10.35 10.83 -45.23
N GLU C 172 -11.25 11.53 -45.90
CA GLU C 172 -12.64 11.09 -45.93
C GLU C 172 -12.77 9.76 -46.67
N LEU C 173 -13.76 8.95 -46.26
CA LEU C 173 -14.12 7.77 -47.02
C LEU C 173 -15.17 8.11 -48.06
N HIS C 174 -15.16 7.35 -49.16
CA HIS C 174 -16.19 7.46 -50.19
C HIS C 174 -17.57 7.30 -49.55
N PRO C 175 -18.58 8.06 -49.97
CA PRO C 175 -19.86 8.04 -49.24
C PRO C 175 -20.53 6.68 -49.21
N PHE C 176 -20.19 5.78 -50.13
CA PHE C 176 -20.72 4.41 -50.05
C PHE C 176 -20.22 3.72 -48.79
N LEU C 177 -18.91 3.82 -48.53
CA LEU C 177 -18.33 3.18 -47.36
C LEU C 177 -18.78 3.88 -46.07
N GLN C 178 -19.07 5.19 -46.14
CA GLN C 178 -19.66 5.88 -44.98
C GLN C 178 -21.09 5.37 -44.72
N ALA C 179 -21.86 5.16 -45.79
CA ALA C 179 -23.17 4.54 -45.64
C ALA C 179 -23.05 3.16 -45.01
N LEU C 180 -22.10 2.34 -45.49
CA LEU C 180 -21.89 1.03 -44.87
C LEU C 180 -21.64 1.18 -43.38
N ALA C 181 -20.72 2.09 -43.01
CA ALA C 181 -20.36 2.29 -41.61
C ALA C 181 -21.58 2.61 -40.77
N ARG C 182 -22.36 3.57 -41.25
CA ARG C 182 -23.54 4.04 -40.53
C ARG C 182 -24.59 2.95 -40.42
N ALA C 183 -24.78 2.18 -41.50
CA ALA C 183 -25.82 1.16 -41.52
C ALA C 183 -25.46 -0.02 -40.62
N MET C 184 -24.19 -0.44 -40.62
CA MET C 184 -23.74 -1.49 -39.72
C MET C 184 -23.89 -1.08 -38.27
N HIS C 185 -23.39 0.11 -37.92
CA HIS C 185 -23.57 0.59 -36.57
C HIS C 185 -25.04 0.60 -36.17
N HIS C 186 -25.91 1.07 -37.06
CA HIS C 186 -27.33 1.15 -36.71
C HIS C 186 -27.94 -0.24 -36.56
N THR C 187 -27.53 -1.20 -37.40
CA THR C 187 -27.99 -2.57 -37.25
C THR C 187 -27.65 -3.12 -35.88
N MET C 188 -26.44 -2.85 -35.38
CA MET C 188 -26.01 -3.50 -34.13
C MET C 188 -26.33 -2.64 -32.91
N THR C 189 -27.40 -1.88 -32.98
CA THR C 189 -27.89 -1.09 -31.82
C THR C 189 -29.39 -1.17 -31.94
N MET C 190 -29.88 -2.06 -32.81
CA MET C 190 -31.34 -2.30 -32.83
C MET C 190 -31.62 -3.04 -31.53
N PHE C 191 -32.12 -2.33 -30.53
CA PHE C 191 -32.29 -2.96 -29.20
C PHE C 191 -33.76 -3.06 -28.84
N SER C 192 -34.29 -2.02 -28.20
CA SER C 192 -35.70 -2.07 -27.71
C SER C 192 -36.50 -0.96 -28.37
N ARG C 193 -37.68 -1.29 -28.86
CA ARG C 193 -38.49 -0.29 -29.57
C ARG C 193 -39.56 0.29 -28.62
N PRO C 194 -39.48 1.56 -28.11
CA PRO C 194 -40.58 2.10 -27.33
C PRO C 194 -41.97 1.90 -27.98
N PRO C 195 -43.09 1.63 -27.26
CA PRO C 195 -44.37 1.37 -27.94
C PRO C 195 -44.87 2.54 -28.79
N VAL C 196 -44.64 3.77 -28.34
CA VAL C 196 -45.08 4.98 -29.08
C VAL C 196 -43.91 5.46 -29.94
N LEU C 197 -44.19 5.78 -31.20
CA LEU C 197 -43.13 6.23 -32.13
C LEU C 197 -42.56 7.56 -31.63
N THR C 198 -41.27 7.58 -31.30
CA THR C 198 -40.67 8.89 -30.96
C THR C 198 -40.29 9.54 -32.29
N PRO C 199 -40.57 10.84 -32.49
CA PRO C 199 -40.20 11.53 -33.72
C PRO C 199 -38.71 11.36 -34.07
N GLU C 200 -37.84 11.57 -33.09
CA GLU C 200 -36.38 11.48 -33.30
C GLU C 200 -36.02 10.10 -33.81
N MET C 201 -36.61 9.05 -33.23
CA MET C 201 -36.23 7.67 -33.61
C MET C 201 -36.60 7.36 -35.05
N GLU C 202 -37.70 7.93 -35.53
CA GLU C 202 -38.15 7.63 -36.90
C GLU C 202 -37.16 8.23 -37.91
N GLU C 203 -36.29 9.16 -37.53
CA GLU C 203 -35.35 9.72 -38.49
C GLU C 203 -34.16 8.77 -38.69
N ALA C 204 -33.71 8.12 -37.63
CA ALA C 204 -32.68 7.10 -37.80
C ALA C 204 -33.14 6.03 -38.76
N ASP C 205 -34.36 5.55 -38.49
CA ASP C 205 -34.94 4.48 -39.32
C ASP C 205 -35.02 4.98 -40.76
N ARG C 206 -35.48 6.21 -40.97
CA ARG C 206 -35.55 6.75 -42.34
C ARG C 206 -34.14 6.81 -42.88
N ALA C 207 -33.22 7.30 -42.06
CA ALA C 207 -31.82 7.43 -42.50
C ALA C 207 -31.24 6.07 -42.78
N TYR C 208 -31.50 5.08 -41.93
CA TYR C 208 -30.95 3.73 -42.10
C TYR C 208 -31.43 3.18 -43.43
N TRP C 209 -32.72 3.33 -43.70
CA TRP C 209 -33.25 2.70 -44.93
C TRP C 209 -32.70 3.41 -46.16
N ALA C 210 -32.57 4.73 -46.07
CA ALA C 210 -32.04 5.50 -47.20
C ALA C 210 -30.60 5.09 -47.46
N ASP C 211 -29.85 4.87 -46.39
CA ASP C 211 -28.41 4.50 -46.51
C ASP C 211 -28.36 3.14 -47.21
N ILE C 212 -29.25 2.24 -46.79
CA ILE C 212 -29.26 0.89 -47.39
C ILE C 212 -29.57 1.03 -48.87
N ALA C 213 -30.53 1.88 -49.22
CA ALA C 213 -30.94 2.05 -50.63
C ALA C 213 -29.79 2.64 -51.45
N SER C 214 -29.08 3.60 -50.90
CA SER C 214 -27.96 4.25 -51.62
C SER C 214 -26.87 3.21 -51.85
N MET C 215 -26.65 2.36 -50.85
CA MET C 215 -25.66 1.28 -51.01
C MET C 215 -26.13 0.30 -52.08
N ASN C 216 -27.42 0.05 -52.14
CA ASN C 216 -27.98 -0.91 -53.11
C ASN C 216 -27.95 -0.34 -54.54
N GLU C 217 -28.32 0.93 -54.76
CA GLU C 217 -28.28 1.47 -56.12
C GLU C 217 -26.87 1.40 -56.68
N LEU C 218 -25.87 1.78 -55.86
CA LEU C 218 -24.49 1.72 -56.32
C LEU C 218 -24.14 0.31 -56.79
N VAL C 219 -24.42 -0.69 -55.96
CA VAL C 219 -24.09 -2.06 -56.32
C VAL C 219 -24.95 -2.51 -57.50
N ASP C 220 -26.20 -2.03 -57.57
CA ASP C 220 -27.04 -2.39 -58.70
C ASP C 220 -26.50 -1.81 -60.01
N GLU C 221 -26.05 -0.55 -60.00
CA GLU C 221 -25.55 0.04 -61.25
C GLU C 221 -24.25 -0.61 -61.70
N VAL C 222 -23.39 -1.03 -60.77
CA VAL C 222 -22.22 -1.80 -61.21
C VAL C 222 -22.68 -3.08 -61.92
N ILE C 223 -23.70 -3.75 -61.37
CA ILE C 223 -24.30 -4.93 -62.02
C ILE C 223 -24.61 -4.63 -63.48
N ARG C 224 -25.32 -3.52 -63.72
CA ARG C 224 -25.84 -3.24 -65.06
C ARG C 224 -24.72 -2.82 -66.01
N GLU C 225 -23.83 -1.94 -65.56
CA GLU C 225 -22.73 -1.48 -66.41
C GLU C 225 -21.93 -2.64 -66.96
N ARG C 226 -21.95 -3.77 -66.26
CA ARG C 226 -21.08 -4.88 -66.67
C ARG C 226 -21.85 -5.86 -67.54
N ARG C 227 -23.17 -5.81 -67.48
CA ARG C 227 -24.02 -6.69 -68.31
C ARG C 227 -23.98 -6.19 -69.76
N GLY C 234 -10.90 -13.31 -62.30
CA GLY C 234 -10.18 -12.60 -61.23
C GLY C 234 -11.11 -11.71 -60.42
N ASP C 235 -12.32 -11.50 -60.91
CA ASP C 235 -13.32 -10.68 -60.17
C ASP C 235 -14.47 -11.57 -59.70
N LEU C 236 -14.98 -11.31 -58.49
CA LEU C 236 -16.09 -12.12 -57.94
C LEU C 236 -17.40 -11.73 -58.64
N LEU C 237 -17.49 -10.50 -59.15
CA LEU C 237 -18.70 -10.11 -59.88
C LEU C 237 -18.70 -10.68 -61.28
N GLY C 238 -17.55 -10.61 -61.97
CA GLY C 238 -17.38 -11.31 -63.24
C GLY C 238 -17.84 -12.74 -63.17
N LEU C 239 -17.46 -13.47 -62.11
CA LEU C 239 -17.83 -14.87 -62.00
C LEU C 239 -19.32 -15.04 -61.71
N MET C 240 -19.90 -14.15 -60.88
CA MET C 240 -21.31 -14.30 -60.57
C MET C 240 -22.20 -13.97 -61.76
N LEU C 241 -21.67 -13.26 -62.75
CA LEU C 241 -22.48 -12.94 -63.93
C LEU C 241 -22.50 -14.06 -64.97
N ASN C 242 -21.54 -14.99 -64.92
CA ASN C 242 -21.38 -16.06 -65.90
C ASN C 242 -21.74 -17.43 -65.36
N ALA C 243 -21.18 -17.80 -64.20
CA ALA C 243 -21.22 -19.19 -63.78
C ALA C 243 -22.65 -19.69 -63.65
N THR C 244 -22.84 -20.98 -63.95
CA THR C 244 -24.07 -21.68 -63.69
C THR C 244 -23.90 -22.60 -62.48
N ASP C 245 -25.00 -22.83 -61.79
CA ASP C 245 -25.09 -23.77 -60.69
C ASP C 245 -24.95 -25.20 -61.23
N PRO C 246 -23.77 -25.86 -61.06
CA PRO C 246 -23.54 -27.15 -61.71
C PRO C 246 -24.59 -28.21 -61.44
N GLU C 247 -25.54 -27.90 -60.57
CA GLU C 247 -26.59 -28.84 -60.22
C GLU C 247 -27.91 -28.46 -60.88
N THR C 248 -28.42 -27.28 -60.57
CA THR C 248 -29.69 -26.79 -61.11
C THR C 248 -29.51 -25.89 -62.34
N GLY C 249 -28.30 -25.84 -62.93
CA GLY C 249 -28.09 -25.21 -64.21
C GLY C 249 -28.47 -23.74 -64.33
N GLU C 250 -29.11 -23.16 -63.31
CA GLU C 250 -29.40 -21.72 -63.35
C GLU C 250 -28.17 -20.91 -62.94
N ARG C 251 -28.24 -19.61 -63.22
CA ARG C 251 -27.29 -18.63 -62.72
C ARG C 251 -28.01 -17.76 -61.70
N LEU C 252 -27.21 -16.99 -60.97
CA LEU C 252 -27.72 -16.21 -59.87
C LEU C 252 -28.46 -14.97 -60.36
N SER C 253 -29.58 -14.66 -59.70
CA SER C 253 -30.34 -13.49 -60.08
C SER C 253 -29.54 -12.21 -59.81
N ASP C 254 -30.03 -11.10 -60.38
CA ASP C 254 -29.32 -9.83 -60.23
C ASP C 254 -29.40 -9.32 -58.80
N GLU C 255 -30.59 -9.41 -58.20
CA GLU C 255 -30.73 -8.98 -56.82
C GLU C 255 -29.84 -9.79 -55.86
N ASN C 256 -29.72 -11.10 -56.10
CA ASN C 256 -28.83 -11.90 -55.27
C ASN C 256 -27.38 -11.51 -55.50
N ILE C 257 -26.96 -11.33 -56.75
CA ILE C 257 -25.59 -10.91 -56.98
C ILE C 257 -25.29 -9.66 -56.17
N ARG C 258 -26.22 -8.71 -56.15
CA ARG C 258 -26.00 -7.52 -55.34
C ARG C 258 -25.81 -7.89 -53.87
N TYR C 259 -26.69 -8.76 -53.37
CA TYR C 259 -26.58 -9.14 -51.97
C TYR C 259 -25.25 -9.83 -51.68
N GLN C 260 -24.69 -10.55 -52.65
CA GLN C 260 -23.44 -11.27 -52.40
C GLN C 260 -22.26 -10.31 -52.35
N VAL C 261 -22.30 -9.27 -53.19
CA VAL C 261 -21.31 -8.19 -53.08
C VAL C 261 -21.37 -7.57 -51.69
N MET C 262 -22.59 -7.19 -51.28
CA MET C 262 -22.77 -6.64 -49.93
C MET C 262 -22.18 -7.58 -48.87
N THR C 263 -22.71 -8.80 -48.78
CA THR C 263 -22.16 -9.83 -47.92
C THR C 263 -20.63 -9.85 -47.92
N PHE C 264 -19.99 -9.79 -49.10
CA PHE C 264 -18.54 -9.72 -49.10
C PHE C 264 -18.07 -8.58 -48.23
N LEU C 265 -18.68 -7.41 -48.37
CA LEU C 265 -18.21 -6.28 -47.56
C LEU C 265 -18.53 -6.51 -46.08
N ILE C 266 -19.77 -6.91 -45.79
CA ILE C 266 -20.26 -7.06 -44.42
C ILE C 266 -19.42 -8.05 -43.63
N ALA C 267 -19.12 -9.18 -44.23
CA ALA C 267 -18.42 -10.23 -43.52
C ALA C 267 -16.93 -10.14 -43.68
N GLY C 268 -16.42 -9.45 -44.71
CA GLY C 268 -15.00 -9.50 -44.95
C GLY C 268 -14.19 -8.27 -44.59
N HIS C 269 -14.83 -7.17 -44.27
CA HIS C 269 -13.99 -5.97 -44.05
C HIS C 269 -13.60 -5.85 -42.60
N GLU C 270 -14.57 -5.91 -41.70
CA GLU C 270 -14.21 -5.57 -40.33
C GLU C 270 -13.58 -6.77 -39.60
N THR C 271 -13.89 -8.00 -40.02
CA THR C 271 -13.24 -9.18 -39.45
C THR C 271 -11.76 -9.22 -39.80
N THR C 272 -11.41 -9.03 -41.09
CA THR C 272 -9.99 -9.09 -41.47
C THR C 272 -9.21 -7.87 -40.96
N SER C 273 -9.84 -6.69 -40.92
CA SER C 273 -9.14 -5.55 -40.35
C SER C 273 -8.91 -5.75 -38.86
N GLY C 274 -9.90 -6.30 -38.14
CA GLY C 274 -9.67 -6.67 -36.75
C GLY C 274 -8.50 -7.62 -36.59
N LEU C 275 -8.43 -8.65 -37.44
CA LEU C 275 -7.30 -9.57 -37.34
C LEU C 275 -6.00 -8.78 -37.40
N LEU C 276 -5.81 -7.98 -38.46
CA LEU C 276 -4.54 -7.28 -38.60
C LEU C 276 -4.28 -6.32 -37.43
N ALA C 277 -5.30 -5.61 -36.98
CA ALA C 277 -5.10 -4.66 -35.89
C ALA C 277 -4.63 -5.40 -34.64
N PHE C 278 -5.39 -6.43 -34.24
CA PHE C 278 -5.01 -7.24 -33.08
C PHE C 278 -3.60 -7.80 -33.25
N THR C 279 -3.22 -8.15 -34.49
CA THR C 279 -1.91 -8.76 -34.70
C THR C 279 -0.79 -7.75 -34.51
N LEU C 280 -0.95 -6.56 -35.06
CA LEU C 280 0.04 -5.52 -34.79
C LEU C 280 0.14 -5.26 -33.29
N TYR C 281 -1.00 -5.22 -32.61
CA TYR C 281 -0.98 -5.05 -31.15
C TYR C 281 -0.15 -6.14 -30.50
N LEU C 282 -0.55 -7.40 -30.71
CA LEU C 282 0.12 -8.52 -30.06
C LEU C 282 1.62 -8.52 -30.37
N LEU C 283 1.99 -8.19 -31.60
CA LEU C 283 3.40 -8.11 -31.95
C LEU C 283 4.11 -7.03 -31.12
N LEU C 284 3.45 -5.90 -30.86
CA LEU C 284 4.10 -4.91 -30.01
C LEU C 284 4.27 -5.43 -28.59
N ARG C 285 3.30 -6.20 -28.09
CA ARG C 285 3.36 -6.74 -26.73
C ARG C 285 4.25 -7.97 -26.59
N HIS C 286 4.50 -8.70 -27.69
CA HIS C 286 5.39 -9.85 -27.69
C HIS C 286 6.51 -9.63 -28.70
N PRO C 287 7.35 -8.61 -28.46
CA PRO C 287 8.22 -8.10 -29.53
C PRO C 287 9.26 -9.10 -30.00
N HIS C 288 9.46 -10.20 -29.28
CA HIS C 288 10.37 -11.23 -29.77
C HIS C 288 9.77 -12.02 -30.92
N VAL C 289 8.45 -12.25 -30.89
CA VAL C 289 7.76 -12.79 -32.06
C VAL C 289 7.82 -11.78 -33.19
N LEU C 290 7.78 -10.48 -32.89
CA LEU C 290 7.98 -9.49 -33.94
C LEU C 290 9.36 -9.62 -34.57
N ALA C 291 10.40 -9.85 -33.75
CA ALA C 291 11.74 -10.10 -34.30
C ALA C 291 11.75 -11.32 -35.21
N GLN C 292 11.15 -12.42 -34.76
CA GLN C 292 11.08 -13.60 -35.63
C GLN C 292 10.43 -13.25 -36.96
N ALA C 293 9.34 -12.47 -36.94
CA ALA C 293 8.69 -12.09 -38.20
C ALA C 293 9.61 -11.25 -39.06
N TYR C 294 10.29 -10.26 -38.46
CA TYR C 294 11.20 -9.41 -39.22
C TYR C 294 12.25 -10.25 -39.91
N ALA C 295 12.82 -11.23 -39.19
CA ALA C 295 13.81 -12.11 -39.79
C ALA C 295 13.21 -12.92 -40.95
N GLU C 296 11.98 -13.42 -40.81
CA GLU C 296 11.37 -14.13 -41.93
C GLU C 296 11.19 -13.21 -43.14
N VAL C 297 10.69 -12.00 -42.92
CA VAL C 297 10.49 -11.05 -44.01
C VAL C 297 11.82 -10.76 -44.71
N ASP C 298 12.88 -10.54 -43.94
CA ASP C 298 14.18 -10.23 -44.52
C ASP C 298 14.78 -11.44 -45.26
N ARG C 299 14.47 -12.66 -44.82
CA ARG C 299 14.94 -13.84 -45.55
C ARG C 299 14.25 -13.94 -46.90
N LEU C 300 12.94 -13.67 -46.97
CA LEU C 300 12.23 -13.87 -48.23
C LEU C 300 12.15 -12.64 -49.13
N LEU C 301 12.40 -11.42 -48.62
CA LEU C 301 12.17 -10.20 -49.41
C LEU C 301 13.31 -9.19 -49.20
N PRO C 302 14.56 -9.60 -49.43
CA PRO C 302 15.68 -8.68 -49.20
C PRO C 302 15.65 -7.48 -50.13
N GLY C 303 16.38 -6.44 -49.75
CA GLY C 303 16.29 -5.22 -50.54
C GLY C 303 14.84 -4.77 -50.62
N ASP C 304 14.49 -4.11 -51.71
CA ASP C 304 13.07 -3.86 -51.95
C ASP C 304 12.53 -4.73 -53.08
N ALA C 305 12.86 -6.02 -52.99
CA ALA C 305 12.15 -7.04 -53.76
C ALA C 305 10.65 -6.95 -53.53
N VAL C 306 9.90 -7.31 -54.55
CA VAL C 306 8.46 -7.35 -54.41
C VAL C 306 8.03 -8.80 -54.22
N PRO C 307 7.01 -9.07 -53.41
CA PRO C 307 6.58 -10.45 -53.23
C PRO C 307 5.69 -10.93 -54.37
N THR C 308 5.79 -12.22 -54.65
CA THR C 308 4.85 -12.93 -55.52
C THR C 308 4.04 -13.90 -54.66
N TYR C 309 2.98 -14.48 -55.26
CA TYR C 309 2.15 -15.44 -54.52
C TYR C 309 3.02 -16.52 -53.86
N ASP C 310 4.03 -17.03 -54.59
CA ASP C 310 5.09 -17.85 -54.00
C ASP C 310 5.54 -17.26 -52.68
N THR C 311 5.96 -15.99 -52.69
CA THR C 311 6.54 -15.40 -51.49
C THR C 311 5.66 -15.70 -50.29
N VAL C 312 4.40 -15.30 -50.39
CA VAL C 312 3.42 -15.53 -49.32
C VAL C 312 3.42 -16.99 -48.91
N MET C 313 3.36 -17.90 -49.89
CA MET C 313 3.16 -19.32 -49.57
C MET C 313 4.38 -19.97 -48.92
N ARG C 314 5.58 -19.42 -49.10
CA ARG C 314 6.73 -20.00 -48.42
C ARG C 314 6.90 -19.45 -47.00
N LEU C 315 5.94 -18.63 -46.54
CA LEU C 315 5.98 -18.03 -45.20
C LEU C 315 5.68 -19.07 -44.12
N ASP C 316 6.16 -18.79 -42.91
CA ASP C 316 5.87 -19.66 -41.78
C ASP C 316 5.51 -18.90 -40.51
N VAL C 317 6.46 -18.10 -40.00
CA VAL C 317 6.22 -17.33 -38.78
C VAL C 317 4.97 -16.47 -38.93
N ILE C 318 4.86 -15.70 -40.01
CA ILE C 318 3.69 -14.84 -40.17
C ILE C 318 2.38 -15.64 -40.17
N PRO C 319 2.27 -16.79 -40.85
CA PRO C 319 0.99 -17.51 -40.79
C PRO C 319 0.67 -18.04 -39.41
N ARG C 320 1.69 -18.50 -38.69
CA ARG C 320 1.44 -18.97 -37.35
C ARG C 320 1.05 -17.81 -36.43
N ILE C 321 1.72 -16.66 -36.58
CA ILE C 321 1.35 -15.46 -35.85
C ILE C 321 -0.15 -15.27 -36.03
N LEU C 322 -0.60 -15.38 -37.27
CA LEU C 322 -2.00 -15.12 -37.55
C LEU C 322 -2.90 -16.16 -36.88
N ASP C 323 -2.50 -17.43 -36.89
CA ASP C 323 -3.34 -18.44 -36.25
C ASP C 323 -3.46 -18.16 -34.75
N GLU C 324 -2.33 -17.81 -34.10
CA GLU C 324 -2.35 -17.58 -32.67
C GLU C 324 -3.08 -16.27 -32.31
N ALA C 325 -2.94 -15.22 -33.13
CA ALA C 325 -3.77 -14.03 -32.95
C ALA C 325 -5.25 -14.38 -33.00
N LEU C 326 -5.65 -15.21 -33.97
CA LEU C 326 -7.05 -15.60 -34.05
C LEU C 326 -7.49 -16.38 -32.80
N ARG C 327 -6.61 -17.20 -32.23
CA ARG C 327 -6.95 -17.83 -30.96
C ARG C 327 -7.19 -16.76 -29.90
N PHE C 328 -6.25 -15.81 -29.79
CA PHE C 328 -6.32 -14.77 -28.78
C PHE C 328 -7.55 -13.88 -28.92
N TRP C 329 -7.88 -13.47 -30.16
CA TRP C 329 -8.93 -12.47 -30.41
C TRP C 329 -9.67 -12.80 -31.70
N SER C 330 -10.46 -13.87 -31.68
CA SER C 330 -11.17 -14.22 -32.90
C SER C 330 -12.17 -13.11 -33.17
N THR C 331 -12.00 -12.45 -34.33
CA THR C 331 -12.79 -11.26 -34.60
C THR C 331 -14.28 -11.54 -34.76
N ILE C 332 -14.71 -12.77 -35.02
CA ILE C 332 -16.14 -13.02 -34.82
C ILE C 332 -16.31 -13.88 -33.58
N PRO C 333 -16.70 -13.31 -32.43
CA PRO C 333 -16.48 -14.00 -31.16
C PRO C 333 -17.68 -14.74 -30.57
N ASN C 334 -18.85 -14.75 -31.21
CA ASN C 334 -20.02 -15.21 -30.48
C ASN C 334 -21.17 -15.62 -31.39
N TYR C 335 -20.89 -16.31 -32.50
CA TYR C 335 -21.97 -16.81 -33.34
C TYR C 335 -22.73 -17.97 -32.68
N ALA C 336 -23.93 -18.27 -33.21
CA ALA C 336 -24.85 -19.19 -32.54
C ALA C 336 -25.36 -20.31 -33.46
N VAL C 337 -25.49 -21.50 -32.88
CA VAL C 337 -26.16 -22.62 -33.52
C VAL C 337 -27.54 -22.77 -32.92
N THR C 338 -28.50 -23.19 -33.72
CA THR C 338 -29.83 -23.46 -33.19
C THR C 338 -30.03 -24.97 -33.04
N ALA C 339 -30.90 -25.37 -32.11
CA ALA C 339 -31.10 -26.77 -31.78
C ALA C 339 -32.19 -27.36 -32.67
N LEU C 340 -31.85 -28.36 -33.50
CA LEU C 340 -32.79 -28.86 -34.50
C LEU C 340 -33.98 -29.57 -33.85
N GLN C 341 -33.74 -30.41 -32.82
CA GLN C 341 -34.75 -31.08 -32.00
C GLN C 341 -34.36 -31.03 -30.52
N ASP C 342 -35.29 -31.36 -29.62
CA ASP C 342 -34.95 -31.54 -28.20
C ASP C 342 -33.67 -32.34 -28.06
N GLU C 343 -32.76 -31.89 -27.20
CA GLU C 343 -31.42 -32.48 -27.12
C GLU C 343 -30.90 -32.48 -25.70
N VAL C 344 -29.80 -33.21 -25.51
CA VAL C 344 -29.15 -33.34 -24.21
C VAL C 344 -27.63 -33.31 -24.42
N ILE C 345 -26.98 -32.26 -23.90
CA ILE C 345 -25.53 -32.07 -24.09
C ILE C 345 -24.80 -32.29 -22.77
N GLY C 346 -23.58 -32.85 -22.90
CA GLY C 346 -22.80 -33.32 -21.78
C GLY C 346 -23.52 -34.45 -21.06
N GLY C 347 -24.52 -35.03 -21.71
CA GLY C 347 -25.37 -36.01 -21.05
C GLY C 347 -25.90 -35.51 -19.72
N LYS C 348 -26.29 -34.24 -19.67
CA LYS C 348 -26.56 -33.58 -18.40
C LYS C 348 -27.57 -32.46 -18.58
N TYR C 349 -27.41 -31.66 -19.63
CA TYR C 349 -28.19 -30.44 -19.78
C TYR C 349 -29.21 -30.58 -20.91
N GLU C 350 -30.48 -30.28 -20.60
CA GLU C 350 -31.54 -30.32 -21.61
C GLU C 350 -31.60 -29.00 -22.38
N ILE C 351 -31.82 -29.13 -23.69
CA ILE C 351 -32.07 -27.97 -24.58
C ILE C 351 -33.30 -28.27 -25.40
N ARG C 352 -34.27 -27.35 -25.43
CA ARG C 352 -35.40 -27.69 -26.26
C ARG C 352 -35.10 -27.35 -27.73
N LYS C 353 -35.91 -27.92 -28.63
CA LYS C 353 -35.91 -27.55 -30.04
C LYS C 353 -35.90 -26.02 -30.22
N GLY C 354 -35.00 -25.52 -31.07
CA GLY C 354 -34.99 -24.12 -31.43
C GLY C 354 -34.14 -23.24 -30.54
N GLN C 355 -33.83 -23.70 -29.32
CA GLN C 355 -32.90 -22.99 -28.45
C GLN C 355 -31.61 -22.67 -29.20
N GLN C 356 -31.27 -21.38 -29.29
CA GLN C 356 -29.98 -21.03 -29.89
C GLN C 356 -28.92 -21.00 -28.80
N LEU C 357 -27.76 -21.59 -29.09
CA LEU C 357 -26.62 -21.60 -28.20
C LEU C 357 -25.45 -20.93 -28.92
N ALA C 358 -24.83 -19.97 -28.26
CA ALA C 358 -23.69 -19.28 -28.85
C ALA C 358 -22.39 -19.91 -28.40
N LEU C 359 -21.44 -19.95 -29.31
CA LEU C 359 -20.08 -20.35 -28.99
C LEU C 359 -19.34 -19.13 -28.44
N LEU C 360 -19.13 -19.10 -27.13
CA LEU C 360 -18.36 -18.02 -26.54
C LEU C 360 -16.89 -18.23 -26.90
N ILE C 361 -16.53 -17.81 -28.10
CA ILE C 361 -15.21 -18.14 -28.65
C ILE C 361 -14.01 -17.71 -27.80
N PRO C 362 -13.99 -16.54 -27.15
CA PRO C 362 -12.87 -16.25 -26.23
C PRO C 362 -12.69 -17.35 -25.20
N ALA C 363 -13.77 -17.75 -24.53
CA ALA C 363 -13.65 -18.79 -23.51
C ALA C 363 -13.18 -20.10 -24.13
N LEU C 364 -13.79 -20.53 -25.25
CA LEU C 364 -13.39 -21.78 -25.91
C LEU C 364 -11.93 -21.76 -26.38
N HIS C 365 -11.49 -20.65 -26.96
CA HIS C 365 -10.12 -20.50 -27.42
C HIS C 365 -9.14 -20.42 -26.28
N ARG C 366 -9.60 -20.12 -25.06
CA ARG C 366 -8.66 -20.03 -23.95
C ARG C 366 -8.95 -21.05 -22.87
N HIS C 367 -9.74 -22.07 -23.17
CA HIS C 367 -10.15 -23.02 -22.14
C HIS C 367 -8.97 -23.87 -21.71
N PRO C 368 -8.61 -23.90 -20.42
CA PRO C 368 -7.44 -24.69 -20.01
C PRO C 368 -7.61 -26.21 -20.24
N ALA C 369 -8.83 -26.73 -20.37
CA ALA C 369 -9.04 -28.12 -20.77
C ALA C 369 -8.46 -28.44 -22.14
N ALA C 370 -8.31 -27.43 -23.00
CA ALA C 370 -7.84 -27.64 -24.36
C ALA C 370 -6.49 -27.03 -24.65
N TRP C 371 -6.14 -25.94 -23.96
CA TRP C 371 -4.95 -25.15 -24.27
C TRP C 371 -4.14 -25.02 -23.00
N THR C 372 -2.89 -25.49 -23.03
CA THR C 372 -1.99 -25.31 -21.91
C THR C 372 -1.54 -23.86 -21.84
N ASN C 373 -1.40 -23.32 -20.63
CA ASN C 373 -1.09 -21.91 -20.43
C ASN C 373 -1.94 -21.01 -21.35
N PRO C 374 -3.28 -21.18 -21.30
CA PRO C 374 -4.11 -20.62 -22.38
C PRO C 374 -3.93 -19.14 -22.60
N ASP C 375 -3.44 -18.40 -21.60
CA ASP C 375 -3.39 -16.96 -21.72
C ASP C 375 -2.05 -16.45 -22.24
N GLU C 376 -1.14 -17.35 -22.58
CA GLU C 376 0.16 -17.02 -23.14
C GLU C 376 0.06 -16.91 -24.66
N PHE C 377 0.95 -16.14 -25.25
CA PHE C 377 1.00 -16.00 -26.71
C PHE C 377 2.14 -16.88 -27.23
N ASP C 378 1.78 -17.95 -27.92
CA ASP C 378 2.76 -18.93 -28.36
C ASP C 378 2.48 -19.25 -29.82
N ILE C 379 3.36 -18.83 -30.74
CA ILE C 379 3.15 -19.21 -32.13
C ILE C 379 3.56 -20.65 -32.39
N ASP C 380 4.50 -21.20 -31.61
CA ASP C 380 4.87 -22.60 -31.77
C ASP C 380 3.72 -23.56 -31.48
N ARG C 381 2.61 -23.11 -30.87
CA ARG C 381 1.43 -23.96 -30.84
C ARG C 381 1.04 -24.46 -32.22
N TRP C 382 1.54 -23.84 -33.29
CA TRP C 382 0.96 -24.07 -34.60
C TRP C 382 1.95 -24.66 -35.61
N THR C 383 2.91 -25.45 -35.13
CA THR C 383 3.76 -26.24 -36.00
C THR C 383 3.01 -27.46 -36.52
N SER C 384 3.57 -28.08 -37.57
CA SER C 384 2.98 -29.30 -38.11
C SER C 384 2.74 -30.31 -37.01
N GLU C 385 3.75 -30.53 -36.16
CA GLU C 385 3.69 -31.59 -35.17
C GLU C 385 2.74 -31.23 -34.02
N ASN C 386 2.91 -30.05 -33.43
CA ASN C 386 2.05 -29.61 -32.34
C ASN C 386 0.62 -29.34 -32.78
N ARG C 387 0.42 -28.91 -34.03
N ARG C 387 0.41 -28.87 -34.00
CA ARG C 387 -0.91 -28.51 -34.49
CA ARG C 387 -0.96 -28.47 -34.45
C ARG C 387 -1.93 -29.58 -34.18
C ARG C 387 -1.99 -29.57 -34.25
N ARG C 388 -1.75 -30.77 -34.77
CA ARG C 388 -2.81 -31.78 -34.74
C ARG C 388 -2.89 -32.52 -33.39
N THR C 389 -2.26 -32.04 -32.32
CA THR C 389 -2.57 -32.50 -30.97
C THR C 389 -3.52 -31.58 -30.21
N HIS C 390 -4.18 -30.65 -30.90
CA HIS C 390 -5.16 -29.76 -30.26
C HIS C 390 -6.46 -30.49 -30.02
N HIS C 391 -7.24 -29.99 -29.07
CA HIS C 391 -8.59 -30.52 -28.92
C HIS C 391 -9.30 -30.33 -30.25
N PRO C 392 -10.01 -31.33 -30.76
CA PRO C 392 -10.59 -31.23 -32.12
C PRO C 392 -11.65 -30.16 -32.29
N ALA C 393 -12.16 -29.57 -31.21
CA ALA C 393 -13.25 -28.61 -31.35
C ALA C 393 -13.00 -27.32 -30.57
N ALA C 394 -11.76 -27.04 -30.20
CA ALA C 394 -11.49 -25.90 -29.35
C ALA C 394 -11.02 -24.69 -30.13
N TYR C 395 -11.04 -24.74 -31.45
CA TYR C 395 -10.53 -23.65 -32.28
C TYR C 395 -11.47 -23.54 -33.46
N LYS C 396 -12.22 -22.48 -33.49
CA LYS C 396 -13.20 -22.38 -34.54
C LYS C 396 -13.28 -20.92 -34.98
N PRO C 397 -12.16 -20.28 -35.35
CA PRO C 397 -12.23 -18.85 -35.70
C PRO C 397 -13.07 -18.58 -36.93
N PHE C 398 -13.23 -19.57 -37.81
CA PHE C 398 -13.86 -19.42 -39.11
C PHE C 398 -15.12 -20.26 -39.24
N GLY C 399 -15.89 -20.39 -38.18
CA GLY C 399 -17.21 -21.02 -38.32
C GLY C 399 -17.18 -22.54 -38.17
N ASN C 400 -18.20 -23.19 -38.72
CA ASN C 400 -18.22 -24.64 -38.59
C ASN C 400 -19.00 -25.28 -39.71
N GLY C 401 -18.37 -26.24 -40.39
CA GLY C 401 -19.08 -27.10 -41.33
C GLY C 401 -19.64 -26.34 -42.52
N MET C 402 -20.78 -26.81 -43.03
CA MET C 402 -21.44 -26.19 -44.17
C MET C 402 -21.56 -24.67 -44.04
N ARG C 403 -21.74 -24.18 -42.82
CA ARG C 403 -21.99 -22.74 -42.61
C ARG C 403 -20.73 -22.05 -42.10
N ALA C 404 -19.58 -22.40 -42.67
CA ALA C 404 -18.31 -21.80 -42.28
C ALA C 404 -17.87 -20.73 -43.27
N CYS C 405 -16.87 -19.94 -42.89
CA CYS C 405 -16.37 -18.82 -43.74
C CYS C 405 -15.94 -19.33 -45.10
N ILE C 406 -16.46 -18.72 -46.16
CA ILE C 406 -16.03 -19.10 -47.53
C ILE C 406 -14.79 -18.27 -47.86
N GLY C 407 -14.60 -17.16 -47.17
CA GLY C 407 -13.46 -16.29 -47.48
C GLY C 407 -12.31 -16.43 -46.52
N ARG C 408 -12.22 -17.57 -45.86
CA ARG C 408 -11.09 -17.82 -44.96
C ARG C 408 -9.75 -17.66 -45.69
N GLN C 409 -9.59 -18.30 -46.85
CA GLN C 409 -8.29 -18.27 -47.53
C GLN C 409 -7.98 -16.88 -48.07
N PHE C 410 -8.99 -16.21 -48.62
CA PHE C 410 -8.91 -14.78 -48.92
C PHE C 410 -8.40 -13.97 -47.73
N ALA C 411 -9.08 -14.09 -46.59
CA ALA C 411 -8.69 -13.30 -45.44
C ALA C 411 -7.24 -13.59 -45.05
N LEU C 412 -6.91 -14.86 -44.88
CA LEU C 412 -5.57 -15.16 -44.35
C LEU C 412 -4.49 -14.75 -45.33
N THR C 413 -4.74 -14.90 -46.64
CA THR C 413 -3.71 -14.53 -47.61
C THR C 413 -3.54 -13.01 -47.70
N GLU C 414 -4.65 -12.25 -47.78
CA GLU C 414 -4.57 -10.80 -47.66
C GLU C 414 -3.74 -10.39 -46.44
N ALA C 415 -4.04 -10.99 -45.27
CA ALA C 415 -3.40 -10.61 -44.01
C ALA C 415 -1.92 -10.90 -44.03
N LYS C 416 -1.56 -12.13 -44.45
CA LYS C 416 -0.14 -12.45 -44.58
C LYS C 416 0.55 -11.41 -45.44
N LEU C 417 -0.10 -11.05 -46.56
CA LEU C 417 0.56 -10.17 -47.53
C LEU C 417 0.83 -8.79 -46.93
N ALA C 418 -0.18 -8.21 -46.27
CA ALA C 418 0.01 -6.86 -45.75
C ALA C 418 1.01 -6.87 -44.60
N LEU C 419 1.03 -7.94 -43.80
CA LEU C 419 2.07 -8.06 -42.79
C LEU C 419 3.45 -8.18 -43.44
N LEU C 420 3.55 -8.95 -44.51
CA LEU C 420 4.80 -9.05 -45.25
C LEU C 420 5.29 -7.67 -45.68
N LEU C 421 4.43 -6.90 -46.35
CA LEU C 421 4.87 -5.59 -46.85
C LEU C 421 5.20 -4.64 -45.71
N ILE C 422 4.30 -4.51 -44.74
CA ILE C 422 4.54 -3.64 -43.59
C ILE C 422 5.89 -3.95 -42.96
N LEU C 423 6.17 -5.23 -42.65
CA LEU C 423 7.41 -5.52 -41.95
C LEU C 423 8.63 -5.42 -42.87
N GLN C 424 8.45 -5.55 -44.17
CA GLN C 424 9.57 -5.26 -45.06
C GLN C 424 9.95 -3.80 -44.97
N LYS C 425 8.97 -2.90 -44.83
CA LYS C 425 9.31 -1.48 -44.91
C LYS C 425 9.57 -0.81 -43.57
N PHE C 426 8.89 -1.17 -42.50
CA PHE C 426 8.73 -0.21 -41.40
C PHE C 426 9.18 -0.74 -40.05
N ALA C 427 9.92 0.08 -39.31
CA ALA C 427 10.16 -0.16 -37.89
C ALA C 427 9.01 0.45 -37.10
N LEU C 428 8.28 -0.42 -36.38
CA LEU C 428 7.09 -0.07 -35.61
C LEU C 428 7.44 0.55 -34.26
N SER C 429 6.54 1.38 -33.76
CA SER C 429 6.77 2.05 -32.49
C SER C 429 5.43 2.36 -31.85
N ASP C 430 5.37 2.19 -30.54
CA ASP C 430 4.19 2.51 -29.74
C ASP C 430 4.43 3.80 -28.95
N PRO C 431 4.01 4.96 -29.45
CA PRO C 431 4.34 6.23 -28.79
C PRO C 431 3.40 6.65 -27.67
N TYR C 432 2.35 5.88 -27.31
CA TYR C 432 1.46 6.30 -26.23
C TYR C 432 1.13 5.18 -25.26
N ASP C 433 1.93 4.13 -25.18
CA ASP C 433 1.66 3.02 -24.27
C ASP C 433 0.23 2.52 -24.44
N TYR C 434 -0.09 2.06 -25.66
CA TYR C 434 -1.47 1.74 -25.99
C TYR C 434 -2.05 0.75 -24.98
N HIS C 435 -3.20 1.09 -24.42
CA HIS C 435 -3.92 0.21 -23.52
C HIS C 435 -5.05 -0.46 -24.31
N LEU C 436 -5.03 -1.79 -24.40
CA LEU C 436 -6.00 -2.48 -25.26
C LEU C 436 -7.42 -2.03 -24.91
N LYS C 437 -8.17 -1.64 -25.94
CA LYS C 437 -9.55 -1.21 -25.82
C LYS C 437 -10.32 -1.88 -26.95
N VAL C 438 -11.30 -2.69 -26.59
CA VAL C 438 -11.94 -3.60 -27.52
C VAL C 438 -13.38 -3.16 -27.70
N LYS C 439 -13.76 -2.95 -28.96
CA LYS C 439 -15.13 -2.60 -29.34
C LYS C 439 -15.77 -3.76 -30.09
N GLN C 440 -16.98 -4.13 -29.70
CA GLN C 440 -17.68 -5.27 -30.28
C GLN C 440 -18.97 -4.83 -30.95
N SER C 441 -18.93 -4.67 -32.29
CA SER C 441 -20.14 -4.57 -33.12
C SER C 441 -20.63 -5.97 -33.49
N LEU C 442 -20.68 -6.28 -34.78
CA LEU C 442 -20.77 -7.69 -35.15
C LEU C 442 -19.42 -8.36 -34.97
N THR C 443 -18.35 -7.57 -35.01
CA THR C 443 -16.99 -8.03 -34.84
C THR C 443 -16.36 -7.27 -33.68
N ILE C 444 -15.25 -7.78 -33.14
CA ILE C 444 -14.52 -7.07 -32.09
C ILE C 444 -13.17 -6.64 -32.66
N LYS C 445 -12.82 -5.39 -32.43
CA LYS C 445 -11.58 -4.80 -32.92
C LYS C 445 -10.96 -4.00 -31.79
N PRO C 446 -9.66 -3.72 -31.87
CA PRO C 446 -9.10 -2.69 -30.99
C PRO C 446 -9.46 -1.31 -31.51
N GLU C 447 -9.66 -0.38 -30.57
CA GLU C 447 -10.01 0.99 -30.89
C GLU C 447 -8.96 1.94 -30.36
N ASP C 448 -8.75 3.05 -31.08
CA ASP C 448 -7.87 4.11 -30.62
C ASP C 448 -6.46 3.58 -30.41
N PHE C 449 -6.02 2.75 -31.36
CA PHE C 449 -4.69 2.14 -31.33
C PHE C 449 -3.88 2.92 -32.34
N ALA C 450 -2.92 3.72 -31.85
CA ALA C 450 -2.02 4.47 -32.71
C ALA C 450 -0.63 3.93 -32.56
N LEU C 451 0.04 3.72 -33.69
CA LEU C 451 1.47 3.49 -33.70
C LEU C 451 2.14 4.41 -34.72
N ARG C 452 3.45 4.39 -34.70
CA ARG C 452 4.29 5.23 -35.56
C ARG C 452 5.28 4.34 -36.28
N VAL C 453 5.55 4.65 -37.55
CA VAL C 453 6.45 3.84 -38.36
C VAL C 453 7.56 4.73 -38.87
N ARG C 454 8.77 4.16 -38.98
CA ARG C 454 9.84 4.80 -39.75
C ARG C 454 10.50 3.74 -40.63
N GLU C 455 10.82 4.13 -41.87
CA GLU C 455 11.44 3.25 -42.85
C GLU C 455 12.66 2.51 -42.32
N ARG C 456 12.71 1.20 -42.56
CA ARG C 456 13.84 0.40 -42.10
C ARG C 456 15.05 0.68 -42.99
N ARG C 457 16.15 1.09 -42.39
CA ARG C 457 17.30 1.40 -43.23
C ARG C 457 18.00 0.12 -43.64
N PRO C 458 18.61 0.10 -44.82
CA PRO C 458 19.13 -1.17 -45.35
C PRO C 458 20.06 -1.90 -44.40
N HIS C 459 20.96 -1.20 -43.72
CA HIS C 459 21.89 -1.95 -42.88
C HIS C 459 21.29 -2.46 -41.59
N GLU C 460 19.99 -2.24 -41.34
CA GLU C 460 19.31 -2.68 -40.13
C GLU C 460 18.66 -4.04 -40.28
N ARG C 461 18.69 -4.60 -41.48
CA ARG C 461 17.88 -5.75 -41.83
C ARG C 461 18.67 -7.04 -41.68
N PHE C 462 18.00 -8.08 -41.22
CA PHE C 462 18.65 -9.36 -41.06
C PHE C 462 19.22 -9.82 -42.41
N SER C 463 20.25 -10.65 -42.31
CA SER C 463 21.42 -10.48 -43.15
C SER C 463 22.03 -11.84 -43.51
N VAL C 464 22.15 -12.15 -44.81
CA VAL C 464 22.95 -13.31 -45.26
C VAL C 464 23.10 -13.33 -46.78
N ILE D 4 45.92 -4.13 19.74
CA ILE D 4 45.09 -4.35 20.91
C ILE D 4 44.24 -3.10 21.18
N LEU D 5 44.81 -1.90 20.97
CA LEU D 5 44.14 -0.64 21.33
C LEU D 5 43.28 -0.14 20.17
N ALA D 6 42.00 -0.53 20.17
CA ALA D 6 41.05 -0.13 19.12
C ALA D 6 40.55 1.30 19.37
N PRO D 7 40.03 1.95 18.33
CA PRO D 7 39.52 3.31 18.52
C PRO D 7 38.08 3.27 19.00
N ILE D 8 37.66 4.37 19.61
CA ILE D 8 36.32 4.38 20.16
C ILE D 8 35.37 4.84 19.07
N PRO D 9 34.34 4.03 18.73
CA PRO D 9 33.40 4.35 17.65
C PRO D 9 32.83 5.76 17.74
N SER D 10 32.49 6.32 16.59
CA SER D 10 31.86 7.64 16.53
C SER D 10 30.60 7.61 15.69
N PRO D 11 29.50 8.19 16.16
CA PRO D 11 28.28 8.24 15.34
C PRO D 11 28.52 9.08 14.11
N PRO D 12 27.56 9.10 13.18
CA PRO D 12 27.75 9.88 11.95
C PRO D 12 27.82 11.39 12.20
N LYS D 13 28.70 12.07 11.45
CA LYS D 13 28.84 13.51 11.52
C LYS D 13 27.85 14.18 10.57
N HIS D 14 27.19 15.26 11.05
CA HIS D 14 26.35 16.15 10.25
C HIS D 14 27.22 17.18 9.57
N PRO D 15 26.99 17.55 8.28
CA PRO D 15 27.78 18.60 7.66
C PRO D 15 27.98 19.84 8.54
N GLN D 16 26.94 20.65 8.71
CA GLN D 16 27.02 21.90 9.50
C GLN D 16 27.22 21.67 11.00
N TYR D 17 26.55 20.70 11.61
CA TYR D 17 26.54 20.59 13.09
C TYR D 17 27.50 19.54 13.69
N GLY D 18 28.21 18.75 12.91
CA GLY D 18 29.07 17.73 13.55
C GLY D 18 28.27 16.73 14.34
N HIS D 19 28.53 16.60 15.65
CA HIS D 19 27.77 15.68 16.54
C HIS D 19 26.76 16.47 17.37
N LEU D 20 26.66 17.77 17.17
CA LEU D 20 25.76 18.60 18.01
C LEU D 20 24.28 18.33 17.74
N HIS D 21 23.92 17.81 16.57
CA HIS D 21 22.52 17.48 16.26
C HIS D 21 22.01 16.44 17.25
N TYR D 22 22.91 15.64 17.81
CA TYR D 22 22.54 14.57 18.77
C TYR D 22 22.16 15.12 20.14
N LEU D 23 22.48 16.37 20.42
CA LEU D 23 22.19 17.00 21.73
C LEU D 23 20.89 17.80 21.59
N ALA D 24 20.26 17.71 20.44
CA ALA D 24 19.07 18.54 20.19
C ALA D 24 17.79 17.78 20.49
N GLY D 25 16.68 18.50 20.55
CA GLY D 25 15.36 17.88 20.75
C GLY D 25 14.92 17.80 22.19
N ASP D 26 13.73 17.23 22.42
CA ASP D 26 13.14 17.09 23.78
C ASP D 26 13.90 16.07 24.63
N ALA D 27 14.36 14.97 24.03
CA ALA D 27 15.16 13.99 24.78
C ALA D 27 16.41 13.59 24.03
N PRO D 28 17.57 14.22 24.31
CA PRO D 28 18.83 13.81 23.73
C PRO D 28 19.22 12.36 24.04
N VAL D 29 18.91 11.86 25.24
CA VAL D 29 19.31 10.48 25.66
C VAL D 29 18.70 9.47 24.70
N LEU D 30 17.56 9.79 24.12
CA LEU D 30 16.89 8.86 23.18
C LEU D 30 17.64 8.85 21.86
N ASN D 31 18.14 10.00 21.41
CA ASN D 31 19.04 9.91 20.26
C ASN D 31 20.23 9.01 20.57
N PHE D 32 20.85 9.19 21.75
CA PHE D 32 21.95 8.31 22.11
C PHE D 32 21.50 6.86 22.13
N PHE D 33 20.29 6.62 22.63
CA PHE D 33 19.78 5.26 22.74
C PHE D 33 19.68 4.62 21.37
N GLN D 34 19.02 5.30 20.43
CA GLN D 34 18.93 4.81 19.05
C GLN D 34 20.32 4.49 18.51
N LEU D 35 21.25 5.45 18.61
CA LEU D 35 22.59 5.19 18.09
C LEU D 35 23.18 3.95 18.75
N ALA D 36 22.98 3.82 20.05
CA ALA D 36 23.59 2.76 20.83
C ALA D 36 23.15 1.39 20.36
N ARG D 37 21.86 1.26 19.99
CA ARG D 37 21.38 -0.02 19.48
C ARG D 37 22.04 -0.42 18.16
N GLN D 38 22.78 0.50 17.53
CA GLN D 38 23.44 0.22 16.26
C GLN D 38 24.96 0.16 16.36
N ILE D 39 25.52 0.23 17.57
CA ILE D 39 26.95 0.23 17.76
C ILE D 39 27.27 -0.83 18.81
N PRO D 40 27.56 -2.06 18.39
CA PRO D 40 27.66 -3.16 19.35
C PRO D 40 28.98 -3.25 20.10
N GLU D 41 30.00 -2.46 19.77
CA GLU D 41 31.13 -2.39 20.67
C GLU D 41 30.66 -2.10 22.10
N GLY D 42 29.59 -1.30 22.25
CA GLY D 42 29.03 -0.98 23.55
C GLY D 42 29.27 0.43 24.05
N LEU D 43 29.94 1.28 23.28
CA LEU D 43 30.23 2.62 23.72
C LEU D 43 30.57 3.45 22.51
N PHE D 44 30.30 4.76 22.59
CA PHE D 44 30.64 5.62 21.45
C PHE D 44 30.94 7.00 21.96
N GLN D 45 31.51 7.84 21.09
CA GLN D 45 32.23 9.01 21.53
C GLN D 45 31.78 10.20 20.70
N LEU D 46 31.38 11.27 21.36
CA LEU D 46 30.98 12.50 20.70
C LEU D 46 31.99 13.61 20.97
N ASP D 47 32.13 14.52 20.00
CA ASP D 47 32.96 15.72 20.10
C ASP D 47 32.05 16.94 20.13
N ILE D 48 31.84 17.49 21.33
CA ILE D 48 30.97 18.63 21.56
C ILE D 48 31.81 19.78 22.10
N GLN D 49 31.90 20.86 21.32
CA GLN D 49 32.56 22.09 21.76
C GLN D 49 33.97 21.78 22.25
N GLY D 50 34.77 21.16 21.38
CA GLY D 50 36.14 20.84 21.71
C GLY D 50 36.30 19.84 22.85
N ARG D 51 35.26 19.63 23.67
CA ARG D 51 35.27 18.60 24.71
C ARG D 51 34.86 17.26 24.09
N THR D 52 35.24 16.17 24.75
CA THR D 52 34.87 14.83 24.33
C THR D 52 33.98 14.21 25.40
N LEU D 53 32.82 13.71 24.98
CA LEU D 53 31.88 13.03 25.87
C LEU D 53 31.71 11.61 25.37
N ILE D 54 31.85 10.64 26.25
CA ILE D 54 31.69 9.24 25.88
C ILE D 54 30.43 8.71 26.54
N GLN D 55 29.68 7.88 25.81
CA GLN D 55 28.47 7.25 26.28
C GLN D 55 28.72 5.75 26.34
N ALA D 56 28.44 5.14 27.50
CA ALA D 56 28.75 3.73 27.71
C ALA D 56 27.53 2.93 28.19
N TYR D 57 27.44 1.69 27.73
CA TYR D 57 26.24 0.90 27.98
C TYR D 57 26.48 -0.61 27.87
N ASP D 58 27.63 -1.06 27.36
CA ASP D 58 27.89 -2.50 27.47
C ASP D 58 27.99 -2.84 28.95
N PRO D 59 27.25 -3.84 29.43
CA PRO D 59 27.24 -4.14 30.86
C PRO D 59 28.61 -4.37 31.46
N ASN D 60 29.51 -5.08 30.77
CA ASN D 60 30.85 -5.27 31.33
C ASN D 60 31.61 -3.95 31.37
N LEU D 61 31.65 -3.23 30.25
CA LEU D 61 32.18 -1.86 30.27
C LEU D 61 31.66 -1.10 31.48
N VAL D 62 30.37 -1.19 31.74
CA VAL D 62 29.81 -0.44 32.86
C VAL D 62 30.39 -0.95 34.18
N ALA D 63 30.46 -2.28 34.34
CA ALA D 63 31.12 -2.86 35.52
C ALA D 63 32.48 -2.21 35.75
N GLU D 64 33.18 -1.89 34.66
CA GLU D 64 34.46 -1.19 34.74
C GLU D 64 34.29 0.26 35.18
N LEU D 65 33.42 1.02 34.50
CA LEU D 65 33.21 2.41 34.88
C LEU D 65 32.63 2.54 36.29
N THR D 66 32.21 1.41 36.85
CA THR D 66 31.56 1.39 38.19
C THR D 66 32.62 1.13 39.28
N ASP D 67 33.88 0.92 38.88
CA ASP D 67 35.00 0.70 39.84
C ASP D 67 35.46 2.05 40.35
N GLU D 68 35.29 2.29 41.63
CA GLU D 68 35.60 3.60 42.24
C GLU D 68 37.12 3.81 42.32
N ARG D 69 37.89 2.74 42.28
CA ARG D 69 39.38 2.84 42.23
C ARG D 69 39.77 3.49 40.90
N ARG D 70 39.05 3.17 39.83
CA ARG D 70 39.41 3.67 38.47
C ARG D 70 38.62 4.92 38.09
N PHE D 71 37.34 5.01 38.46
CA PHE D 71 36.50 6.14 38.01
C PHE D 71 35.57 6.63 39.14
N GLN D 72 35.31 7.94 39.18
CA GLN D 72 34.46 8.50 40.24
C GLN D 72 33.75 9.75 39.76
N LYS D 73 32.60 10.03 40.35
CA LYS D 73 31.84 11.24 40.01
C LYS D 73 32.67 12.47 40.37
N ARG D 74 32.63 13.50 39.52
CA ARG D 74 33.33 14.78 39.79
C ARG D 74 32.39 15.91 39.40
N VAL D 75 32.45 17.04 40.10
CA VAL D 75 31.46 18.15 39.91
C VAL D 75 31.92 19.03 38.77
N HIS D 76 33.09 18.73 38.21
CA HIS D 76 33.67 19.56 37.14
C HIS D 76 32.78 19.47 35.91
N PRO D 77 32.84 20.43 34.97
CA PRO D 77 32.04 20.43 33.77
C PRO D 77 30.92 19.40 33.77
N ALA D 78 29.89 19.64 34.58
CA ALA D 78 28.73 18.74 34.61
C ALA D 78 27.77 19.27 35.65
N TYR D 79 28.17 19.23 36.91
CA TYR D 79 27.26 19.64 38.01
C TYR D 79 27.51 21.11 38.36
N THR D 80 28.31 21.81 37.57
CA THR D 80 28.66 23.22 37.91
C THR D 80 27.40 24.06 37.85
N ASN D 81 26.67 24.02 36.74
CA ASN D 81 25.44 24.78 36.57
C ASN D 81 24.42 24.45 37.66
N ILE D 82 24.28 23.16 38.02
CA ILE D 82 23.33 22.80 39.05
C ILE D 82 23.88 23.10 40.45
N ARG D 83 25.22 23.16 40.59
CA ARG D 83 25.81 23.57 41.86
C ARG D 83 25.49 25.03 42.19
N ASN D 84 25.23 25.86 41.16
CA ASN D 84 24.69 27.21 41.32
C ASN D 84 23.68 27.35 42.46
N LEU D 85 22.78 26.38 42.62
CA LEU D 85 21.88 26.41 43.76
C LEU D 85 21.97 25.17 44.63
N GLY D 86 22.75 24.17 44.20
CA GLY D 86 23.01 23.02 45.05
C GLY D 86 24.10 23.23 46.07
N GLY D 87 25.03 24.16 45.80
CA GLY D 87 26.06 24.46 46.77
C GLY D 87 26.97 23.28 47.03
N ASP D 88 27.26 23.05 48.32
CA ASP D 88 28.16 21.96 48.73
C ASP D 88 27.34 20.78 49.24
N GLY D 89 26.08 20.69 48.84
CA GLY D 89 25.24 19.59 49.26
C GLY D 89 25.63 18.31 48.54
N LEU D 90 25.17 17.18 49.09
CA LEU D 90 25.67 15.89 48.63
C LEU D 90 25.64 15.74 47.11
N PHE D 91 24.73 16.45 46.42
CA PHE D 91 24.55 16.12 45.00
C PHE D 91 25.50 16.90 44.12
N THR D 92 25.91 18.09 44.55
CA THR D 92 26.75 18.96 43.73
C THR D 92 28.15 19.14 44.30
N SER D 93 28.56 18.29 45.23
CA SER D 93 29.86 18.47 45.89
C SER D 93 30.71 17.22 45.73
N ASP D 94 32.02 17.43 45.74
CA ASP D 94 32.96 16.36 45.50
C ASP D 94 33.23 15.56 46.78
N SER D 95 33.41 14.25 46.59
CA SER D 95 33.77 13.30 47.64
C SER D 95 34.80 13.80 48.64
N PHE D 96 35.73 14.66 48.22
CA PHE D 96 36.79 15.15 49.09
C PHE D 96 36.52 16.52 49.69
N GLU D 97 35.55 17.30 49.19
CA GLU D 97 35.10 18.45 49.97
C GLU D 97 34.67 17.97 51.35
N PRO D 98 34.89 18.77 52.41
CA PRO D 98 34.61 18.26 53.77
C PRO D 98 33.11 18.20 54.07
N ASN D 99 32.33 19.12 53.50
CA ASN D 99 30.88 19.09 53.67
C ASN D 99 30.24 17.82 53.08
N TRP D 100 30.78 17.27 51.99
CA TRP D 100 30.23 16.02 51.46
C TRP D 100 30.28 14.92 52.52
N GLY D 101 31.47 14.63 53.05
CA GLY D 101 31.58 13.54 54.01
C GLY D 101 30.84 13.82 55.30
N LYS D 102 30.94 15.06 55.80
CA LYS D 102 30.17 15.41 56.99
C LYS D 102 28.68 15.10 56.78
N ALA D 103 28.07 15.68 55.72
CA ALA D 103 26.64 15.48 55.52
C ALA D 103 26.31 14.01 55.24
N HIS D 104 27.17 13.31 54.49
CA HIS D 104 26.92 11.90 54.18
C HIS D 104 26.82 11.06 55.45
N ARG D 105 27.80 11.21 56.37
CA ARG D 105 27.78 10.40 57.58
C ARG D 105 26.62 10.80 58.49
N ILE D 106 26.31 12.10 58.58
CA ILE D 106 25.15 12.54 59.35
C ILE D 106 23.87 11.88 58.84
N LEU D 107 23.60 12.02 57.53
CA LEU D 107 22.27 11.80 56.99
C LEU D 107 22.01 10.35 56.62
N LEU D 108 23.04 9.56 56.25
CA LEU D 108 22.85 8.18 55.82
C LEU D 108 21.77 7.42 56.59
N PRO D 109 21.88 7.30 57.93
CA PRO D 109 20.83 6.55 58.66
C PRO D 109 19.47 7.22 58.64
N ALA D 110 19.40 8.55 58.46
CA ALA D 110 18.13 9.25 58.31
C ALA D 110 17.40 8.91 57.01
N PHE D 111 18.02 8.08 56.16
CA PHE D 111 17.49 7.66 54.88
C PHE D 111 17.57 6.15 54.74
N SER D 112 17.94 5.44 55.81
CA SER D 112 17.99 3.99 55.77
C SER D 112 16.57 3.46 55.69
N GLN D 113 16.44 2.15 55.50
CA GLN D 113 15.12 1.58 55.28
C GLN D 113 14.18 1.98 56.41
N ARG D 114 14.48 1.56 57.64
CA ARG D 114 13.49 1.90 58.64
C ARG D 114 14.01 3.00 59.55
N ALA D 115 14.48 4.09 58.96
CA ALA D 115 14.06 5.41 59.41
C ALA D 115 12.76 5.84 58.74
N MET D 116 12.39 5.15 57.66
CA MET D 116 11.24 5.51 56.84
C MET D 116 9.94 5.53 57.65
N LYS D 117 9.79 4.62 58.64
CA LYS D 117 8.52 4.61 59.36
C LYS D 117 8.22 6.00 59.91
N GLY D 118 9.27 6.71 60.35
CA GLY D 118 9.07 8.03 60.93
C GLY D 118 8.49 9.03 59.95
N TYR D 119 8.81 8.90 58.66
CA TYR D 119 8.27 9.78 57.63
C TYR D 119 6.90 9.34 57.13
N PHE D 120 6.49 8.12 57.46
CA PHE D 120 5.25 7.61 56.88
C PHE D 120 4.09 8.57 57.17
N GLY D 121 3.88 8.93 58.42
CA GLY D 121 2.86 9.92 58.73
C GLY D 121 2.72 11.01 57.69
N GLN D 122 3.83 11.57 57.21
CA GLN D 122 3.71 12.73 56.32
C GLN D 122 3.47 12.30 54.89
N MET D 123 4.20 11.28 54.44
CA MET D 123 3.93 10.72 53.12
C MET D 123 2.44 10.51 52.96
N LEU D 124 1.85 9.72 53.87
CA LEU D 124 0.41 9.44 53.84
C LEU D 124 -0.40 10.74 53.76
N GLU D 125 -0.09 11.72 54.62
CA GLU D 125 -0.82 12.97 54.54
C GLU D 125 -0.84 13.50 53.12
N VAL D 126 0.33 13.70 52.51
CA VAL D 126 0.35 14.28 51.16
C VAL D 126 -0.41 13.39 50.20
N ALA D 127 -0.22 12.06 50.32
CA ALA D 127 -0.92 11.16 49.41
C ALA D 127 -2.42 11.37 49.49
N GLN D 128 -2.95 11.44 50.73
CA GLN D 128 -4.40 11.63 50.88
C GLN D 128 -4.85 12.90 50.18
N ALA D 129 -4.07 13.98 50.32
CA ALA D 129 -4.39 15.23 49.61
C ALA D 129 -4.55 14.96 48.12
N LEU D 130 -3.58 14.27 47.51
CA LEU D 130 -3.73 13.86 46.12
C LEU D 130 -5.06 13.15 45.90
N VAL D 131 -5.30 12.06 46.62
CA VAL D 131 -6.56 11.34 46.44
C VAL D 131 -7.73 12.31 46.57
N GLY D 132 -7.65 13.18 47.56
CA GLY D 132 -8.66 14.18 47.77
C GLY D 132 -8.93 14.89 46.47
N LYS D 133 -7.90 15.51 45.89
CA LYS D 133 -8.12 16.28 44.66
C LYS D 133 -8.76 15.43 43.60
N TRP D 134 -8.30 14.18 43.47
CA TRP D 134 -8.84 13.32 42.42
C TRP D 134 -10.27 12.87 42.70
N GLU D 135 -10.72 12.89 43.97
CA GLU D 135 -12.12 12.57 44.26
C GLU D 135 -13.06 13.68 43.78
N ARG D 136 -12.72 14.92 44.11
CA ARG D 136 -13.52 16.09 43.73
C ARG D 136 -13.38 16.41 42.24
N THR D 137 -12.59 15.63 41.51
CA THR D 137 -12.19 15.92 40.15
C THR D 137 -12.68 14.89 39.16
N GLN D 138 -13.41 13.89 39.65
CA GLN D 138 -13.79 12.77 38.82
C GLN D 138 -14.37 13.25 37.51
N GLY D 139 -13.95 12.59 36.42
CA GLY D 139 -14.36 12.96 35.08
C GLY D 139 -13.58 14.09 34.47
N GLN D 140 -12.95 14.94 35.27
CA GLN D 140 -12.12 16.00 34.70
C GLN D 140 -10.76 15.43 34.34
N ASP D 141 -10.13 16.06 33.34
CA ASP D 141 -8.78 15.70 32.91
C ASP D 141 -7.81 15.83 34.07
N VAL D 142 -7.15 14.73 34.42
CA VAL D 142 -6.08 14.77 35.43
C VAL D 142 -4.75 15.03 34.73
N ARG D 143 -4.04 16.07 35.17
CA ARG D 143 -2.70 16.34 34.66
C ARG D 143 -1.72 15.48 35.44
N VAL D 144 -1.22 14.39 34.83
CA VAL D 144 -0.53 13.35 35.59
C VAL D 144 0.81 13.85 36.08
N ALA D 145 1.70 14.22 35.16
CA ALA D 145 3.00 14.75 35.59
C ALA D 145 2.80 15.85 36.63
N ASP D 146 1.80 16.72 36.42
CA ASP D 146 1.59 17.87 37.32
C ASP D 146 1.26 17.43 38.74
N ASP D 147 0.15 16.72 38.93
CA ASP D 147 -0.23 16.25 40.25
C ASP D 147 0.81 15.30 40.84
N MET D 148 1.61 14.62 40.00
CA MET D 148 2.72 13.84 40.54
C MET D 148 3.81 14.75 41.12
N THR D 149 4.18 15.79 40.38
CA THR D 149 5.10 16.81 40.89
C THR D 149 4.57 17.41 42.19
N ARG D 150 3.27 17.68 42.27
CA ARG D 150 2.70 18.21 43.49
C ARG D 150 2.92 17.25 44.66
N LEU D 151 2.47 16.00 44.50
CA LEU D 151 2.69 14.99 45.51
C LEU D 151 4.14 14.97 46.00
N THR D 152 5.10 14.91 45.06
CA THR D 152 6.50 14.69 45.42
C THR D 152 7.16 15.92 46.03
N LEU D 153 6.93 17.12 45.48
CA LEU D 153 7.37 18.34 46.14
C LEU D 153 6.84 18.43 47.57
N ASP D 154 5.52 18.34 47.73
CA ASP D 154 4.95 18.49 49.06
C ASP D 154 5.50 17.44 50.02
N THR D 155 5.61 16.18 49.58
CA THR D 155 6.12 15.14 50.45
C THR D 155 7.56 15.42 50.86
N ILE D 156 8.39 15.85 49.90
CA ILE D 156 9.80 16.07 50.19
C ILE D 156 9.98 17.26 51.13
N SER D 157 9.18 18.33 50.95
CA SER D 157 9.23 19.46 51.86
C SER D 157 8.75 19.08 53.26
N LEU D 158 7.60 18.40 53.35
CA LEU D 158 7.04 18.07 54.66
C LEU D 158 7.95 17.12 55.44
N SER D 159 8.62 16.20 54.74
CA SER D 159 9.53 15.32 55.45
C SER D 159 10.92 15.91 55.58
N GLY D 160 11.26 16.96 54.84
CA GLY D 160 12.62 17.43 54.82
C GLY D 160 12.80 18.60 55.76
N PHE D 161 11.82 19.50 55.76
CA PHE D 161 11.82 20.60 56.71
C PHE D 161 10.40 21.05 57.07
N ASP D 162 9.56 20.10 57.50
CA ASP D 162 8.30 20.39 58.19
C ASP D 162 7.55 21.58 57.57
N TYR D 163 7.62 21.73 56.24
CA TYR D 163 6.95 22.81 55.53
C TYR D 163 5.81 22.27 54.68
N ARG D 164 4.65 22.94 54.73
CA ARG D 164 3.42 22.55 54.02
C ARG D 164 3.15 23.59 52.94
N PHE D 165 3.42 23.23 51.69
CA PHE D 165 3.07 24.12 50.59
C PHE D 165 1.61 23.99 50.16
N ARG D 166 0.89 23.00 50.66
CA ARG D 166 -0.55 22.85 50.38
C ARG D 166 -0.82 23.07 48.90
N SER D 167 -0.22 22.21 48.09
CA SER D 167 -0.23 22.38 46.63
C SER D 167 -1.44 21.77 45.94
N PHE D 168 -2.21 20.91 46.63
CA PHE D 168 -3.45 20.33 46.13
C PHE D 168 -4.67 21.19 46.47
N ASP D 169 -4.50 22.25 47.26
CA ASP D 169 -5.58 23.17 47.57
C ASP D 169 -5.77 24.22 46.48
N LYS D 170 -4.70 24.57 45.76
CA LYS D 170 -4.68 25.70 44.82
C LYS D 170 -4.16 25.24 43.46
N ASP D 171 -4.61 25.92 42.41
CA ASP D 171 -4.13 25.61 41.06
C ASP D 171 -2.68 26.03 40.86
N GLU D 172 -2.31 27.23 41.31
CA GLU D 172 -0.93 27.71 41.26
C GLU D 172 -0.12 27.13 42.41
N LEU D 173 1.20 27.08 42.23
CA LEU D 173 2.10 26.64 43.28
C LEU D 173 2.60 27.84 44.08
N HIS D 174 2.82 27.61 45.39
CA HIS D 174 3.43 28.58 46.29
C HIS D 174 4.59 29.27 45.58
N PRO D 175 4.81 30.56 45.82
CA PRO D 175 5.84 31.28 45.05
C PRO D 175 7.23 30.67 45.13
N PHE D 176 7.56 29.96 46.22
CA PHE D 176 8.90 29.38 46.39
C PHE D 176 9.10 28.18 45.45
N LEU D 177 8.09 27.31 45.33
CA LEU D 177 8.16 26.20 44.38
C LEU D 177 8.08 26.68 42.95
N GLN D 178 7.36 27.77 42.72
CA GLN D 178 7.32 28.41 41.41
C GLN D 178 8.70 28.91 41.01
N ALA D 179 9.39 29.60 41.94
CA ALA D 179 10.76 30.02 41.70
C ALA D 179 11.73 28.84 41.57
N LEU D 180 11.48 27.74 42.29
CA LEU D 180 12.28 26.54 42.09
C LEU D 180 12.12 26.01 40.68
N ALA D 181 10.87 25.94 40.20
CA ALA D 181 10.63 25.53 38.82
C ALA D 181 11.41 26.41 37.84
N ARG D 182 11.29 27.74 38.00
CA ARG D 182 11.92 28.64 37.04
C ARG D 182 13.44 28.52 37.11
N ALA D 183 14.01 28.57 38.31
CA ALA D 183 15.46 28.49 38.46
C ALA D 183 15.98 27.16 37.90
N MET D 184 15.23 26.09 38.09
CA MET D 184 15.68 24.78 37.65
C MET D 184 15.71 24.71 36.12
N HIS D 185 14.64 25.16 35.48
CA HIS D 185 14.64 25.20 34.02
C HIS D 185 15.77 26.06 33.49
N HIS D 186 16.05 27.18 34.15
CA HIS D 186 17.13 28.07 33.71
C HIS D 186 18.49 27.38 33.85
N THR D 187 18.75 26.75 34.99
CA THR D 187 19.96 25.93 35.11
C THR D 187 20.08 24.97 33.94
N MET D 188 18.93 24.49 33.43
CA MET D 188 18.99 23.60 32.28
C MET D 188 19.34 24.35 30.99
N THR D 189 19.00 25.63 30.91
CA THR D 189 19.30 26.38 29.68
C THR D 189 20.75 26.83 29.59
N MET D 190 21.33 27.31 30.69
CA MET D 190 22.68 27.88 30.66
C MET D 190 23.74 26.80 30.49
N PHE D 191 23.38 25.71 29.80
CA PHE D 191 24.34 24.65 29.49
C PHE D 191 24.98 24.88 28.13
N SER D 192 24.17 25.09 27.09
CA SER D 192 24.68 25.34 25.74
C SER D 192 25.01 26.82 25.52
N GLU D 203 19.28 39.69 31.65
CA GLU D 203 18.15 39.99 32.53
C GLU D 203 17.64 38.74 33.21
N ALA D 204 17.61 37.62 32.48
CA ALA D 204 17.16 36.37 33.07
C ALA D 204 18.17 35.84 34.08
N ASP D 205 19.46 36.08 33.84
CA ASP D 205 20.49 35.66 34.78
C ASP D 205 20.36 36.39 36.11
N ARG D 206 19.81 37.60 36.10
CA ARG D 206 19.49 38.29 37.34
C ARG D 206 18.31 37.61 38.03
N ALA D 207 17.18 37.50 37.32
CA ALA D 207 15.98 36.87 37.88
C ALA D 207 16.31 35.49 38.44
N TYR D 208 17.10 34.71 37.70
CA TYR D 208 17.63 33.44 38.18
C TYR D 208 18.12 33.54 39.62
N TRP D 209 19.04 34.48 39.89
CA TRP D 209 19.71 34.57 41.18
C TRP D 209 18.79 35.16 42.26
N ALA D 210 17.99 36.18 41.91
CA ALA D 210 17.00 36.67 42.85
C ALA D 210 16.02 35.57 43.24
N ASP D 211 15.79 34.62 42.33
CA ASP D 211 14.97 33.44 42.64
C ASP D 211 15.61 32.60 43.74
N ILE D 212 16.89 32.22 43.55
CA ILE D 212 17.61 31.49 44.59
C ILE D 212 17.55 32.25 45.91
N ALA D 213 17.77 33.57 45.84
CA ALA D 213 17.82 34.39 47.05
C ALA D 213 16.51 34.31 47.82
N SER D 214 15.37 34.39 47.12
CA SER D 214 14.08 34.32 47.79
C SER D 214 13.84 32.93 48.38
N MET D 215 14.26 31.88 47.67
CA MET D 215 14.16 30.54 48.22
C MET D 215 15.06 30.39 49.45
N ASN D 216 16.36 30.69 49.29
CA ASN D 216 17.31 30.64 50.39
C ASN D 216 16.76 31.36 51.62
N GLU D 217 16.39 32.62 51.46
CA GLU D 217 15.91 33.41 52.59
C GLU D 217 14.76 32.73 53.32
N LEU D 218 13.84 32.12 52.56
CA LEU D 218 12.73 31.40 53.20
C LEU D 218 13.25 30.22 54.00
N VAL D 219 14.24 29.50 53.47
CA VAL D 219 14.75 28.33 54.16
C VAL D 219 15.56 28.74 55.38
N ASP D 220 16.45 29.73 55.21
CA ASP D 220 17.20 30.28 56.33
C ASP D 220 16.29 30.56 57.51
N GLU D 221 15.32 31.45 57.30
CA GLU D 221 14.42 31.83 58.37
C GLU D 221 13.82 30.60 59.05
N VAL D 222 13.64 29.52 58.30
CA VAL D 222 13.14 28.28 58.88
C VAL D 222 14.19 27.67 59.80
N ASP D 235 11.87 14.74 61.72
CA ASP D 235 12.21 15.78 60.74
C ASP D 235 13.66 15.61 60.27
N LEU D 236 13.92 15.84 58.98
CA LEU D 236 15.30 15.83 58.48
C LEU D 236 16.08 17.03 59.02
N LEU D 237 15.56 18.25 58.81
CA LEU D 237 16.20 19.47 59.34
C LEU D 237 16.39 19.40 60.84
N GLY D 238 15.38 18.93 61.58
CA GLY D 238 15.52 18.71 63.00
C GLY D 238 16.69 17.81 63.32
N LEU D 239 17.02 16.86 62.44
CA LEU D 239 18.20 16.03 62.66
C LEU D 239 19.47 16.74 62.26
N MET D 240 19.42 17.68 61.30
CA MET D 240 20.64 18.34 60.85
C MET D 240 21.09 19.43 61.82
N LEU D 241 20.18 19.99 62.62
CA LEU D 241 20.59 20.99 63.60
C LEU D 241 21.45 20.39 64.71
N ASN D 242 21.09 19.19 65.19
CA ASN D 242 21.65 18.63 66.41
C ASN D 242 22.76 17.62 66.14
N ALA D 243 22.45 16.56 65.41
CA ALA D 243 23.43 15.52 65.13
C ALA D 243 24.78 16.12 64.73
N THR D 244 25.84 15.45 65.15
CA THR D 244 27.20 15.78 64.80
C THR D 244 27.88 14.59 64.14
N ASP D 245 28.72 14.89 63.15
CA ASP D 245 29.58 13.93 62.48
C ASP D 245 30.04 12.87 63.48
N PRO D 246 29.62 11.60 63.33
CA PRO D 246 30.07 10.55 64.28
C PRO D 246 31.58 10.48 64.46
N GLU D 247 32.36 10.58 63.38
CA GLU D 247 33.83 10.50 63.47
C GLU D 247 34.45 11.83 63.90
N THR D 248 34.45 12.81 63.00
CA THR D 248 35.00 14.12 63.33
C THR D 248 34.38 14.68 64.60
N GLY D 249 33.05 14.80 64.64
CA GLY D 249 32.36 15.25 65.83
C GLY D 249 31.80 16.67 65.76
N GLU D 250 32.19 17.46 64.75
CA GLU D 250 31.65 18.79 64.65
C GLU D 250 30.21 18.77 64.13
N ARG D 251 29.67 19.96 63.91
CA ARG D 251 28.29 20.14 63.50
C ARG D 251 28.25 20.54 62.03
N LEU D 252 27.03 20.67 61.51
CA LEU D 252 26.79 21.02 60.13
C LEU D 252 26.55 22.51 60.01
N SER D 253 27.35 23.17 59.18
CA SER D 253 27.12 24.57 58.83
C SER D 253 25.63 24.86 58.66
N ASP D 254 25.19 26.02 59.17
CA ASP D 254 23.82 26.49 58.92
C ASP D 254 23.63 27.03 57.52
N GLU D 255 24.72 27.24 56.77
CA GLU D 255 24.61 27.41 55.33
C GLU D 255 24.47 26.06 54.62
N ASN D 256 25.39 25.12 54.90
CA ASN D 256 25.32 23.78 54.31
C ASN D 256 23.99 23.09 54.59
N ILE D 257 23.41 23.30 55.78
CA ILE D 257 22.10 22.73 56.07
C ILE D 257 21.05 23.20 55.06
N ARG D 258 21.03 24.51 54.79
CA ARG D 258 20.09 25.03 53.81
C ARG D 258 20.38 24.46 52.42
N TYR D 259 21.65 24.31 52.09
CA TYR D 259 21.94 23.73 50.78
C TYR D 259 21.49 22.27 50.72
N GLN D 260 21.47 21.56 51.85
CA GLN D 260 20.93 20.21 51.88
C GLN D 260 19.42 20.21 51.62
N VAL D 261 18.71 21.19 52.17
CA VAL D 261 17.29 21.32 51.86
C VAL D 261 17.08 21.53 50.37
N MET D 262 17.84 22.46 49.79
CA MET D 262 17.76 22.65 48.34
C MET D 262 18.08 21.37 47.59
N THR D 263 19.14 20.67 48.01
CA THR D 263 19.49 19.39 47.39
C THR D 263 18.32 18.42 47.42
N PHE D 264 17.70 18.26 48.59
CA PHE D 264 16.53 17.40 48.75
C PHE D 264 15.48 17.69 47.69
N LEU D 265 15.06 18.94 47.58
CA LEU D 265 14.07 19.26 46.55
C LEU D 265 14.57 18.88 45.14
N ILE D 266 15.71 19.41 44.73
CA ILE D 266 16.17 19.18 43.33
C ILE D 266 16.29 17.70 43.02
N ALA D 267 16.88 16.91 43.91
CA ALA D 267 17.17 15.51 43.56
C ALA D 267 16.02 14.56 43.85
N GLY D 268 14.91 15.02 44.40
CA GLY D 268 13.88 14.04 44.75
C GLY D 268 12.52 14.40 44.22
N HIS D 269 12.41 15.48 43.48
CA HIS D 269 11.08 15.93 43.04
C HIS D 269 10.73 15.29 41.72
N GLU D 270 11.49 15.55 40.67
CA GLU D 270 11.11 15.09 39.32
C GLU D 270 11.57 13.66 39.18
N THR D 271 12.58 13.27 39.93
CA THR D 271 13.04 11.87 39.91
C THR D 271 11.86 11.01 40.35
N THR D 272 11.22 11.35 41.46
CA THR D 272 10.12 10.53 42.00
C THR D 272 8.81 10.76 41.25
N SER D 273 8.49 12.02 40.95
CA SER D 273 7.26 12.29 40.21
C SER D 273 7.28 11.55 38.86
N GLY D 274 8.38 11.68 38.10
CA GLY D 274 8.50 10.98 36.83
C GLY D 274 8.42 9.47 36.99
N LEU D 275 8.91 8.95 38.12
CA LEU D 275 8.73 7.53 38.37
C LEU D 275 7.25 7.17 38.41
N LEU D 276 6.46 7.98 39.13
CA LEU D 276 5.03 7.63 39.25
C LEU D 276 4.27 7.86 37.95
N ALA D 277 4.67 8.86 37.16
CA ALA D 277 4.02 9.07 35.87
C ALA D 277 4.36 7.95 34.89
N PHE D 278 5.65 7.63 34.73
CA PHE D 278 5.98 6.49 33.89
C PHE D 278 5.29 5.23 34.38
N THR D 279 5.11 5.08 35.69
CA THR D 279 4.49 3.86 36.20
C THR D 279 3.01 3.79 35.83
N LEU D 280 2.28 4.89 36.02
CA LEU D 280 0.88 4.91 35.58
C LEU D 280 0.76 4.68 34.05
N TYR D 281 1.62 5.31 33.25
CA TYR D 281 1.63 5.04 31.81
C TYR D 281 1.87 3.55 31.53
N LEU D 282 2.94 2.99 32.11
CA LEU D 282 3.27 1.59 31.87
C LEU D 282 2.09 0.71 32.23
N LEU D 283 1.40 1.03 33.32
CA LEU D 283 0.24 0.24 33.76
C LEU D 283 -0.95 0.40 32.82
N LEU D 284 -1.10 1.57 32.18
CA LEU D 284 -2.16 1.75 31.19
C LEU D 284 -1.90 0.92 29.93
N ARG D 285 -0.63 0.78 29.55
CA ARG D 285 -0.31 0.01 28.35
C ARG D 285 -0.10 -1.46 28.63
N HIS D 286 -0.20 -1.90 29.88
CA HIS D 286 -0.02 -3.30 30.27
C HIS D 286 -1.13 -3.67 31.24
N PRO D 287 -2.38 -3.60 30.81
CA PRO D 287 -3.49 -3.61 31.77
C PRO D 287 -3.56 -4.87 32.61
N HIS D 288 -2.90 -5.96 32.22
CA HIS D 288 -2.97 -7.16 33.03
C HIS D 288 -2.12 -7.01 34.29
N VAL D 289 -0.96 -6.36 34.16
CA VAL D 289 -0.21 -6.01 35.35
C VAL D 289 -1.01 -5.06 36.23
N LEU D 290 -1.70 -4.07 35.63
CA LEU D 290 -2.55 -3.20 36.44
C LEU D 290 -3.58 -4.03 37.21
N ALA D 291 -4.21 -5.00 36.55
CA ALA D 291 -5.16 -5.87 37.23
C ALA D 291 -4.53 -6.55 38.43
N GLN D 292 -3.26 -6.96 38.29
CA GLN D 292 -2.54 -7.62 39.40
C GLN D 292 -2.34 -6.63 40.56
N ALA D 293 -1.99 -5.37 40.25
CA ALA D 293 -1.84 -4.38 41.29
C ALA D 293 -3.16 -4.18 42.03
N TYR D 294 -4.26 -3.98 41.28
CA TYR D 294 -5.59 -3.91 41.90
C TYR D 294 -5.85 -5.08 42.82
N ALA D 295 -5.53 -6.30 42.37
CA ALA D 295 -5.79 -7.46 43.20
C ALA D 295 -5.06 -7.32 44.54
N GLU D 296 -3.77 -7.00 44.47
CA GLU D 296 -2.98 -6.85 45.71
C GLU D 296 -3.57 -5.78 46.61
N VAL D 297 -3.79 -4.58 46.05
CA VAL D 297 -4.38 -3.48 46.80
C VAL D 297 -5.67 -3.90 47.46
N ASP D 298 -6.45 -4.75 46.79
CA ASP D 298 -7.75 -5.18 47.32
C ASP D 298 -7.61 -6.24 48.40
N ARG D 299 -6.53 -7.01 48.37
CA ARG D 299 -6.35 -8.01 49.42
C ARG D 299 -5.75 -7.39 50.69
N LEU D 300 -5.10 -6.21 50.57
CA LEU D 300 -4.45 -5.58 51.73
C LEU D 300 -5.14 -4.33 52.24
N LEU D 301 -6.09 -3.75 51.51
CA LEU D 301 -6.81 -2.55 51.95
C LEU D 301 -8.28 -2.65 51.59
N PRO D 302 -8.98 -3.67 52.08
CA PRO D 302 -10.41 -3.77 51.81
C PRO D 302 -11.18 -2.67 52.56
N GLY D 303 -12.32 -2.32 52.00
CA GLY D 303 -13.13 -1.28 52.61
C GLY D 303 -12.46 0.07 52.56
N ASP D 304 -12.63 0.84 53.63
CA ASP D 304 -11.98 2.13 53.80
C ASP D 304 -10.66 2.00 54.54
N ALA D 305 -10.10 0.79 54.64
CA ALA D 305 -8.87 0.59 55.39
C ALA D 305 -7.82 1.60 54.95
N VAL D 306 -7.12 2.16 55.92
CA VAL D 306 -6.09 3.18 55.68
C VAL D 306 -4.73 2.55 55.94
N PRO D 307 -3.78 2.64 55.01
CA PRO D 307 -2.58 1.81 55.13
C PRO D 307 -1.56 2.35 56.12
N THR D 308 -0.78 1.43 56.65
CA THR D 308 0.35 1.75 57.49
C THR D 308 1.63 1.24 56.84
N TYR D 309 2.76 1.63 57.41
CA TYR D 309 4.01 1.27 56.80
C TYR D 309 4.19 -0.24 56.79
N ASP D 310 3.58 -0.95 57.74
CA ASP D 310 3.50 -2.40 57.63
C ASP D 310 2.80 -2.81 56.34
N THR D 311 1.70 -2.11 56.00
CA THR D 311 0.99 -2.36 54.75
C THR D 311 1.91 -2.21 53.55
N VAL D 312 2.60 -1.07 53.44
CA VAL D 312 3.50 -0.84 52.32
C VAL D 312 4.59 -1.91 52.29
N MET D 313 5.01 -2.40 53.47
CA MET D 313 6.10 -3.37 53.56
C MET D 313 5.68 -4.78 53.14
N ARG D 314 4.38 -5.08 53.17
CA ARG D 314 3.89 -6.37 52.69
C ARG D 314 3.44 -6.31 51.23
N LEU D 315 3.79 -5.25 50.51
CA LEU D 315 3.52 -5.20 49.08
C LEU D 315 4.53 -6.08 48.34
N ASP D 316 4.11 -6.58 47.16
CA ASP D 316 4.97 -7.38 46.29
C ASP D 316 4.82 -6.96 44.83
N VAL D 317 3.58 -6.95 44.34
CA VAL D 317 3.34 -6.60 42.95
C VAL D 317 3.77 -5.16 42.70
N ILE D 318 3.34 -4.23 43.56
CA ILE D 318 3.72 -2.82 43.37
C ILE D 318 5.22 -2.60 43.48
N PRO D 319 5.95 -3.15 44.46
CA PRO D 319 7.42 -2.98 44.45
C PRO D 319 8.04 -3.42 43.13
N ARG D 320 7.56 -4.53 42.56
CA ARG D 320 8.20 -5.02 41.34
C ARG D 320 7.76 -4.22 40.12
N ILE D 321 6.53 -3.68 40.13
CA ILE D 321 6.15 -2.67 39.15
C ILE D 321 7.18 -1.54 39.16
N LEU D 322 7.51 -1.03 40.34
CA LEU D 322 8.45 0.08 40.39
C LEU D 322 9.84 -0.33 39.89
N ASP D 323 10.34 -1.50 40.31
CA ASP D 323 11.64 -1.98 39.82
C ASP D 323 11.67 -2.04 38.29
N GLU D 324 10.69 -2.71 37.69
CA GLU D 324 10.66 -2.86 36.25
C GLU D 324 10.49 -1.51 35.55
N ALA D 325 9.71 -0.60 36.15
CA ALA D 325 9.48 0.72 35.56
C ALA D 325 10.75 1.56 35.56
N LEU D 326 11.57 1.42 36.61
CA LEU D 326 12.89 2.04 36.58
C LEU D 326 13.80 1.39 35.54
N ARG D 327 13.61 0.09 35.27
CA ARG D 327 14.40 -0.50 34.17
C ARG D 327 14.00 0.08 32.82
N PHE D 328 12.70 0.31 32.61
CA PHE D 328 12.21 0.84 31.34
C PHE D 328 12.56 2.31 31.18
N TRP D 329 12.54 3.08 32.27
CA TRP D 329 12.62 4.53 32.17
C TRP D 329 13.23 5.18 33.41
N SER D 330 14.42 4.70 33.83
CA SER D 330 15.17 5.39 34.88
C SER D 330 15.02 6.89 34.73
N THR D 331 14.65 7.59 35.81
CA THR D 331 14.32 8.99 35.60
C THR D 331 15.55 9.90 35.50
N ILE D 332 16.69 9.47 36.01
CA ILE D 332 17.97 10.17 35.77
C ILE D 332 18.77 9.27 34.84
N PRO D 333 18.74 9.53 33.54
CA PRO D 333 19.19 8.52 32.57
C PRO D 333 20.63 8.62 32.10
N ASN D 334 21.42 9.64 32.52
CA ASN D 334 22.67 9.94 31.80
C ASN D 334 23.74 10.58 32.69
N TYR D 335 23.85 10.16 33.94
CA TYR D 335 24.93 10.60 34.83
C TYR D 335 26.26 9.91 34.49
N ALA D 336 27.37 10.58 34.85
CA ALA D 336 28.69 10.22 34.35
C ALA D 336 29.72 10.08 35.46
N VAL D 337 30.64 9.14 35.25
CA VAL D 337 31.81 8.96 36.10
C VAL D 337 33.02 9.53 35.38
N THR D 338 33.91 10.15 36.14
CA THR D 338 35.17 10.68 35.62
C THR D 338 36.33 9.74 35.91
N ALA D 339 37.29 9.68 34.98
CA ALA D 339 38.41 8.76 35.11
C ALA D 339 39.56 9.38 35.91
N LEU D 340 40.03 8.64 36.92
CA LEU D 340 41.01 9.16 37.86
C LEU D 340 42.42 9.17 37.24
N GLN D 341 42.83 8.05 36.68
CA GLN D 341 44.10 7.92 36.00
C GLN D 341 43.87 7.52 34.54
N ASP D 342 44.93 7.56 33.73
CA ASP D 342 44.83 6.97 32.40
C ASP D 342 44.38 5.53 32.54
N GLU D 343 43.35 5.15 31.78
CA GLU D 343 42.70 3.86 31.95
C GLU D 343 42.39 3.20 30.61
N VAL D 344 42.22 1.88 30.68
CA VAL D 344 41.96 1.02 29.54
C VAL D 344 40.74 0.14 29.84
N ILE D 345 39.61 0.42 29.18
CA ILE D 345 38.36 -0.31 29.46
C ILE D 345 38.09 -1.31 28.36
N GLY D 346 37.50 -2.44 28.73
CA GLY D 346 37.30 -3.53 27.81
C GLY D 346 38.58 -4.05 27.23
N GLY D 347 39.71 -3.75 27.87
CA GLY D 347 41.02 -4.08 27.36
C GLY D 347 41.22 -3.68 25.92
N LYS D 348 40.65 -2.55 25.49
CA LYS D 348 40.76 -2.14 24.08
C LYS D 348 40.62 -0.63 23.96
N TYR D 349 39.82 -0.03 24.82
CA TYR D 349 39.53 1.41 24.66
C TYR D 349 40.33 2.25 25.63
N GLU D 350 41.10 3.20 25.09
CA GLU D 350 41.97 4.04 25.93
C GLU D 350 41.24 5.30 26.37
N ILE D 351 41.06 5.44 27.68
CA ILE D 351 40.39 6.65 28.23
C ILE D 351 41.46 7.45 28.97
N ARG D 352 41.52 8.74 28.70
CA ARG D 352 42.51 9.62 29.35
C ARG D 352 42.02 10.00 30.73
N LYS D 353 42.87 10.57 31.58
CA LYS D 353 42.35 11.00 32.90
C LYS D 353 41.54 12.28 32.77
N GLY D 354 40.44 12.39 33.51
CA GLY D 354 39.59 13.61 33.50
C GLY D 354 38.48 13.45 32.49
N GLN D 355 38.48 12.34 31.77
CA GLN D 355 37.52 12.04 30.71
C GLN D 355 36.22 11.57 31.33
N GLN D 356 35.14 12.34 31.17
CA GLN D 356 33.86 11.92 31.73
C GLN D 356 33.20 10.92 30.79
N LEU D 357 32.87 9.75 31.31
CA LEU D 357 32.04 8.78 30.59
C LEU D 357 30.66 8.81 31.21
N ALA D 358 29.66 9.24 30.44
CA ALA D 358 28.28 9.14 30.88
C ALA D 358 27.79 7.70 30.75
N LEU D 359 27.03 7.23 31.75
CA LEU D 359 26.34 5.95 31.63
C LEU D 359 25.03 6.19 30.90
N LEU D 360 24.80 5.44 29.82
CA LEU D 360 23.59 5.57 29.00
C LEU D 360 22.55 4.61 29.56
N ILE D 361 21.90 5.05 30.63
CA ILE D 361 21.05 4.13 31.38
C ILE D 361 19.96 3.49 30.53
N PRO D 362 19.22 4.22 29.70
CA PRO D 362 18.27 3.54 28.80
C PRO D 362 18.89 2.37 28.04
N ALA D 363 20.09 2.55 27.51
CA ALA D 363 20.72 1.50 26.73
C ALA D 363 21.23 0.35 27.61
N LEU D 364 21.69 0.69 28.83
CA LEU D 364 22.21 -0.34 29.75
C LEU D 364 21.09 -1.22 30.27
N HIS D 365 20.02 -0.60 30.75
CA HIS D 365 18.92 -1.36 31.33
C HIS D 365 18.23 -2.24 30.33
N ARG D 366 18.41 -1.97 29.03
CA ARG D 366 17.74 -2.69 27.94
C ARG D 366 18.75 -3.36 27.02
N HIS D 367 19.94 -3.65 27.51
CA HIS D 367 20.94 -4.31 26.68
C HIS D 367 20.60 -5.80 26.55
N PRO D 368 20.52 -6.33 25.33
CA PRO D 368 20.11 -7.75 25.18
C PRO D 368 21.09 -8.73 25.82
N ALA D 369 22.34 -8.32 26.07
CA ALA D 369 23.28 -9.24 26.69
C ALA D 369 22.88 -9.57 28.12
N ALA D 370 22.16 -8.65 28.77
CA ALA D 370 21.90 -8.71 30.20
C ALA D 370 20.42 -8.88 30.56
N TRP D 371 19.52 -8.72 29.58
CA TRP D 371 18.06 -8.77 29.78
C TRP D 371 17.42 -9.49 28.60
N THR D 372 16.99 -10.74 28.80
CA THR D 372 16.25 -11.45 27.76
C THR D 372 15.01 -10.64 27.38
N ASN D 373 14.75 -10.48 26.08
CA ASN D 373 13.66 -9.66 25.58
C ASN D 373 13.64 -8.28 26.24
N PRO D 374 14.68 -7.47 26.03
CA PRO D 374 14.84 -6.25 26.83
C PRO D 374 13.68 -5.28 26.75
N ASP D 375 12.93 -5.22 25.64
CA ASP D 375 11.93 -4.16 25.48
C ASP D 375 10.55 -4.58 25.94
N GLU D 376 10.43 -5.72 26.60
CA GLU D 376 9.17 -6.25 27.11
C GLU D 376 9.07 -5.92 28.59
N PHE D 377 7.85 -5.60 29.07
CA PHE D 377 7.65 -5.15 30.44
C PHE D 377 7.22 -6.32 31.31
N ASP D 378 8.13 -6.84 32.13
CA ASP D 378 7.89 -8.10 32.85
C ASP D 378 8.25 -7.90 34.31
N ILE D 379 7.26 -7.91 35.22
CA ILE D 379 7.60 -7.69 36.62
C ILE D 379 8.13 -8.96 37.28
N ASP D 380 7.89 -10.13 36.70
CA ASP D 380 8.49 -11.36 37.22
C ASP D 380 10.02 -11.37 37.14
N ARG D 381 10.64 -10.39 36.48
CA ARG D 381 12.10 -10.26 36.56
C ARG D 381 12.57 -10.05 38.00
N TRP D 382 11.68 -9.62 38.89
CA TRP D 382 12.12 -9.08 40.18
C TRP D 382 11.67 -9.90 41.38
N THR D 383 11.17 -11.11 41.15
CA THR D 383 10.92 -12.05 42.25
C THR D 383 12.25 -12.43 42.90
N SER D 384 12.21 -12.80 44.18
CA SER D 384 13.46 -13.04 44.90
C SER D 384 14.38 -13.96 44.10
N GLU D 385 13.81 -14.86 43.31
CA GLU D 385 14.59 -15.89 42.64
C GLU D 385 15.18 -15.40 41.31
N ASN D 386 14.39 -14.67 40.52
CA ASN D 386 14.90 -14.14 39.25
C ASN D 386 15.84 -12.97 39.45
N ARG D 387 15.69 -12.21 40.55
CA ARG D 387 16.53 -11.04 40.77
C ARG D 387 18.00 -11.43 40.78
N ARG D 388 18.29 -12.59 41.34
CA ARG D 388 19.66 -13.06 41.57
C ARG D 388 20.37 -13.44 40.29
N THR D 389 19.67 -13.43 39.16
CA THR D 389 20.26 -13.84 37.90
C THR D 389 20.56 -12.68 36.96
N HIS D 390 20.32 -11.44 37.37
CA HIS D 390 20.65 -10.30 36.52
C HIS D 390 22.16 -10.08 36.50
N HIS D 391 22.64 -9.47 35.42
CA HIS D 391 24.01 -8.98 35.40
C HIS D 391 24.17 -7.90 36.49
N PRO D 392 25.23 -7.97 37.31
CA PRO D 392 25.34 -7.05 38.46
C PRO D 392 25.53 -5.60 38.07
N ALA D 393 25.86 -5.31 36.82
CA ALA D 393 26.11 -3.95 36.39
C ALA D 393 25.05 -3.41 35.45
N ALA D 394 23.99 -4.17 35.17
CA ALA D 394 23.05 -3.75 34.13
C ALA D 394 21.84 -3.04 34.70
N TYR D 395 21.80 -2.77 36.01
CA TYR D 395 20.65 -2.13 36.65
C TYR D 395 21.20 -1.10 37.62
N LYS D 396 21.17 0.16 37.23
CA LYS D 396 21.83 1.16 38.06
C LYS D 396 20.97 2.43 38.20
N PRO D 397 19.67 2.29 38.49
CA PRO D 397 18.78 3.48 38.48
C PRO D 397 19.05 4.46 39.59
N PHE D 398 19.80 4.05 40.63
CA PHE D 398 20.03 4.88 41.81
C PHE D 398 21.54 5.11 42.02
N GLY D 399 22.28 5.29 40.93
CA GLY D 399 23.69 5.63 41.02
C GLY D 399 24.60 4.46 41.33
N ASN D 400 25.71 4.78 41.98
CA ASN D 400 26.69 3.74 42.24
C ASN D 400 27.58 4.14 43.42
N GLY D 401 28.12 3.12 44.09
CA GLY D 401 29.15 3.25 45.10
C GLY D 401 28.82 4.27 46.16
N MET D 402 29.86 4.95 46.64
CA MET D 402 29.67 5.97 47.66
C MET D 402 28.71 7.05 47.18
N ARG D 403 28.73 7.36 45.88
CA ARG D 403 27.93 8.45 45.32
C ARG D 403 26.56 7.99 44.85
N ALA D 404 26.02 6.92 45.46
CA ALA D 404 24.70 6.41 45.13
C ALA D 404 23.62 7.31 45.70
N CYS D 405 22.39 7.01 45.36
CA CYS D 405 21.29 7.88 45.74
C CYS D 405 20.91 7.62 47.20
N ILE D 406 21.04 8.64 48.03
CA ILE D 406 20.76 8.44 49.45
C ILE D 406 19.27 8.38 49.72
N GLY D 407 18.46 9.01 48.87
CA GLY D 407 17.04 9.10 49.11
C GLY D 407 16.30 8.03 48.35
N ARG D 408 17.00 6.97 47.97
CA ARG D 408 16.36 5.87 47.26
C ARG D 408 15.18 5.33 48.07
N GLN D 409 15.41 4.97 49.34
CA GLN D 409 14.34 4.31 50.09
C GLN D 409 13.18 5.27 50.31
N PHE D 410 13.47 6.56 50.44
CA PHE D 410 12.41 7.55 50.57
C PHE D 410 11.52 7.58 49.33
N ALA D 411 12.12 7.69 48.14
CA ALA D 411 11.29 7.76 46.95
C ALA D 411 10.54 6.45 46.73
N LEU D 412 11.22 5.31 46.86
CA LEU D 412 10.54 4.02 46.66
C LEU D 412 9.36 3.86 47.62
N THR D 413 9.54 4.23 48.88
CA THR D 413 8.42 4.19 49.81
C THR D 413 7.30 5.15 49.40
N GLU D 414 7.64 6.38 49.00
CA GLU D 414 6.60 7.33 48.61
C GLU D 414 5.79 6.84 47.41
N ALA D 415 6.49 6.25 46.42
CA ALA D 415 5.80 5.78 45.21
C ALA D 415 4.95 4.56 45.52
N LYS D 416 5.46 3.62 46.34
CA LYS D 416 4.63 2.48 46.74
C LYS D 416 3.35 2.97 47.43
N LEU D 417 3.47 3.90 48.37
CA LEU D 417 2.28 4.36 49.07
C LEU D 417 1.30 5.06 48.12
N ALA D 418 1.80 5.98 47.28
CA ALA D 418 0.93 6.71 46.37
C ALA D 418 0.22 5.78 45.38
N LEU D 419 0.91 4.75 44.88
CA LEU D 419 0.23 3.78 44.03
C LEU D 419 -0.81 2.98 44.81
N LEU D 420 -0.47 2.54 46.02
CA LEU D 420 -1.43 1.84 46.87
C LEU D 420 -2.73 2.64 46.99
N LEU D 421 -2.63 3.91 47.37
CA LEU D 421 -3.84 4.71 47.55
C LEU D 421 -4.61 4.89 46.24
N ILE D 422 -3.92 5.31 45.17
CA ILE D 422 -4.62 5.57 43.89
C ILE D 422 -5.36 4.33 43.41
N LEU D 423 -4.71 3.16 43.49
CA LEU D 423 -5.36 1.94 43.04
C LEU D 423 -6.40 1.47 44.02
N GLN D 424 -6.40 1.94 45.26
CA GLN D 424 -7.47 1.56 46.17
C GLN D 424 -8.74 2.31 45.84
N LYS D 425 -8.62 3.58 45.41
CA LYS D 425 -9.84 4.38 45.24
C LYS D 425 -10.34 4.45 43.82
N PHE D 426 -9.47 4.29 42.83
CA PHE D 426 -9.75 4.78 41.49
C PHE D 426 -9.71 3.71 40.41
N ALA D 427 -10.71 3.77 39.51
CA ALA D 427 -10.56 3.17 38.19
C ALA D 427 -9.92 4.19 37.24
N LEU D 428 -8.89 3.73 36.51
CA LEU D 428 -8.16 4.54 35.54
C LEU D 428 -8.70 4.34 34.13
N SER D 429 -8.84 5.46 33.41
CA SER D 429 -9.18 5.48 31.99
C SER D 429 -8.13 6.31 31.29
N ASP D 430 -7.81 5.93 30.07
CA ASP D 430 -7.00 6.78 29.21
C ASP D 430 -7.94 7.33 28.15
N PRO D 431 -8.26 8.62 28.18
CA PRO D 431 -9.33 9.10 27.28
C PRO D 431 -8.87 9.58 25.93
N TYR D 432 -7.59 9.91 25.74
CA TYR D 432 -7.13 10.46 24.47
C TYR D 432 -6.12 9.59 23.72
N ASP D 433 -5.96 8.32 24.10
CA ASP D 433 -4.94 7.47 23.49
C ASP D 433 -3.57 8.16 23.54
N TYR D 434 -3.10 8.32 24.79
CA TYR D 434 -1.90 9.10 25.05
C TYR D 434 -0.71 8.47 24.36
N HIS D 435 -0.08 9.26 23.48
CA HIS D 435 1.18 8.91 22.85
C HIS D 435 2.32 9.39 23.76
N LEU D 436 3.14 8.45 24.21
CA LEU D 436 4.24 8.77 25.09
C LEU D 436 5.09 9.89 24.49
N LYS D 437 5.25 10.98 25.24
CA LYS D 437 6.16 12.07 24.86
C LYS D 437 7.14 12.30 26.01
N VAL D 438 8.42 11.98 25.81
CA VAL D 438 9.43 12.09 26.87
C VAL D 438 10.12 13.45 26.75
N LYS D 439 10.18 14.22 27.85
CA LYS D 439 11.06 15.39 27.89
C LYS D 439 12.17 15.18 28.89
N GLN D 440 13.39 15.58 28.49
CA GLN D 440 14.57 15.35 29.36
C GLN D 440 15.09 16.65 29.97
N SER D 441 14.88 16.85 31.27
CA SER D 441 15.50 18.01 31.97
C SER D 441 16.68 17.41 32.71
N LEU D 442 16.93 17.80 33.96
CA LEU D 442 17.99 17.09 34.73
C LEU D 442 17.49 15.65 34.82
N THR D 443 16.18 15.48 35.04
CA THR D 443 15.56 14.14 35.09
C THR D 443 14.44 14.06 34.04
N ILE D 444 14.32 12.94 33.32
CA ILE D 444 13.31 12.81 32.23
C ILE D 444 11.91 12.56 32.83
N LYS D 445 10.86 12.93 32.10
CA LYS D 445 9.51 12.62 32.56
C LYS D 445 8.51 12.72 31.41
N PRO D 446 7.39 12.00 31.49
CA PRO D 446 6.39 12.05 30.41
C PRO D 446 5.55 13.33 30.48
N GLU D 447 5.38 14.00 29.32
CA GLU D 447 4.69 15.29 29.23
C GLU D 447 3.29 15.13 28.65
N ASP D 448 2.38 16.00 29.10
CA ASP D 448 1.07 16.11 28.49
C ASP D 448 0.26 14.83 28.64
N PHE D 449 0.59 14.03 29.63
CA PHE D 449 -0.06 12.75 29.88
C PHE D 449 -1.33 13.00 30.69
N ALA D 450 -2.48 12.72 30.09
CA ALA D 450 -3.78 12.93 30.72
C ALA D 450 -4.48 11.61 30.92
N LEU D 451 -5.06 11.40 32.11
CA LEU D 451 -5.97 10.27 32.31
C LEU D 451 -7.18 10.71 33.17
N ARG D 452 -8.23 9.88 33.18
CA ARG D 452 -9.44 10.15 33.95
C ARG D 452 -9.61 9.09 35.02
N VAL D 453 -10.27 9.47 36.11
CA VAL D 453 -10.44 8.52 37.21
C VAL D 453 -11.86 8.56 37.70
N ARG D 454 -12.30 7.43 38.26
CA ARG D 454 -13.63 7.33 38.85
C ARG D 454 -13.59 6.45 40.10
N GLU D 455 -14.24 6.91 41.18
CA GLU D 455 -14.35 6.10 42.38
C GLU D 455 -14.67 4.65 42.05
N ARG D 456 -14.03 3.73 42.74
CA ARG D 456 -14.29 2.31 42.55
C ARG D 456 -15.44 1.88 43.44
N ARG D 457 -16.48 1.30 42.83
CA ARG D 457 -17.63 0.81 43.59
C ARG D 457 -17.27 -0.45 44.39
N PRO D 458 -17.82 -0.69 45.61
CA PRO D 458 -17.40 -1.83 46.43
C PRO D 458 -17.41 -3.17 45.67
N HIS D 459 -18.49 -3.44 44.94
CA HIS D 459 -18.60 -4.72 44.17
C HIS D 459 -17.50 -4.79 43.10
N GLU D 460 -17.19 -3.66 42.45
CA GLU D 460 -16.15 -3.63 41.40
C GLU D 460 -14.80 -4.04 42.00
N ARG D 461 -14.66 -3.99 43.32
CA ARG D 461 -13.42 -4.44 44.03
C ARG D 461 -13.39 -5.96 44.08
N PHE D 462 -12.33 -6.59 44.60
CA PHE D 462 -12.18 -8.06 44.41
C PHE D 462 -12.21 -8.92 45.69
N SER D 463 -11.24 -8.77 46.59
CA SER D 463 -11.15 -9.62 47.80
C SER D 463 -11.05 -11.09 47.40
N VAL D 464 -10.29 -11.39 46.33
CA VAL D 464 -10.13 -12.80 45.87
C VAL D 464 -9.42 -13.63 46.95
N PRO D 465 -8.18 -13.31 47.41
CA PRO D 465 -7.49 -14.15 48.39
C PRO D 465 -8.23 -14.19 49.73
CHA HEM E . -30.03 -6.49 10.34
CHB HEM E . -26.90 -5.13 13.79
CHC HEM E . -24.69 -9.45 13.57
CHD HEM E . -28.01 -10.92 10.45
C1A HEM E . -29.35 -5.72 11.27
C2A HEM E . -29.58 -4.32 11.54
C3A HEM E . -28.71 -3.94 12.49
C4A HEM E . -27.91 -5.09 12.85
CMA HEM E . -28.65 -2.50 13.07
CAA HEM E . -30.61 -3.39 10.89
CBA HEM E . -30.16 -3.06 9.48
CGA HEM E . -31.19 -2.18 8.83
O1A HEM E . -32.37 -2.10 9.31
O2A HEM E . -30.82 -1.56 7.81
C1B HEM E . -26.05 -6.20 14.01
C2B HEM E . -24.96 -6.18 14.93
C3B HEM E . -24.35 -7.37 14.84
C4B HEM E . -25.04 -8.16 13.88
CMB HEM E . -24.60 -4.96 15.83
CAB HEM E . -23.15 -7.89 15.67
CBB HEM E . -22.84 -7.28 16.82
C1C HEM E . -25.41 -10.25 12.75
C2C HEM E . -25.17 -11.66 12.51
C3C HEM E . -26.12 -12.06 11.66
C4C HEM E . -26.94 -10.92 11.32
CMC HEM E . -24.03 -12.50 13.18
CAC HEM E . -26.27 -13.47 11.04
CBC HEM E . -25.14 -14.20 10.83
C1D HEM E . -28.83 -9.85 10.15
C2D HEM E . -30.00 -9.92 9.28
C3D HEM E . -30.57 -8.70 9.22
C4D HEM E . -29.79 -7.83 10.10
CMD HEM E . -30.49 -11.19 8.54
CAD HEM E . -31.86 -8.34 8.41
CBD HEM E . -33.08 -8.53 9.33
CGD HEM E . -34.38 -8.78 8.59
O1D HEM E . -34.61 -8.01 7.61
O2D HEM E . -35.17 -9.73 9.00
NA HEM E . -28.32 -6.16 12.09
NB HEM E . -26.08 -7.42 13.38
NC HEM E . -26.48 -9.82 12.02
ND HEM E . -28.74 -8.55 10.64
FE HEM E . -27.47 -8.03 12.14
HHB HEM E . -26.77 -4.34 14.36
HHC HEM E . -23.88 -9.80 13.96
HHD HEM E . -28.20 -11.77 9.99
HMA HEM E . -29.02 -2.51 13.97
HMAA HEM E . -29.16 -1.89 12.51
HMAB HEM E . -27.71 -2.21 13.10
HAA HEM E . -30.69 -2.57 11.41
HAAA HEM E . -31.48 -3.83 10.86
HBA HEM E . -30.07 -3.88 8.97
HBAA HEM E . -29.31 -2.60 9.51
HMB HEM E . -25.10 -4.19 15.53
HMBA HEM E . -23.65 -4.77 15.75
HMBB HEM E . -24.81 -5.16 16.75
HAB HEM E . -22.64 -8.64 15.36
HBB HEM E . -22.09 -7.60 17.35
HBBA HEM E . -23.35 -6.53 17.13
HMC HEM E . -23.57 -11.96 13.84
HMCA HEM E . -23.40 -12.79 12.50
HMCB HEM E . -24.43 -13.27 13.61
HAC HEM E . -27.13 -13.82 10.82
HBC HEM E . -24.28 -13.83 11.05
HBCA HEM E . -25.21 -15.08 10.43
HMD HEM E . -30.55 -11.94 9.17
HMDA HEM E . -29.85 -11.41 7.82
HMDB HEM E . -31.37 -11.01 8.15
HAD HEM E . -31.82 -7.40 8.12
HADA HEM E . -31.94 -8.91 7.64
HBD HEM E . -32.90 -9.28 9.91
HBDA HEM E . -33.18 -7.73 9.87
HHA HEM E . -30.74 -6.07 9.82
S SO4 F . -14.50 6.93 22.85
O1 SO4 F . -14.48 6.90 24.32
O2 SO4 F . -15.70 6.23 22.49
O3 SO4 F . -14.55 8.28 22.32
O4 SO4 F . -13.32 6.31 22.25
S SO4 G . 5.50 3.64 21.34
O1 SO4 G . 6.01 3.23 22.67
O2 SO4 G . 4.12 3.23 21.11
O3 SO4 G . 5.58 5.08 21.22
O4 SO4 G . 6.25 3.03 20.23
CHA HEM H . 28.65 12.03 -10.76
CHB HEM H . 25.48 10.33 -13.95
CHC HEM H . 26.57 5.75 -12.60
CHD HEM H . 29.76 7.54 -9.44
C1A HEM H . 27.64 11.94 -11.67
C2A HEM H . 26.84 13.08 -12.04
C3A HEM H . 25.94 12.62 -12.95
C4A HEM H . 26.18 11.19 -13.13
CMA HEM H . 24.81 13.40 -13.71
CAA HEM H . 27.02 14.50 -11.43
CBA HEM H . 27.50 15.60 -12.39
CGA HEM H . 27.32 16.91 -11.61
O1A HEM H . 27.75 18.01 -12.16
O2A HEM H . 26.75 16.80 -10.45
C1B HEM H . 25.49 8.95 -13.82
C2B HEM H . 24.68 8.05 -14.61
C3B HEM H . 24.99 6.79 -14.21
C4B HEM H . 26.02 6.86 -13.20
CMB HEM H . 23.65 8.54 -15.65
CAB HEM H . 24.43 5.47 -14.76
CBB HEM H . 23.87 5.54 -15.97
C1C HEM H . 27.52 5.83 -11.63
C2C HEM H . 28.11 4.72 -10.93
C3C HEM H . 28.99 5.24 -10.05
C4C HEM H . 28.98 6.68 -10.18
CMC HEM H . 27.72 3.24 -11.20
CAC HEM H . 29.93 4.52 -9.07
CBC HEM H . 30.22 3.24 -9.32
C1D HEM H . 29.72 8.91 -9.55
C2D HEM H . 30.56 9.81 -8.79
C3D HEM H . 30.26 11.06 -9.14
C4D HEM H . 29.23 10.96 -10.15
CMD HEM H . 31.60 9.37 -7.73
CAD HEM H . 30.89 12.35 -8.56
CBD HEM H . 31.89 13.06 -9.46
CGD HEM H . 32.77 14.00 -8.64
O1D HEM H . 32.27 15.11 -8.17
O2D HEM H . 34.02 13.68 -8.51
NA HEM H . 27.24 10.80 -12.33
NB HEM H . 26.31 8.20 -12.98
NC HEM H . 28.06 7.01 -11.17
ND HEM H . 28.91 9.65 -10.38
FE HEM H . 27.66 8.90 -11.83
HHB HEM H . 24.92 10.72 -14.65
HHC HEM H . 26.26 4.87 -12.88
HHD HEM H . 30.39 7.15 -8.80
HMA HEM H . 24.86 13.18 -14.66
HMAA HEM H . 24.94 14.37 -13.58
HMAB HEM H . 23.94 13.14 -13.36
HAA HEM H . 27.68 14.43 -10.72
HAAA HEM H . 26.17 14.79 -11.06
HBA HEM H . 26.96 15.61 -13.19
HBAA HEM H . 28.43 15.47 -12.61
HMB HEM H . 23.54 9.51 -15.58
HMBA HEM H . 22.79 8.11 -15.50
HMBB HEM H . 23.95 8.32 -16.56
HAB HEM H . 24.49 4.65 -14.26
HBB HEM H . 23.51 4.74 -16.38
HBBA HEM H . 23.84 6.39 -16.44
HMC HEM H . 27.00 3.22 -11.86
HMCA HEM H . 27.43 2.83 -10.38
HMCB HEM H . 28.50 2.77 -11.55
HAC HEM H . 30.30 4.98 -8.31
HBC HEM H . 29.83 2.80 -10.09
HBCA HEM H . 30.81 2.76 -8.72
HMD HEM H . 32.17 8.66 -8.10
HMDA HEM H . 31.14 9.03 -6.93
HMDB HEM H . 32.15 10.13 -7.48
HAD HEM H . 30.17 12.96 -8.35
HADA HEM H . 31.36 12.10 -7.74
HBD HEM H . 32.45 12.40 -9.92
HBDA HEM H . 31.41 13.58 -10.14
HHA HEM H . 28.99 12.92 -10.53
S SO4 I . 9.22 8.32 -24.40
O1 SO4 I . 9.92 7.64 -23.29
O2 SO4 I . 7.77 8.29 -24.13
O3 SO4 I . 9.70 9.71 -24.48
O4 SO4 I . 9.52 7.64 -25.67
S SO4 J . -4.14 -6.41 -20.61
O1 SO4 J . -3.56 -6.59 -19.28
O2 SO4 J . -5.45 -7.01 -20.67
O3 SO4 J . -4.22 -4.98 -20.92
O4 SO4 J . -3.36 -7.12 -21.63
S SO4 K . 12.65 -5.40 1.04
O1 SO4 K . 12.12 -4.18 1.57
O2 SO4 K . 11.77 -6.49 1.37
O3 SO4 K . 13.93 -5.65 1.60
O4 SO4 K . 12.75 -5.30 -0.39
CHA HEM L . -19.00 -16.62 -42.35
CHB HEM L . -15.16 -15.26 -39.71
CHC HEM L . -13.20 -13.00 -43.52
CHD HEM L . -17.11 -14.10 -46.05
C1A HEM L . -18.11 -16.50 -41.30
C2A HEM L . -18.22 -17.15 -40.00
C3A HEM L . -17.17 -16.76 -39.29
C4A HEM L . -16.35 -15.88 -40.09
CMA HEM L . -16.88 -17.19 -37.84
CAA HEM L . -19.38 -18.08 -39.49
CBA HEM L . -20.54 -17.15 -39.05
CGA HEM L . -21.79 -17.80 -38.48
O1A HEM L . -22.74 -16.98 -38.27
O2A HEM L . -21.81 -19.05 -38.23
C1B HEM L . -14.29 -14.56 -40.51
C2B HEM L . -12.97 -14.10 -40.14
C3B HEM L . -12.45 -13.47 -41.20
C4B HEM L . -13.41 -13.54 -42.28
CMB HEM L . -12.35 -14.31 -38.75
CAB HEM L . -11.06 -12.81 -41.34
CBB HEM L . -10.13 -12.98 -40.40
C1C HEM L . -14.10 -13.10 -44.55
C2C HEM L . -13.90 -12.57 -45.86
C3C HEM L . -14.99 -12.88 -46.55
C4C HEM L . -15.90 -13.61 -45.69
CMC HEM L . -12.63 -11.80 -46.28
CAC HEM L . -15.30 -12.56 -48.02
CBC HEM L . -14.38 -11.94 -48.77
C1D HEM L . -17.92 -14.88 -45.27
C2D HEM L . -19.15 -15.46 -45.75
C3D HEM L . -19.71 -16.16 -44.75
C4D HEM L . -18.82 -16.04 -43.59
CMD HEM L . -19.68 -15.24 -47.19
CAD HEM L . -21.04 -16.97 -44.82
CBD HEM L . -20.69 -18.39 -45.28
CGD HEM L . -21.83 -19.32 -45.65
O1D HEM L . -22.67 -19.63 -44.75
O2D HEM L . -21.85 -19.76 -46.86
NA HEM L . -16.96 -15.74 -41.33
NB HEM L . -14.54 -14.22 -41.83
NC HEM L . -15.32 -13.74 -44.46
ND HEM L . -17.73 -15.25 -43.94
FE HEM L . -16.04 -14.98 -42.95
HHB HEM L . -14.92 -15.33 -38.76
HHC HEM L . -12.37 -12.51 -43.68
HHD HEM L . -17.45 -13.87 -46.94
HMA HEM L . -16.07 -17.76 -37.83
HMAA HEM L . -17.64 -17.69 -37.49
HMAB HEM L . -16.72 -16.40 -37.28
HAA HEM L . -19.08 -18.61 -38.74
HAAA HEM L . -19.68 -18.67 -40.20
HBA HEM L . -20.81 -16.64 -39.83
HBAA HEM L . -20.19 -16.55 -38.37
HMB HEM L . -12.06 -13.47 -38.38
HMBA HEM L . -11.58 -14.91 -38.82
HMBB HEM L . -13.01 -14.70 -38.15
HAB HEM L . -10.87 -12.27 -42.11
HBB HEM L . -9.26 -12.57 -40.49
HBBA HEM L . -10.32 -13.53 -39.62
HMC HEM L . -12.87 -10.90 -46.56
HMCA HEM L . -12.20 -12.25 -47.02
HMCB HEM L . -12.02 -11.75 -45.53
HAC HEM L . -16.15 -12.79 -48.40
HBC HEM L . -13.52 -11.70 -48.38
HBCA HEM L . -14.57 -11.73 -49.70
HMD HEM L . -18.97 -15.45 -47.82
HMDA HEM L . -19.95 -14.31 -47.29
HMDB HEM L . -20.45 -15.82 -47.34
HAD HEM L . -21.46 -16.99 -43.95
HADA HEM L . -21.64 -16.55 -45.45
HBD HEM L . -20.12 -18.31 -46.07
HBDA HEM L . -20.18 -18.82 -44.56
HHA HEM L . -19.82 -17.14 -42.21
S SO4 M . -4.25 -9.97 -24.22
O1 SO4 M . -3.93 -9.11 -23.08
O2 SO4 M . -5.35 -10.90 -23.96
O3 SO4 M . -4.64 -9.13 -25.33
O4 SO4 M . -3.03 -10.67 -24.61
S SO4 N . -20.81 -5.14 -16.81
O1 SO4 N . -20.61 -4.98 -15.37
O2 SO4 N . -22.24 -5.41 -17.00
O3 SO4 N . -20.40 -3.94 -17.53
O4 SO4 N . -20.06 -6.32 -17.25
S SO4 O . -25.51 -13.82 -31.48
O1 SO4 O . -24.72 -13.63 -30.25
O2 SO4 O . -26.70 -14.61 -31.17
O3 SO4 O . -25.91 -12.53 -32.00
O4 SO4 O . -24.72 -14.43 -32.55
CHA HEM P . 21.85 10.63 43.97
CHB HEM P . 18.32 8.77 41.16
CHC HEM P . 14.98 10.17 44.41
CHD HEM P . 18.48 12.32 46.98
C1A HEM P . 21.20 10.01 42.93
C2A HEM P . 21.81 9.45 41.74
C3A HEM P . 20.84 8.95 40.98
C4A HEM P . 19.56 9.15 41.65
CMA HEM P . 21.03 8.26 39.61
CAA HEM P . 23.32 9.46 41.35
CBA HEM P . 23.68 10.77 40.63
CGA HEM P . 25.16 10.76 40.29
O1A HEM P . 25.83 9.78 40.74
O2A HEM P . 25.65 11.69 39.57
C1B HEM P . 17.10 8.95 41.81
C2B HEM P . 15.82 8.42 41.38
C3B HEM P . 14.90 8.81 42.27
C4B HEM P . 15.57 9.60 43.30
CMB HEM P . 15.67 7.58 40.09
CAB HEM P . 13.38 8.48 42.28
CBB HEM P . 12.91 7.53 41.47
C1C HEM P . 15.64 10.89 45.39
C2C HEM P . 15.01 11.48 46.54
C3C HEM P . 15.99 12.09 47.26
C4C HEM P . 17.24 11.86 46.57
CMC HEM P . 13.50 11.41 46.82
CAC HEM P . 15.93 12.88 48.57
CBC HEM P . 14.79 13.04 49.23
C1D HEM P . 19.68 12.09 46.38
C2D HEM P . 20.95 12.66 46.80
C3D HEM P . 21.88 12.20 45.96
C4D HEM P . 21.23 11.32 45.00
CMD HEM P . 21.15 13.64 47.98
CAD HEM P . 23.41 12.53 46.01
CBD HEM P . 24.14 11.63 47.02
CGD HEM P . 25.65 11.76 46.92
O1D HEM P . 26.20 11.37 45.84
O2D HEM P . 26.29 12.24 47.89
NA HEM P . 19.82 9.81 42.85
NB HEM P . 16.91 9.66 42.97
NC HEM P . 17.00 11.13 45.44
ND HEM P . 19.88 11.28 45.29
FE HEM P . 18.35 10.71 44.02
HHB HEM P . 18.30 8.33 40.29
HHC HEM P . 14.01 10.07 44.51
HHD HEM P . 18.48 12.86 47.79
HMA HEM P . 20.86 7.30 39.71
HMAA HEM P . 21.94 8.40 39.29
HMAB HEM P . 20.40 8.65 38.95
HAA HEM P . 23.50 8.71 40.76
HAAA HEM P . 23.85 9.38 42.16
HBA HEM P . 23.49 11.54 41.21
HBAA HEM P . 23.16 10.85 39.82
HMB HEM P . 16.53 7.53 39.63
HMBA HEM P . 15.02 8.00 39.50
HMBB HEM P . 15.37 6.69 40.31
HAB HEM P . 12.79 8.95 42.87
HBB HEM P . 11.96 7.32 41.46
HBBA HEM P . 13.51 7.06 40.87
HMC HEM P . 13.06 10.88 46.12
HMCA HEM P . 13.13 12.30 46.82
HMCB HEM P . 13.34 10.99 47.68
HAC HEM P . 16.74 13.27 48.92
HBC HEM P . 13.96 12.66 48.88
HBCA HEM P . 14.77 13.56 50.05
HMD HEM P . 20.76 13.25 48.79
HMDA HEM P . 20.72 14.49 47.78
HMDB HEM P . 22.10 13.78 48.13
HAD HEM P . 23.79 12.37 45.13
HADA HEM P . 23.54 13.45 46.26
HBD HEM P . 23.86 11.88 47.92
HBDA HEM P . 23.89 10.70 46.86
HHA HEM P . 22.82 10.59 44.00
S SO4 Q . 7.70 1.80 25.97
O1 SO4 Q . 8.25 2.57 27.07
O2 SO4 Q . 6.45 1.15 26.42
O3 SO4 Q . 7.30 2.74 24.90
O4 SO4 Q . 8.70 0.80 25.56
S SO4 R . -10.08 9.80 21.22
O1 SO4 R . -9.21 9.77 22.40
O2 SO4 R . -11.28 8.92 21.39
O3 SO4 R . -10.45 11.22 21.04
O4 SO4 R . -9.26 9.41 20.07
#